data_9G0F
#
_entry.id   9G0F
#
_cell.length_a   1.00
_cell.length_b   1.00
_cell.length_c   1.00
_cell.angle_alpha   90.00
_cell.angle_beta   90.00
_cell.angle_gamma   90.00
#
_symmetry.space_group_name_H-M   'P 1'
#
loop_
_entity.id
_entity.type
_entity.pdbx_description
1 polymer 'AAA+ ATPase domain-containing protein'
2 polymer DNA
3 polymer DNA
4 non-polymer 'PHOSPHOAMINOPHOSPHONIC ACID-ADENYLATE ESTER'
5 non-polymer 'MAGNESIUM ION'
#
loop_
_entity_poly.entity_id
_entity_poly.type
_entity_poly.pdbx_seq_one_letter_code
_entity_poly.pdbx_strand_id
1 'polypeptide(L)'
;SNAMTKSTGFPLELLTRPATERLAYFENYTVAHPRLKEVYEILMRTIAEPAGASFIFVYGASGVGKTTLRLRVEQKLTEL
ALPKLESDRARVPVVGIEAIAPESRYFNWKEYYTRALITLEEPLIDHKFDYGVRGISRDNFGKINVESKVVAPALRRALE
NALIHRHPDVFFVDEAQHFGKVASGYKLQDQLDCLKSLANMTGILHCLLGTYELLTFRNLSGQLSRRSVDIHFRRYCADS
PEDVQAFKSVLLTFQQHLPLAETPNLVDHWEYFYERTLGCIGTLKDWLKRVLSDALDREATTITLKDLQKRALSVAQCQK
MFKEIQEGERQLSETEADVQNLRSALGLGAKPIVLPEETPKTTRPPGKVGKRKPKRDPIGVQQDVS
;
A,B,C,D,E,F,G
2 'polydeoxyribonucleotide' (DA)(DT)(DG)(DC)(DA)(DT)(DG)(DC)(DA)(DT)(DG)(DC)(DA)(DT)(DG)(DC) 1
3 'polydeoxyribonucleotide' (DG)(DC)(DA)(DT)(DG)(DC)(DA)(DT)(DG)(DC)(DA)(DT)(DG)(DC)(DA)(DT) 2
#
# COMPACT_ATOMS: atom_id res chain seq x y z
N THR A 8 -8.85 -56.95 -38.50
CA THR A 8 -7.86 -57.37 -39.49
C THR A 8 -6.44 -57.30 -38.91
N GLY A 9 -6.26 -56.45 -37.91
CA GLY A 9 -4.97 -56.31 -37.26
C GLY A 9 -3.99 -55.48 -38.06
N PHE A 10 -2.78 -55.37 -37.50
CA PHE A 10 -1.73 -54.61 -38.14
C PHE A 10 -1.15 -55.38 -39.33
N PRO A 11 -0.56 -54.67 -40.30
CA PRO A 11 0.07 -55.36 -41.43
C PRO A 11 1.23 -56.24 -40.96
N LEU A 12 1.25 -57.49 -41.45
CA LEU A 12 2.22 -58.44 -40.97
C LEU A 12 3.64 -58.11 -41.44
N GLU A 13 3.77 -57.41 -42.57
CA GLU A 13 5.09 -57.09 -43.10
C GLU A 13 5.85 -56.12 -42.20
N LEU A 14 5.17 -55.48 -41.26
CA LEU A 14 5.86 -54.55 -40.36
C LEU A 14 6.84 -55.28 -39.46
N LEU A 15 6.64 -56.59 -39.23
CA LEU A 15 7.57 -57.35 -38.42
C LEU A 15 8.97 -57.41 -39.03
N THR A 16 9.07 -57.25 -40.35
CA THR A 16 10.37 -57.20 -40.99
C THR A 16 10.99 -55.81 -40.97
N ARG A 17 10.22 -54.80 -40.57
CA ARG A 17 10.69 -53.43 -40.53
C ARG A 17 11.41 -53.15 -39.22
N PRO A 18 12.24 -52.11 -39.18
CA PRO A 18 12.94 -51.75 -37.94
C PRO A 18 11.96 -51.30 -36.87
N ALA A 19 12.48 -51.17 -35.65
CA ALA A 19 11.63 -50.82 -34.51
C ALA A 19 11.02 -49.44 -34.67
N THR A 20 11.76 -48.50 -35.29
CA THR A 20 11.26 -47.14 -35.44
C THR A 20 9.99 -47.11 -36.29
N GLU A 21 9.98 -47.86 -37.41
CA GLU A 21 8.81 -47.88 -38.28
C GLU A 21 7.61 -48.46 -37.56
N ARG A 22 7.80 -49.55 -36.83
CA ARG A 22 6.69 -50.17 -36.11
C ARG A 22 6.15 -49.24 -35.02
N LEU A 23 7.05 -48.57 -34.31
CA LEU A 23 6.63 -47.63 -33.29
C LEU A 23 5.84 -46.47 -33.91
N ALA A 24 6.30 -45.96 -35.04
CA ALA A 24 5.57 -44.88 -35.72
C ALA A 24 4.20 -45.36 -36.16
N TYR A 25 4.11 -46.58 -36.67
CA TYR A 25 2.81 -47.13 -37.07
C TYR A 25 1.83 -47.10 -35.93
N PHE A 26 2.27 -47.56 -34.75
CA PHE A 26 1.34 -47.63 -33.64
C PHE A 26 0.80 -46.26 -33.27
N GLU A 27 1.67 -45.26 -33.26
CA GLU A 27 1.25 -43.91 -32.90
C GLU A 27 0.24 -43.35 -33.91
N ASN A 28 0.49 -43.54 -35.20
CA ASN A 28 -0.47 -43.06 -36.22
C ASN A 28 -1.82 -43.78 -36.18
N TYR A 29 -1.80 -45.07 -35.87
CA TYR A 29 -3.05 -45.85 -35.86
C TYR A 29 -4.06 -45.26 -34.87
N THR A 30 -5.32 -45.17 -35.29
CA THR A 30 -6.35 -44.59 -34.45
C THR A 30 -7.50 -45.53 -34.17
N VAL A 31 -8.04 -45.50 -32.95
CA VAL A 31 -9.19 -46.33 -32.63
C VAL A 31 -10.44 -45.45 -32.58
N ALA A 32 -11.42 -45.76 -33.42
CA ALA A 32 -12.67 -45.01 -33.41
C ALA A 32 -13.64 -45.62 -32.41
N HIS A 33 -13.40 -45.39 -31.12
CA HIS A 33 -14.28 -45.92 -30.09
C HIS A 33 -15.64 -45.22 -30.11
N PRO A 34 -16.70 -45.89 -29.63
CA PRO A 34 -18.04 -45.29 -29.74
C PRO A 34 -18.25 -43.95 -29.03
N ARG A 35 -17.74 -43.76 -27.83
CA ARG A 35 -17.88 -42.47 -27.18
C ARG A 35 -17.23 -41.38 -28.02
N LEU A 36 -16.08 -41.67 -28.61
CA LEU A 36 -15.39 -40.71 -29.45
C LEU A 36 -16.20 -40.42 -30.70
N LYS A 37 -16.79 -41.44 -31.31
CA LYS A 37 -17.63 -41.24 -32.48
C LYS A 37 -18.82 -40.35 -32.16
N GLU A 38 -19.48 -40.61 -31.02
CA GLU A 38 -20.62 -39.81 -30.61
C GLU A 38 -20.22 -38.35 -30.43
N VAL A 39 -19.15 -38.10 -29.67
CA VAL A 39 -18.72 -36.73 -29.38
C VAL A 39 -18.31 -36.04 -30.67
N TYR A 40 -17.58 -36.74 -31.54
CA TYR A 40 -17.13 -36.18 -32.79
C TYR A 40 -18.31 -35.80 -33.69
N GLU A 41 -19.31 -36.68 -33.77
CA GLU A 41 -20.48 -36.39 -34.59
C GLU A 41 -21.25 -35.19 -34.03
N ILE A 42 -21.41 -35.14 -32.70
CA ILE A 42 -22.14 -34.04 -32.10
C ILE A 42 -21.42 -32.72 -32.36
N LEU A 43 -20.10 -32.71 -32.18
CA LEU A 43 -19.33 -31.50 -32.38
C LEU A 43 -19.38 -31.06 -33.83
N MET A 44 -19.27 -32.01 -34.77
CA MET A 44 -19.35 -31.68 -36.18
C MET A 44 -20.71 -31.08 -36.53
N ARG A 45 -21.78 -31.69 -36.03
CA ARG A 45 -23.12 -31.17 -36.33
C ARG A 45 -23.31 -29.79 -35.75
N THR A 46 -22.81 -29.55 -34.54
CA THR A 46 -22.92 -28.23 -33.93
C THR A 46 -22.10 -27.20 -34.71
N ILE A 47 -20.96 -27.62 -35.25
CA ILE A 47 -20.20 -26.73 -36.14
C ILE A 47 -21.01 -26.42 -37.38
N ALA A 48 -21.71 -27.41 -37.93
CA ALA A 48 -22.48 -27.21 -39.16
C ALA A 48 -23.61 -26.21 -38.98
N GLU A 49 -24.03 -25.94 -37.74
CA GLU A 49 -25.12 -25.01 -37.48
C GLU A 49 -24.89 -24.32 -36.13
N PRO A 50 -24.51 -23.04 -36.16
CA PRO A 50 -24.27 -22.32 -34.90
C PRO A 50 -25.49 -22.22 -34.00
N ALA A 51 -26.68 -22.10 -34.58
CA ALA A 51 -27.93 -21.98 -33.82
C ALA A 51 -27.93 -20.77 -32.88
N GLY A 52 -27.12 -19.76 -33.22
CA GLY A 52 -27.04 -18.56 -32.42
C GLY A 52 -26.17 -18.65 -31.18
N ALA A 53 -25.54 -19.80 -30.94
CA ALA A 53 -24.66 -19.95 -29.78
C ALA A 53 -23.25 -19.54 -30.16
N SER A 54 -22.66 -18.66 -29.35
CA SER A 54 -21.33 -18.13 -29.67
C SER A 54 -20.21 -19.08 -29.25
N PHE A 55 -20.55 -20.04 -28.39
CA PHE A 55 -19.53 -20.93 -27.86
C PHE A 55 -19.86 -22.40 -27.80
N ILE A 56 -18.88 -23.25 -28.06
CA ILE A 56 -19.03 -24.69 -27.88
C ILE A 56 -17.96 -25.14 -26.90
N PHE A 57 -18.39 -25.65 -25.75
CA PHE A 57 -17.48 -26.09 -24.70
C PHE A 57 -17.36 -27.61 -24.73
N VAL A 58 -16.14 -28.11 -24.87
CA VAL A 58 -15.92 -29.55 -24.85
C VAL A 58 -15.02 -29.85 -23.66
N TYR A 59 -15.61 -30.38 -22.60
CA TYR A 59 -14.85 -30.65 -21.39
C TYR A 59 -14.77 -32.14 -21.13
N GLY A 60 -13.56 -32.64 -20.89
CA GLY A 60 -13.40 -34.06 -20.65
C GLY A 60 -12.34 -34.37 -19.63
N ALA A 61 -12.40 -35.56 -19.05
CA ALA A 61 -11.37 -35.99 -18.11
C ALA A 61 -10.07 -36.09 -18.88
N SER A 62 -8.95 -35.77 -18.26
CA SER A 62 -7.70 -35.76 -19.01
C SER A 62 -7.41 -37.15 -19.55
N GLY A 63 -7.00 -37.23 -20.81
CA GLY A 63 -6.76 -38.52 -21.44
C GLY A 63 -7.95 -39.13 -22.15
N VAL A 64 -9.05 -38.39 -22.25
CA VAL A 64 -10.26 -38.95 -22.85
C VAL A 64 -10.31 -38.78 -24.38
N GLY A 65 -9.29 -38.16 -24.94
CA GLY A 65 -9.29 -37.92 -26.38
C GLY A 65 -9.66 -36.53 -26.88
N LYS A 66 -9.69 -35.54 -25.99
CA LYS A 66 -10.05 -34.16 -26.37
C LYS A 66 -9.23 -33.57 -27.52
N THR A 67 -7.92 -33.49 -27.33
CA THR A 67 -7.06 -32.91 -28.36
C THR A 67 -7.08 -33.75 -29.64
N THR A 68 -7.13 -35.07 -29.51
CA THR A 68 -7.19 -35.93 -30.69
C THR A 68 -8.47 -35.62 -31.44
N LEU A 69 -9.57 -35.44 -30.71
CA LEU A 69 -10.83 -35.09 -31.33
C LEU A 69 -10.69 -33.77 -32.06
N ARG A 70 -10.09 -32.77 -31.41
CA ARG A 70 -9.95 -31.46 -32.02
C ARG A 70 -9.18 -31.59 -33.32
N LEU A 71 -8.13 -32.39 -33.32
CA LEU A 71 -7.35 -32.59 -34.54
C LEU A 71 -8.18 -33.25 -35.63
N ARG A 72 -8.96 -34.27 -35.26
CA ARG A 72 -9.77 -34.98 -36.25
C ARG A 72 -10.75 -34.02 -36.88
N VAL A 73 -11.17 -33.02 -36.12
CA VAL A 73 -12.14 -32.04 -36.62
C VAL A 73 -11.48 -31.14 -37.64
N GLU A 74 -10.26 -30.67 -37.38
CA GLU A 74 -9.57 -29.84 -38.36
C GLU A 74 -9.33 -30.58 -39.66
N GLN A 75 -8.92 -31.85 -39.58
CA GLN A 75 -8.69 -32.63 -40.80
C GLN A 75 -9.98 -32.76 -41.60
N LYS A 76 -11.08 -33.10 -40.93
CA LYS A 76 -12.35 -33.28 -41.62
C LYS A 76 -12.83 -31.98 -42.25
N LEU A 77 -12.72 -30.87 -41.51
CA LEU A 77 -13.18 -29.60 -42.03
C LEU A 77 -12.28 -29.11 -43.17
N THR A 78 -10.99 -29.40 -43.11
CA THR A 78 -10.10 -29.07 -44.22
C THR A 78 -10.48 -29.86 -45.46
N GLU A 79 -10.77 -31.15 -45.29
CA GLU A 79 -11.21 -31.96 -46.42
C GLU A 79 -12.50 -31.42 -47.01
N LEU A 80 -13.43 -31.00 -46.14
CA LEU A 80 -14.69 -30.44 -46.61
C LEU A 80 -14.49 -29.11 -47.31
N ALA A 81 -13.57 -28.28 -46.82
CA ALA A 81 -13.46 -26.90 -47.27
C ALA A 81 -12.54 -26.75 -48.47
N LEU A 82 -11.68 -27.73 -48.73
CA LEU A 82 -10.80 -27.63 -49.89
C LEU A 82 -11.56 -27.45 -51.21
N PRO A 83 -12.64 -28.18 -51.49
CA PRO A 83 -13.42 -27.88 -52.72
C PRO A 83 -13.95 -26.46 -52.78
N LYS A 84 -14.37 -25.88 -51.64
CA LYS A 84 -14.81 -24.49 -51.66
C LYS A 84 -13.64 -23.51 -51.56
N LEU A 85 -12.49 -23.99 -51.11
CA LEU A 85 -11.29 -23.16 -51.05
C LEU A 85 -10.74 -23.04 -52.47
N GLU A 86 -11.10 -23.99 -53.34
CA GLU A 86 -10.68 -23.90 -54.72
C GLU A 86 -11.08 -22.51 -55.20
N SER A 87 -12.39 -22.23 -55.13
CA SER A 87 -12.89 -20.92 -55.60
C SER A 87 -12.24 -19.74 -54.89
N ASP A 88 -12.44 -19.63 -53.58
CA ASP A 88 -11.88 -18.50 -52.87
C ASP A 88 -10.64 -18.90 -52.08
N ARG A 89 -9.48 -18.48 -52.54
CA ARG A 89 -8.23 -18.76 -51.82
C ARG A 89 -8.16 -18.03 -50.49
N ALA A 90 -8.70 -16.82 -50.42
CA ALA A 90 -8.62 -16.01 -49.21
C ALA A 90 -9.27 -16.62 -47.97
N ARG A 91 -10.42 -17.28 -48.14
CA ARG A 91 -11.14 -17.81 -46.98
C ARG A 91 -10.33 -18.82 -46.18
N VAL A 92 -10.43 -18.75 -44.85
CA VAL A 92 -9.72 -19.68 -44.00
C VAL A 92 -10.67 -20.79 -43.47
N PRO A 93 -10.25 -22.09 -43.52
CA PRO A 93 -11.21 -23.07 -43.01
C PRO A 93 -11.37 -23.05 -41.49
N VAL A 94 -10.28 -23.26 -40.75
CA VAL A 94 -10.32 -23.43 -39.31
C VAL A 94 -9.09 -22.79 -38.69
N VAL A 95 -9.28 -22.17 -37.52
CA VAL A 95 -8.19 -21.62 -36.74
C VAL A 95 -8.23 -22.26 -35.35
N GLY A 96 -7.09 -22.79 -34.91
CA GLY A 96 -7.00 -23.42 -33.61
C GLY A 96 -5.65 -23.21 -32.95
N ILE A 97 -5.65 -22.92 -31.65
CA ILE A 97 -4.42 -22.61 -30.93
C ILE A 97 -4.63 -22.93 -29.46
N GLU A 98 -3.53 -23.30 -28.79
CA GLU A 98 -3.57 -23.57 -27.36
C GLU A 98 -3.49 -22.26 -26.57
N ALA A 99 -4.29 -22.16 -25.52
CA ALA A 99 -4.22 -21.01 -24.63
C ALA A 99 -2.95 -21.08 -23.80
N ILE A 100 -2.19 -20.00 -23.78
CA ILE A 100 -0.92 -19.97 -23.07
C ILE A 100 -1.19 -19.72 -21.59
N ALA A 101 -0.77 -20.64 -20.74
CA ALA A 101 -0.88 -20.43 -19.30
C ALA A 101 0.01 -19.25 -18.90
N PRO A 102 -0.57 -18.25 -18.18
CA PRO A 102 0.29 -17.11 -17.90
C PRO A 102 1.25 -17.29 -16.75
N GLU A 103 2.42 -16.68 -16.86
CA GLU A 103 3.40 -16.73 -15.78
C GLU A 103 3.10 -15.68 -14.72
N SER A 104 2.36 -14.63 -15.07
CA SER A 104 2.04 -13.57 -14.13
C SER A 104 0.78 -13.96 -13.33
N ARG A 105 0.21 -12.99 -12.63
CA ARG A 105 -0.98 -13.26 -11.84
C ARG A 105 -2.22 -13.59 -12.67
N TYR A 106 -2.36 -12.93 -13.82
CA TYR A 106 -3.56 -13.13 -14.64
C TYR A 106 -3.28 -13.40 -16.11
N PHE A 107 -4.29 -13.89 -16.83
CA PHE A 107 -4.13 -14.21 -18.24
C PHE A 107 -3.74 -13.00 -19.10
N ASN A 108 -2.76 -13.17 -19.98
CA ASN A 108 -2.33 -12.07 -20.84
C ASN A 108 -3.10 -12.17 -22.16
N TRP A 109 -4.10 -11.29 -22.30
CA TRP A 109 -4.90 -11.28 -23.53
C TRP A 109 -4.11 -10.73 -24.71
N LYS A 110 -3.13 -9.87 -24.43
CA LYS A 110 -2.35 -9.27 -25.51
C LYS A 110 -1.53 -10.32 -26.26
N GLU A 111 -0.79 -11.14 -25.50
CA GLU A 111 -0.04 -12.23 -26.13
C GLU A 111 -0.98 -13.21 -26.82
N TYR A 112 -2.17 -13.42 -26.25
CA TYR A 112 -3.13 -14.30 -26.89
C TYR A 112 -3.57 -13.74 -28.24
N TYR A 113 -3.79 -12.43 -28.32
CA TYR A 113 -4.15 -11.82 -29.60
C TYR A 113 -3.00 -11.93 -30.59
N THR A 114 -1.77 -11.72 -30.12
CA THR A 114 -0.62 -11.89 -31.01
C THR A 114 -0.56 -13.29 -31.57
N ARG A 115 -0.75 -14.30 -30.71
CA ARG A 115 -0.68 -15.68 -31.18
C ARG A 115 -1.88 -16.05 -32.03
N ALA A 116 -3.02 -15.40 -31.83
CA ALA A 116 -4.16 -15.60 -32.71
C ALA A 116 -3.85 -15.06 -34.10
N LEU A 117 -3.25 -13.88 -34.18
CA LEU A 117 -2.84 -13.35 -35.48
C LEU A 117 -1.80 -14.25 -36.12
N ILE A 118 -0.88 -14.80 -35.32
CA ILE A 118 0.12 -15.71 -35.85
C ILE A 118 -0.53 -16.98 -36.38
N THR A 119 -1.55 -17.49 -35.68
CA THR A 119 -2.17 -18.76 -36.05
C THR A 119 -2.86 -18.66 -37.40
N LEU A 120 -3.61 -17.58 -37.64
CA LEU A 120 -4.32 -17.39 -38.90
C LEU A 120 -3.42 -16.81 -39.99
N GLU A 121 -2.10 -16.87 -39.80
CA GLU A 121 -1.18 -16.41 -40.83
C GLU A 121 -1.42 -17.16 -42.13
N GLU A 122 -1.50 -16.41 -43.22
CA GLU A 122 -1.81 -16.96 -44.53
C GLU A 122 -0.65 -16.66 -45.48
N PRO A 123 -0.14 -17.67 -46.19
CA PRO A 123 0.91 -17.38 -47.19
C PRO A 123 0.50 -16.34 -48.22
N LEU A 124 -0.79 -16.31 -48.57
CA LEU A 124 -1.29 -15.28 -49.48
C LEU A 124 -1.60 -14.06 -48.65
N ILE A 125 -0.57 -13.41 -48.12
CA ILE A 125 -0.73 -12.26 -47.25
C ILE A 125 -1.21 -11.05 -48.04
N ASP A 126 -1.00 -11.05 -49.35
CA ASP A 126 -1.36 -9.91 -50.19
C ASP A 126 -2.86 -9.60 -50.16
N HIS A 127 -3.69 -10.56 -49.77
CA HIS A 127 -5.13 -10.31 -49.67
C HIS A 127 -5.46 -9.26 -48.63
N LYS A 128 -4.87 -9.39 -47.44
CA LYS A 128 -5.16 -8.49 -46.33
C LYS A 128 -3.87 -8.06 -45.66
N PHE A 129 -2.90 -7.60 -46.45
CA PHE A 129 -1.59 -7.21 -45.92
C PHE A 129 -1.68 -6.07 -44.93
N ASP A 130 -2.76 -5.30 -44.91
CA ASP A 130 -2.93 -4.18 -43.99
C ASP A 130 -4.20 -4.40 -43.18
N TYR A 131 -4.03 -4.69 -41.89
CA TYR A 131 -5.14 -4.79 -40.95
C TYR A 131 -5.34 -3.50 -40.16
N GLY A 132 -4.65 -2.43 -40.54
CA GLY A 132 -4.54 -1.26 -39.69
C GLY A 132 -3.31 -1.41 -38.83
N VAL A 133 -2.19 -1.74 -39.47
CA VAL A 133 -1.02 -2.25 -38.77
C VAL A 133 0.02 -1.16 -38.60
N ARG A 134 0.70 -1.21 -37.46
CA ARG A 134 1.93 -0.45 -37.24
C ARG A 134 3.11 -1.40 -37.47
N GLY A 135 3.33 -1.72 -38.74
CA GLY A 135 4.38 -2.67 -39.09
C GLY A 135 4.13 -4.09 -38.62
N ILE A 136 2.88 -4.45 -38.38
CA ILE A 136 2.57 -5.78 -37.86
C ILE A 136 2.82 -6.85 -38.92
N SER A 137 2.54 -6.53 -40.18
CA SER A 137 2.64 -7.52 -41.25
C SER A 137 4.07 -8.05 -41.37
N ARG A 138 4.18 -9.27 -41.90
CA ARG A 138 5.48 -9.93 -41.97
C ARG A 138 6.43 -9.16 -42.87
N ASP A 139 7.71 -9.17 -42.49
CA ASP A 139 8.75 -8.52 -43.26
C ASP A 139 10.09 -9.18 -42.94
N ASN A 140 10.87 -9.44 -43.98
CA ASN A 140 12.22 -9.99 -43.88
C ASN A 140 12.19 -11.45 -43.45
N PHE A 141 11.01 -11.96 -43.11
CA PHE A 141 10.81 -13.34 -42.71
C PHE A 141 9.37 -13.75 -43.00
N GLY A 142 9.16 -15.07 -43.07
CA GLY A 142 7.81 -15.57 -43.29
C GLY A 142 6.89 -15.32 -42.13
N LYS A 143 7.41 -15.42 -40.90
CA LYS A 143 6.56 -15.26 -39.73
C LYS A 143 6.12 -13.80 -39.57
N ILE A 144 4.95 -13.62 -38.98
CA ILE A 144 4.43 -12.28 -38.72
C ILE A 144 5.20 -11.64 -37.58
N ASN A 145 5.60 -10.38 -37.77
CA ASN A 145 6.37 -9.63 -36.78
C ASN A 145 5.45 -8.56 -36.18
N VAL A 146 4.84 -8.89 -35.04
CA VAL A 146 3.97 -7.94 -34.37
C VAL A 146 4.81 -6.91 -33.62
N GLU A 147 4.48 -5.64 -33.81
CA GLU A 147 5.21 -4.58 -33.13
C GLU A 147 4.90 -4.59 -31.64
N SER A 148 5.95 -4.50 -30.82
CA SER A 148 5.77 -4.62 -29.38
C SER A 148 4.96 -3.45 -28.81
N LYS A 149 5.21 -2.24 -29.29
CA LYS A 149 4.59 -1.05 -28.69
C LYS A 149 3.13 -0.89 -29.08
N VAL A 150 2.60 -1.73 -29.97
CA VAL A 150 1.20 -1.62 -30.34
C VAL A 150 0.32 -1.88 -29.13
N VAL A 151 -0.61 -0.96 -28.87
CA VAL A 151 -1.49 -1.09 -27.71
C VAL A 151 -2.44 -2.26 -27.89
N ALA A 152 -3.00 -2.71 -26.77
CA ALA A 152 -3.92 -3.85 -26.82
C ALA A 152 -5.17 -3.59 -27.65
N PRO A 153 -5.89 -2.46 -27.52
CA PRO A 153 -7.07 -2.27 -28.37
C PRO A 153 -6.78 -2.26 -29.86
N ALA A 154 -5.65 -1.68 -30.29
CA ALA A 154 -5.31 -1.70 -31.71
C ALA A 154 -5.04 -3.10 -32.21
N LEU A 155 -4.32 -3.90 -31.41
CA LEU A 155 -4.07 -5.28 -31.77
C LEU A 155 -5.37 -6.07 -31.83
N ARG A 156 -6.29 -5.82 -30.89
CA ARG A 156 -7.58 -6.48 -30.92
C ARG A 156 -8.38 -6.10 -32.17
N ARG A 157 -8.33 -4.83 -32.55
CA ARG A 157 -8.99 -4.39 -33.77
C ARG A 157 -8.40 -5.07 -35.00
N ALA A 158 -7.07 -5.17 -35.05
CA ALA A 158 -6.43 -5.86 -36.16
C ALA A 158 -6.84 -7.33 -36.22
N LEU A 159 -6.92 -7.97 -35.05
CA LEU A 159 -7.37 -9.37 -35.01
C LEU A 159 -8.81 -9.50 -35.50
N GLU A 160 -9.68 -8.58 -35.09
CA GLU A 160 -11.06 -8.60 -35.57
C GLU A 160 -11.13 -8.44 -37.08
N ASN A 161 -10.34 -7.51 -37.62
CA ASN A 161 -10.31 -7.31 -39.07
C ASN A 161 -9.83 -8.56 -39.78
N ALA A 162 -8.76 -9.19 -39.28
CA ALA A 162 -8.26 -10.41 -39.89
C ALA A 162 -9.29 -11.52 -39.84
N LEU A 163 -9.99 -11.65 -38.71
CA LEU A 163 -11.01 -12.69 -38.59
C LEU A 163 -12.15 -12.47 -39.56
N ILE A 164 -12.67 -11.24 -39.63
CA ILE A 164 -13.79 -10.98 -40.53
C ILE A 164 -13.35 -11.07 -41.99
N HIS A 165 -12.06 -10.86 -42.27
CA HIS A 165 -11.58 -11.02 -43.63
C HIS A 165 -11.48 -12.50 -44.01
N ARG A 166 -10.79 -13.28 -43.19
CA ARG A 166 -10.61 -14.70 -43.48
C ARG A 166 -11.85 -15.52 -43.18
N HIS A 167 -12.62 -15.14 -42.16
CA HIS A 167 -13.86 -15.81 -41.76
C HIS A 167 -13.66 -17.30 -41.57
N PRO A 168 -12.98 -17.73 -40.51
CA PRO A 168 -12.86 -19.15 -40.23
C PRO A 168 -14.21 -19.74 -39.83
N ASP A 169 -14.42 -21.01 -40.17
CA ASP A 169 -15.66 -21.68 -39.82
C ASP A 169 -15.83 -21.81 -38.31
N VAL A 170 -14.75 -22.12 -37.61
CA VAL A 170 -14.79 -22.26 -36.15
C VAL A 170 -13.42 -21.93 -35.60
N PHE A 171 -13.39 -21.33 -34.42
CA PHE A 171 -12.16 -20.94 -33.74
C PHE A 171 -11.96 -21.86 -32.55
N PHE A 172 -10.81 -22.53 -32.50
CA PHE A 172 -10.51 -23.51 -31.47
C PHE A 172 -9.51 -22.94 -30.46
N VAL A 173 -9.81 -23.11 -29.18
CA VAL A 173 -8.88 -22.78 -28.10
C VAL A 173 -8.57 -24.08 -27.37
N ASP A 174 -7.35 -24.56 -27.55
CA ASP A 174 -6.95 -25.78 -26.89
C ASP A 174 -6.61 -25.50 -25.44
N GLU A 175 -6.92 -26.46 -24.57
CA GLU A 175 -6.68 -26.31 -23.12
C GLU A 175 -7.09 -24.92 -22.65
N ALA A 176 -8.39 -24.61 -22.77
CA ALA A 176 -8.89 -23.29 -22.37
C ALA A 176 -9.01 -23.11 -20.86
N GLN A 177 -8.49 -24.05 -20.08
CA GLN A 177 -8.52 -23.92 -18.62
C GLN A 177 -7.68 -22.73 -18.18
N HIS A 178 -6.67 -22.37 -18.97
CA HIS A 178 -5.78 -21.27 -18.62
C HIS A 178 -6.48 -19.91 -18.52
N PHE A 179 -7.55 -19.73 -19.25
CA PHE A 179 -8.24 -18.46 -19.22
C PHE A 179 -8.63 -18.24 -17.79
N GLY A 180 -8.83 -19.33 -17.06
CA GLY A 180 -9.27 -19.24 -15.68
C GLY A 180 -8.32 -18.50 -14.77
N LYS A 181 -7.02 -18.70 -14.97
CA LYS A 181 -6.07 -18.09 -14.07
C LYS A 181 -6.31 -16.61 -14.16
N VAL A 182 -6.44 -15.98 -13.02
CA VAL A 182 -6.68 -14.54 -12.98
C VAL A 182 -6.17 -14.10 -11.62
N ALA A 183 -5.87 -12.84 -11.47
CA ALA A 183 -5.46 -12.37 -10.16
C ALA A 183 -6.49 -12.47 -9.03
N SER A 184 -7.76 -12.15 -9.27
CA SER A 184 -8.74 -12.13 -8.15
C SER A 184 -10.08 -12.82 -8.38
N GLY A 185 -10.70 -13.27 -7.29
CA GLY A 185 -11.96 -13.99 -7.40
C GLY A 185 -13.06 -13.27 -8.15
N TYR A 186 -13.15 -11.97 -7.99
CA TYR A 186 -14.17 -11.17 -8.66
C TYR A 186 -13.77 -10.77 -10.07
N LYS A 187 -12.48 -10.79 -10.39
CA LYS A 187 -12.04 -10.34 -11.71
C LYS A 187 -12.20 -11.43 -12.77
N LEU A 188 -12.56 -12.62 -12.35
CA LEU A 188 -12.70 -13.73 -13.29
C LEU A 188 -13.93 -13.56 -14.18
N GLN A 189 -14.90 -12.78 -13.72
CA GLN A 189 -16.14 -12.61 -14.47
C GLN A 189 -15.90 -11.94 -15.82
N ASP A 190 -14.76 -11.27 -15.98
CA ASP A 190 -14.58 -10.38 -17.12
C ASP A 190 -13.99 -11.09 -18.33
N GLN A 191 -13.07 -12.03 -18.09
CA GLN A 191 -12.36 -12.70 -19.19
C GLN A 191 -13.24 -13.40 -20.19
N LEU A 192 -14.07 -14.31 -19.72
CA LEU A 192 -14.93 -15.08 -20.61
C LEU A 192 -15.89 -14.17 -21.35
N ASP A 193 -16.40 -13.13 -20.68
CA ASP A 193 -17.31 -12.22 -21.35
C ASP A 193 -16.58 -11.36 -22.39
N CYS A 194 -15.31 -11.02 -22.15
CA CYS A 194 -14.54 -10.32 -23.17
C CYS A 194 -14.32 -11.20 -24.38
N LEU A 195 -14.03 -12.47 -24.15
CA LEU A 195 -13.88 -13.41 -25.26
C LEU A 195 -15.21 -13.50 -26.00
N LYS A 196 -16.30 -13.48 -25.24
CA LYS A 196 -17.63 -13.53 -25.85
C LYS A 196 -17.89 -12.32 -26.72
N SER A 197 -17.49 -11.14 -26.25
CA SER A 197 -17.68 -9.93 -27.02
C SER A 197 -16.90 -10.01 -28.32
N LEU A 198 -15.68 -10.54 -28.25
CA LEU A 198 -14.87 -10.68 -29.45
C LEU A 198 -15.57 -11.62 -30.41
N ALA A 199 -16.11 -12.72 -29.90
CA ALA A 199 -16.79 -13.69 -30.75
C ALA A 199 -18.01 -13.07 -31.40
N ASN A 200 -18.77 -12.30 -30.65
CA ASN A 200 -19.98 -11.68 -31.19
C ASN A 200 -19.69 -10.69 -32.31
N MET A 201 -18.70 -9.83 -32.11
CA MET A 201 -18.36 -8.84 -33.14
C MET A 201 -17.82 -9.49 -34.39
N THR A 202 -16.93 -10.46 -34.22
CA THR A 202 -16.39 -11.18 -35.37
C THR A 202 -17.44 -12.02 -36.06
N GLY A 203 -18.34 -12.62 -35.29
CA GLY A 203 -19.33 -13.51 -35.88
C GLY A 203 -18.74 -14.89 -36.04
N ILE A 204 -17.55 -15.11 -35.48
CA ILE A 204 -16.88 -16.39 -35.61
C ILE A 204 -17.25 -17.34 -34.48
N LEU A 205 -17.59 -18.58 -34.81
CA LEU A 205 -17.91 -19.58 -33.80
C LEU A 205 -16.65 -19.95 -33.03
N HIS A 206 -16.67 -19.69 -31.73
CA HIS A 206 -15.54 -20.06 -30.89
C HIS A 206 -15.81 -21.35 -30.15
N CYS A 207 -14.80 -22.20 -30.05
CA CYS A 207 -14.92 -23.48 -29.36
C CYS A 207 -13.82 -23.58 -28.30
N LEU A 208 -14.20 -24.06 -27.13
CA LEU A 208 -13.28 -24.19 -26.00
C LEU A 208 -13.15 -25.66 -25.62
N LEU A 209 -11.91 -26.13 -25.53
CA LEU A 209 -11.62 -27.49 -25.11
C LEU A 209 -10.74 -27.45 -23.87
N GLY A 210 -11.05 -28.28 -22.89
CA GLY A 210 -10.27 -28.29 -21.67
C GLY A 210 -10.74 -29.37 -20.73
N THR A 211 -10.23 -29.29 -19.49
CA THR A 211 -10.55 -30.25 -18.47
C THR A 211 -11.75 -29.78 -17.63
N TYR A 212 -11.99 -30.49 -16.53
CA TYR A 212 -13.07 -30.12 -15.64
C TYR A 212 -12.80 -28.82 -14.89
N GLU A 213 -11.59 -28.29 -15.00
CA GLU A 213 -11.24 -27.05 -14.30
C GLU A 213 -12.10 -25.88 -14.77
N LEU A 214 -12.53 -25.92 -16.03
CA LEU A 214 -13.34 -24.84 -16.58
C LEU A 214 -14.81 -24.94 -16.19
N LEU A 215 -15.21 -26.01 -15.51
CA LEU A 215 -16.63 -26.20 -15.18
C LEU A 215 -17.15 -25.06 -14.31
N THR A 216 -16.39 -24.66 -13.29
CA THR A 216 -16.77 -23.49 -12.52
C THR A 216 -16.68 -22.23 -13.36
N PHE A 217 -15.64 -22.14 -14.20
CA PHE A 217 -15.52 -21.03 -15.15
C PHE A 217 -16.62 -21.10 -16.20
N ARG A 218 -17.25 -22.26 -16.36
CA ARG A 218 -18.28 -22.45 -17.37
C ARG A 218 -19.60 -21.78 -17.00
N ASN A 219 -20.04 -21.86 -15.74
CA ASN A 219 -21.41 -21.53 -15.37
C ASN A 219 -21.43 -20.47 -14.28
N LEU A 220 -20.67 -19.39 -14.47
CA LEU A 220 -20.78 -18.25 -13.56
C LEU A 220 -22.18 -17.66 -13.54
N SER A 221 -22.96 -17.87 -14.61
CA SER A 221 -24.34 -17.44 -14.67
C SER A 221 -25.08 -18.29 -15.71
N GLY A 222 -26.41 -18.24 -15.66
CA GLY A 222 -27.21 -18.98 -16.61
C GLY A 222 -27.11 -18.47 -18.03
N GLN A 223 -26.68 -17.22 -18.22
CA GLN A 223 -26.51 -16.67 -19.56
C GLN A 223 -25.45 -17.45 -20.33
N LEU A 224 -24.38 -17.87 -19.66
CA LEU A 224 -23.34 -18.64 -20.31
C LEU A 224 -23.88 -19.98 -20.81
N SER A 225 -24.71 -20.64 -20.00
CA SER A 225 -25.33 -21.89 -20.44
C SER A 225 -26.32 -21.65 -21.57
N ARG A 226 -27.05 -20.54 -21.54
CA ARG A 226 -28.00 -20.24 -22.61
C ARG A 226 -27.30 -19.99 -23.93
N ARG A 227 -26.18 -19.27 -23.90
CA ARG A 227 -25.50 -18.83 -25.11
C ARG A 227 -24.43 -19.80 -25.60
N SER A 228 -24.40 -21.03 -25.10
CA SER A 228 -23.34 -21.96 -25.45
C SER A 228 -23.86 -23.38 -25.37
N VAL A 229 -23.08 -24.31 -25.95
CA VAL A 229 -23.45 -25.71 -26.04
C VAL A 229 -22.43 -26.54 -25.27
N ASP A 230 -22.91 -27.48 -24.46
CA ASP A 230 -22.05 -28.33 -23.67
C ASP A 230 -21.84 -29.67 -24.36
N ILE A 231 -20.59 -30.13 -24.39
CA ILE A 231 -20.23 -31.44 -24.92
C ILE A 231 -19.39 -32.12 -23.85
N HIS A 232 -19.99 -33.04 -23.11
CA HIS A 232 -19.29 -33.74 -22.04
C HIS A 232 -18.57 -34.94 -22.63
N PHE A 233 -17.25 -34.81 -22.81
CA PHE A 233 -16.46 -35.92 -23.31
C PHE A 233 -16.29 -36.87 -22.14
N ARG A 234 -17.27 -37.74 -21.96
CA ARG A 234 -17.26 -38.69 -20.85
C ARG A 234 -16.27 -39.82 -21.10
N ARG A 235 -15.63 -40.26 -20.03
CA ARG A 235 -14.78 -41.44 -20.08
C ARG A 235 -15.65 -42.69 -20.02
N TYR A 236 -14.99 -43.84 -20.13
CA TYR A 236 -15.67 -45.11 -19.93
C TYR A 236 -15.71 -45.45 -18.45
N CYS A 237 -16.91 -45.67 -17.92
CA CYS A 237 -17.13 -45.85 -16.49
C CYS A 237 -17.30 -47.33 -16.18
N ALA A 238 -16.48 -47.83 -15.25
CA ALA A 238 -16.58 -49.24 -14.86
C ALA A 238 -17.89 -49.57 -14.17
N ASP A 239 -18.66 -48.57 -13.75
CA ASP A 239 -19.94 -48.84 -13.11
C ASP A 239 -20.91 -49.53 -14.06
N SER A 240 -20.87 -49.20 -15.34
CA SER A 240 -21.76 -49.79 -16.32
C SER A 240 -21.04 -50.89 -17.09
N PRO A 241 -21.61 -52.09 -17.17
CA PRO A 241 -20.97 -53.14 -17.97
C PRO A 241 -20.84 -52.79 -19.44
N GLU A 242 -21.66 -51.86 -19.94
CA GLU A 242 -21.53 -51.41 -21.32
C GLU A 242 -20.17 -50.76 -21.57
N ASP A 243 -19.78 -49.83 -20.70
CA ASP A 243 -18.48 -49.18 -20.85
C ASP A 243 -17.35 -50.18 -20.63
N VAL A 244 -17.54 -51.15 -19.74
CA VAL A 244 -16.53 -52.17 -19.53
C VAL A 244 -16.34 -53.00 -20.80
N GLN A 245 -17.45 -53.36 -21.45
CA GLN A 245 -17.36 -54.11 -22.70
C GLN A 245 -16.68 -53.29 -23.80
N ALA A 246 -17.00 -52.00 -23.86
CA ALA A 246 -16.35 -51.13 -24.85
C ALA A 246 -14.85 -51.04 -24.58
N PHE A 247 -14.47 -50.92 -23.30
CA PHE A 247 -13.07 -50.89 -22.94
C PHE A 247 -12.36 -52.18 -23.32
N LYS A 248 -13.02 -53.32 -23.10
CA LYS A 248 -12.46 -54.60 -23.49
C LYS A 248 -12.29 -54.69 -25.00
N SER A 249 -13.26 -54.15 -25.75
CA SER A 249 -13.14 -54.14 -27.20
C SER A 249 -11.97 -53.27 -27.64
N VAL A 250 -11.78 -52.12 -27.00
CA VAL A 250 -10.65 -51.25 -27.33
C VAL A 250 -9.33 -51.97 -27.04
N LEU A 251 -9.28 -52.66 -25.90
CA LEU A 251 -8.09 -53.43 -25.56
C LEU A 251 -7.84 -54.52 -26.58
N LEU A 252 -8.89 -55.18 -27.06
CA LEU A 252 -8.74 -56.21 -28.08
C LEU A 252 -8.20 -55.62 -29.38
N THR A 253 -8.70 -54.44 -29.76
CA THR A 253 -8.18 -53.79 -30.97
C THR A 253 -6.71 -53.44 -30.82
N PHE A 254 -6.32 -52.91 -29.66
CA PHE A 254 -4.90 -52.61 -29.44
C PHE A 254 -4.06 -53.86 -29.45
N GLN A 255 -4.58 -54.95 -28.87
CA GLN A 255 -3.88 -56.23 -28.91
C GLN A 255 -3.67 -56.70 -30.35
N GLN A 256 -4.70 -56.55 -31.18
CA GLN A 256 -4.63 -56.98 -32.57
C GLN A 256 -3.77 -56.06 -33.42
N HIS A 257 -3.55 -54.82 -33.00
CA HIS A 257 -2.87 -53.85 -33.85
C HIS A 257 -1.47 -53.46 -33.40
N LEU A 258 -1.00 -53.89 -32.24
CA LEU A 258 0.33 -53.51 -31.80
C LEU A 258 1.37 -54.39 -32.50
N PRO A 259 2.38 -53.83 -33.14
CA PRO A 259 3.29 -54.62 -33.98
C PRO A 259 4.26 -55.49 -33.20
N LEU A 260 3.82 -56.67 -32.77
CA LEU A 260 4.70 -57.59 -32.07
C LEU A 260 4.48 -58.99 -32.62
N ALA A 261 5.50 -59.85 -32.47
CA ALA A 261 5.45 -61.19 -33.04
C ALA A 261 4.29 -61.99 -32.45
N GLU A 262 4.12 -61.95 -31.13
CA GLU A 262 3.02 -62.62 -30.46
C GLU A 262 2.12 -61.59 -29.82
N THR A 263 0.82 -61.69 -30.09
CA THR A 263 -0.12 -60.74 -29.53
C THR A 263 -0.32 -61.02 -28.05
N PRO A 264 0.00 -60.08 -27.17
CA PRO A 264 -0.20 -60.31 -25.74
C PRO A 264 -1.66 -60.21 -25.36
N ASN A 265 -2.04 -61.00 -24.36
CA ASN A 265 -3.42 -61.03 -23.89
C ASN A 265 -3.62 -59.85 -22.92
N LEU A 266 -3.91 -58.69 -23.52
CA LEU A 266 -4.18 -57.51 -22.72
C LEU A 266 -5.58 -57.54 -22.13
N VAL A 267 -6.49 -58.26 -22.78
CA VAL A 267 -7.90 -58.21 -22.40
C VAL A 267 -8.13 -58.73 -20.99
N ASP A 268 -7.48 -59.83 -20.62
CA ASP A 268 -7.72 -60.44 -19.32
C ASP A 268 -7.26 -59.56 -18.17
N HIS A 269 -6.33 -58.63 -18.41
CA HIS A 269 -5.88 -57.70 -17.39
C HIS A 269 -6.62 -56.37 -17.46
N TRP A 270 -7.87 -56.38 -17.92
CA TRP A 270 -8.61 -55.14 -18.08
C TRP A 270 -8.72 -54.35 -16.79
N GLU A 271 -8.83 -55.05 -15.67
CA GLU A 271 -8.99 -54.38 -14.39
C GLU A 271 -7.76 -53.56 -14.07
N TYR A 272 -6.59 -54.12 -14.33
CA TYR A 272 -5.34 -53.41 -14.06
C TYR A 272 -5.22 -52.19 -14.97
N PHE A 273 -5.63 -52.33 -16.24
CA PHE A 273 -5.58 -51.19 -17.13
C PHE A 273 -6.51 -50.09 -16.65
N TYR A 274 -7.73 -50.45 -16.25
CA TYR A 274 -8.66 -49.46 -15.74
C TYR A 274 -8.10 -48.79 -14.48
N GLU A 275 -7.49 -49.58 -13.60
CA GLU A 275 -6.95 -49.02 -12.36
C GLU A 275 -6.13 -47.78 -12.62
N ARG A 276 -5.32 -47.80 -13.69
CA ARG A 276 -4.45 -46.67 -14.00
C ARG A 276 -5.12 -45.70 -14.97
N THR A 277 -5.63 -46.22 -16.07
CA THR A 277 -6.27 -45.38 -17.10
C THR A 277 -7.52 -44.66 -16.63
N LEU A 278 -8.31 -45.29 -15.75
CA LEU A 278 -9.58 -44.71 -15.29
C LEU A 278 -10.54 -44.53 -16.47
N GLY A 279 -10.53 -45.47 -17.41
CA GLY A 279 -11.45 -45.41 -18.53
C GLY A 279 -11.08 -44.42 -19.60
N CYS A 280 -9.85 -43.91 -19.54
CA CYS A 280 -9.40 -42.94 -20.53
C CYS A 280 -8.59 -43.62 -21.62
N ILE A 281 -9.00 -43.46 -22.87
CA ILE A 281 -8.32 -44.13 -23.98
C ILE A 281 -6.95 -43.54 -24.30
N GLY A 282 -6.81 -42.23 -24.16
CA GLY A 282 -5.54 -41.58 -24.46
C GLY A 282 -4.46 -42.01 -23.50
N THR A 283 -4.79 -42.12 -22.22
CA THR A 283 -3.81 -42.59 -21.24
C THR A 283 -3.48 -44.03 -21.56
N LEU A 284 -4.48 -44.80 -21.97
CA LEU A 284 -4.27 -46.20 -22.32
C LEU A 284 -3.34 -46.31 -23.52
N LYS A 285 -3.58 -45.48 -24.55
CA LYS A 285 -2.73 -45.49 -25.73
C LYS A 285 -1.30 -45.08 -25.38
N ASP A 286 -1.15 -44.07 -24.53
CA ASP A 286 0.19 -43.65 -24.12
C ASP A 286 0.91 -44.78 -23.40
N TRP A 287 0.20 -45.46 -22.49
CA TRP A 287 0.80 -46.55 -21.73
C TRP A 287 1.21 -47.69 -22.64
N LEU A 288 0.36 -48.06 -23.59
CA LEU A 288 0.71 -49.10 -24.55
C LEU A 288 1.88 -48.68 -25.43
N LYS A 289 1.94 -47.40 -25.81
CA LYS A 289 3.08 -46.94 -26.60
C LYS A 289 4.37 -47.05 -25.80
N ARG A 290 4.33 -46.68 -24.51
CA ARG A 290 5.49 -46.83 -23.65
C ARG A 290 5.93 -48.29 -23.62
N VAL A 291 4.98 -49.20 -23.39
CA VAL A 291 5.31 -50.61 -23.24
C VAL A 291 5.88 -51.16 -24.55
N LEU A 292 5.28 -50.78 -25.68
CA LEU A 292 5.74 -51.27 -26.96
C LEU A 292 7.12 -50.73 -27.30
N SER A 293 7.38 -49.46 -26.96
CA SER A 293 8.72 -48.93 -27.15
C SER A 293 9.75 -49.68 -26.32
N ASP A 294 9.40 -49.98 -25.07
CA ASP A 294 10.29 -50.78 -24.23
C ASP A 294 10.56 -52.13 -24.88
N ALA A 295 9.51 -52.82 -25.34
CA ALA A 295 9.68 -54.13 -25.94
C ALA A 295 10.54 -54.07 -27.19
N LEU A 296 10.30 -53.07 -28.05
CA LEU A 296 11.08 -52.92 -29.27
C LEU A 296 12.54 -52.66 -28.96
N ASP A 297 12.82 -51.79 -27.98
CA ASP A 297 14.20 -51.56 -27.59
C ASP A 297 14.83 -52.80 -26.94
N ARG A 298 14.04 -53.68 -26.36
CA ARG A 298 14.52 -54.98 -25.92
C ARG A 298 14.41 -56.04 -27.01
N GLU A 299 13.76 -55.72 -28.14
CA GLU A 299 13.51 -56.68 -29.21
C GLU A 299 12.80 -57.92 -28.69
N ALA A 300 11.84 -57.72 -27.78
CA ALA A 300 11.12 -58.83 -27.18
C ALA A 300 10.11 -59.41 -28.17
N THR A 301 9.46 -60.49 -27.75
CA THR A 301 8.46 -61.17 -28.57
C THR A 301 7.05 -61.06 -28.02
N THR A 302 6.89 -60.74 -26.74
CA THR A 302 5.57 -60.65 -26.13
C THR A 302 5.63 -59.66 -24.98
N ILE A 303 4.45 -59.29 -24.48
CA ILE A 303 4.31 -58.32 -23.40
C ILE A 303 3.88 -59.05 -22.15
N THR A 304 4.58 -58.82 -21.05
CA THR A 304 4.23 -59.39 -19.76
C THR A 304 3.70 -58.31 -18.83
N LEU A 305 3.04 -58.73 -17.76
CA LEU A 305 2.50 -57.80 -16.79
C LEU A 305 3.59 -56.93 -16.18
N LYS A 306 4.81 -57.46 -16.10
CA LYS A 306 5.93 -56.65 -15.63
C LYS A 306 6.16 -55.44 -16.53
N ASP A 307 5.98 -55.63 -17.84
CA ASP A 307 6.14 -54.51 -18.77
C ASP A 307 5.13 -53.41 -18.49
N LEU A 308 3.86 -53.80 -18.26
CA LEU A 308 2.85 -52.81 -17.91
C LEU A 308 3.19 -52.13 -16.60
N GLN A 309 3.64 -52.90 -15.62
CA GLN A 309 3.95 -52.34 -14.30
C GLN A 309 5.10 -51.34 -14.38
N LYS A 310 6.11 -51.63 -15.19
CA LYS A 310 7.31 -50.80 -15.21
C LYS A 310 7.03 -49.37 -15.68
N ARG A 311 6.16 -49.21 -16.68
CA ARG A 311 5.87 -47.89 -17.24
C ARG A 311 4.50 -47.37 -16.85
N ALA A 312 3.82 -48.03 -15.90
CA ALA A 312 2.53 -47.54 -15.45
C ALA A 312 2.69 -46.30 -14.58
N LEU A 313 1.64 -45.48 -14.54
CA LEU A 313 1.63 -44.33 -13.66
C LEU A 313 1.57 -44.81 -12.21
N SER A 314 2.22 -44.04 -11.34
CA SER A 314 2.23 -44.38 -9.92
C SER A 314 0.82 -44.30 -9.34
N VAL A 315 0.54 -45.20 -8.39
CA VAL A 315 -0.79 -45.26 -7.80
C VAL A 315 -1.15 -43.94 -7.15
N ALA A 316 -0.15 -43.21 -6.65
CA ALA A 316 -0.39 -41.88 -6.12
C ALA A 316 -0.93 -40.94 -7.19
N GLN A 317 -0.39 -41.03 -8.41
CA GLN A 317 -0.93 -40.23 -9.51
C GLN A 317 -2.37 -40.60 -9.81
N CYS A 318 -2.66 -41.90 -9.87
CA CYS A 318 -4.01 -42.34 -10.21
C CYS A 318 -5.01 -41.93 -9.14
N GLN A 319 -4.59 -41.92 -7.87
CA GLN A 319 -5.50 -41.50 -6.81
C GLN A 319 -5.93 -40.06 -7.01
N LYS A 320 -4.98 -39.16 -7.23
CA LYS A 320 -5.30 -37.75 -7.46
C LYS A 320 -6.13 -37.58 -8.72
N MET A 321 -5.77 -38.30 -9.78
CA MET A 321 -6.53 -38.19 -11.03
C MET A 321 -7.97 -38.62 -10.83
N PHE A 322 -8.16 -39.73 -10.12
CA PHE A 322 -9.52 -40.23 -9.89
C PHE A 322 -10.31 -39.28 -9.01
N LYS A 323 -9.68 -38.74 -7.98
CA LYS A 323 -10.38 -37.78 -7.14
C LYS A 323 -10.81 -36.56 -7.96
N GLU A 324 -9.92 -36.05 -8.80
CA GLU A 324 -10.25 -34.87 -9.60
C GLU A 324 -11.40 -35.17 -10.57
N ILE A 325 -11.32 -36.30 -11.28
CA ILE A 325 -12.34 -36.59 -12.28
C ILE A 325 -13.67 -36.91 -11.61
N GLN A 326 -13.65 -37.59 -10.46
CA GLN A 326 -14.88 -37.87 -9.74
C GLN A 326 -15.52 -36.60 -9.24
N GLU A 327 -14.72 -35.66 -8.72
CA GLU A 327 -15.25 -34.38 -8.30
C GLU A 327 -15.84 -33.62 -9.48
N GLY A 328 -15.16 -33.66 -10.64
CA GLY A 328 -15.70 -32.99 -11.81
C GLY A 328 -17.02 -33.59 -12.26
N GLU A 329 -17.11 -34.92 -12.27
CA GLU A 329 -18.34 -35.58 -12.67
C GLU A 329 -19.48 -35.28 -11.70
N ARG A 330 -19.19 -35.26 -10.40
CA ARG A 330 -20.20 -34.87 -9.42
C ARG A 330 -20.64 -33.43 -9.64
N GLN A 331 -19.69 -32.55 -9.99
CA GLN A 331 -20.02 -31.18 -10.34
C GLN A 331 -20.89 -31.13 -11.59
N LEU A 332 -20.76 -32.11 -12.48
CA LEU A 332 -21.62 -32.19 -13.65
C LEU A 332 -22.94 -32.82 -13.22
N SER A 333 -23.58 -32.24 -12.21
CA SER A 333 -24.89 -32.71 -11.77
C SER A 333 -25.83 -31.57 -11.40
N GLU A 334 -25.60 -30.36 -11.92
CA GLU A 334 -26.44 -29.23 -11.56
C GLU A 334 -27.89 -29.51 -11.93
N THR A 335 -28.79 -29.22 -11.00
CA THR A 335 -30.19 -29.56 -11.14
C THR A 335 -30.98 -28.42 -11.78
N GLU A 336 -32.20 -28.74 -12.21
CA GLU A 336 -33.05 -27.77 -12.85
C GLU A 336 -33.62 -26.79 -11.82
N ALA A 337 -33.96 -25.60 -12.30
CA ALA A 337 -34.63 -24.61 -11.45
C ALA A 337 -36.13 -24.84 -11.47
N ASP A 338 -36.55 -26.07 -11.17
CA ASP A 338 -37.96 -26.43 -11.23
C ASP A 338 -38.38 -27.22 -9.99
N THR B 8 39.51 -53.22 -8.97
CA THR B 8 40.85 -53.49 -9.48
C THR B 8 41.87 -52.54 -8.87
N GLY B 9 41.39 -51.44 -8.30
CA GLY B 9 42.24 -50.46 -7.67
C GLY B 9 42.74 -49.41 -8.65
N PHE B 10 43.34 -48.36 -8.10
CA PHE B 10 43.85 -47.27 -8.90
C PHE B 10 45.12 -47.70 -9.63
N PRO B 11 45.46 -47.01 -10.73
CA PRO B 11 46.76 -47.24 -11.37
C PRO B 11 47.90 -46.91 -10.42
N LEU B 12 48.79 -47.88 -10.20
CA LEU B 12 49.87 -47.70 -9.22
C LEU B 12 50.86 -46.63 -9.64
N GLU B 13 50.91 -46.30 -10.94
CA GLU B 13 51.85 -45.28 -11.41
C GLU B 13 51.51 -43.91 -10.84
N LEU B 14 50.29 -43.72 -10.35
CA LEU B 14 49.88 -42.42 -9.82
C LEU B 14 50.69 -42.04 -8.58
N LEU B 15 51.22 -43.04 -7.86
CA LEU B 15 52.00 -42.76 -6.67
C LEU B 15 53.24 -41.93 -6.95
N THR B 16 53.79 -42.00 -8.17
CA THR B 16 54.91 -41.16 -8.54
C THR B 16 54.49 -39.76 -8.91
N ARG B 17 53.21 -39.54 -9.19
CA ARG B 17 52.69 -38.26 -9.61
C ARG B 17 52.53 -37.32 -8.42
N PRO B 18 52.50 -36.01 -8.67
CA PRO B 18 52.27 -35.06 -7.57
C PRO B 18 50.89 -35.24 -6.96
N ALA B 19 50.67 -34.52 -5.85
CA ALA B 19 49.42 -34.65 -5.11
C ALA B 19 48.22 -34.22 -5.95
N THR B 20 48.41 -33.22 -6.81
CA THR B 20 47.31 -32.74 -7.64
C THR B 20 46.79 -33.83 -8.57
N GLU B 21 47.68 -34.59 -9.20
CA GLU B 21 47.25 -35.66 -10.08
C GLU B 21 46.53 -36.76 -9.30
N ARG B 22 47.05 -37.10 -8.12
CA ARG B 22 46.41 -38.12 -7.29
C ARG B 22 45.00 -37.70 -6.90
N LEU B 23 44.84 -36.44 -6.51
CA LEU B 23 43.51 -35.94 -6.17
C LEU B 23 42.60 -35.90 -7.39
N ALA B 24 43.15 -35.52 -8.55
CA ALA B 24 42.35 -35.43 -9.76
C ALA B 24 41.82 -36.78 -10.18
N TYR B 25 42.65 -37.83 -10.06
CA TYR B 25 42.19 -39.16 -10.41
C TYR B 25 40.99 -39.56 -9.56
N PHE B 26 41.09 -39.37 -8.25
CA PHE B 26 39.97 -39.72 -7.37
C PHE B 26 38.75 -38.88 -7.67
N GLU B 27 38.95 -37.60 -7.99
CA GLU B 27 37.81 -36.75 -8.33
C GLU B 27 37.10 -37.26 -9.57
N ASN B 28 37.86 -37.71 -10.56
CA ASN B 28 37.28 -38.22 -11.80
C ASN B 28 36.72 -39.62 -11.65
N TYR B 29 37.09 -40.32 -10.58
CA TYR B 29 36.63 -41.69 -10.39
C TYR B 29 35.12 -41.77 -10.18
N THR B 30 34.47 -42.78 -10.78
CA THR B 30 33.02 -42.91 -10.67
C THR B 30 32.62 -44.31 -10.18
N VAL B 31 31.56 -44.38 -9.37
CA VAL B 31 31.08 -45.68 -8.90
C VAL B 31 29.71 -45.99 -9.49
N ALA B 32 29.57 -47.17 -10.10
CA ALA B 32 28.29 -47.56 -10.70
C ALA B 32 27.47 -48.38 -9.73
N HIS B 33 27.11 -47.79 -8.60
CA HIS B 33 26.32 -48.50 -7.60
C HIS B 33 24.91 -48.79 -8.15
N PRO B 34 24.28 -49.89 -7.73
CA PRO B 34 23.13 -50.40 -8.47
C PRO B 34 21.97 -49.43 -8.59
N ARG B 35 21.67 -48.66 -7.55
CA ARG B 35 20.51 -47.78 -7.62
C ARG B 35 20.71 -46.68 -8.65
N LEU B 36 21.92 -46.15 -8.75
CA LEU B 36 22.21 -45.16 -9.78
C LEU B 36 22.00 -45.75 -11.16
N LYS B 37 22.46 -46.98 -11.37
CA LYS B 37 22.26 -47.62 -12.67
C LYS B 37 20.79 -47.82 -12.98
N GLU B 38 20.00 -48.23 -11.99
CA GLU B 38 18.56 -48.41 -12.20
C GLU B 38 17.91 -47.09 -12.59
N VAL B 39 18.19 -46.04 -11.82
CA VAL B 39 17.58 -44.73 -12.10
C VAL B 39 18.02 -44.22 -13.46
N TYR B 40 19.30 -44.39 -13.79
CA TYR B 40 19.82 -43.95 -15.07
C TYR B 40 19.15 -44.68 -16.21
N GLU B 41 18.96 -45.99 -16.08
CA GLU B 41 18.27 -46.76 -17.13
C GLU B 41 16.84 -46.28 -17.29
N ILE B 42 16.14 -46.05 -16.18
CA ILE B 42 14.75 -45.60 -16.26
C ILE B 42 14.67 -44.25 -16.96
N LEU B 43 15.55 -43.33 -16.58
CA LEU B 43 15.54 -42.00 -17.19
C LEU B 43 15.88 -42.08 -18.67
N MET B 44 16.87 -42.91 -19.02
CA MET B 44 17.22 -43.11 -20.43
C MET B 44 16.01 -43.60 -21.22
N ARG B 45 15.32 -44.62 -20.70
CA ARG B 45 14.21 -45.20 -21.45
C ARG B 45 13.07 -44.19 -21.57
N THR B 46 12.80 -43.45 -20.50
CA THR B 46 11.74 -42.44 -20.56
C THR B 46 12.07 -41.36 -21.56
N ILE B 47 13.35 -40.93 -21.61
CA ILE B 47 13.74 -39.92 -22.59
C ILE B 47 13.60 -40.47 -24.00
N ALA B 48 13.98 -41.73 -24.22
CA ALA B 48 13.86 -42.32 -25.55
C ALA B 48 12.42 -42.43 -26.03
N GLU B 49 11.44 -42.31 -25.14
CA GLU B 49 10.03 -42.32 -25.51
C GLU B 49 9.25 -41.36 -24.61
N PRO B 50 9.13 -40.10 -25.02
CA PRO B 50 8.34 -39.15 -24.23
C PRO B 50 6.89 -39.60 -24.04
N ALA B 51 6.30 -40.19 -25.08
CA ALA B 51 4.94 -40.73 -25.00
C ALA B 51 3.94 -39.69 -24.50
N GLY B 52 4.11 -38.46 -24.96
CA GLY B 52 3.24 -37.37 -24.56
C GLY B 52 3.42 -36.88 -23.15
N ALA B 53 4.15 -37.61 -22.30
CA ALA B 53 4.41 -37.13 -20.94
C ALA B 53 5.20 -35.84 -21.00
N SER B 54 4.77 -34.85 -20.21
CA SER B 54 5.34 -33.52 -20.31
C SER B 54 6.44 -33.27 -19.29
N PHE B 55 6.51 -34.05 -18.22
CA PHE B 55 7.47 -33.80 -17.16
C PHE B 55 8.07 -35.10 -16.66
N ILE B 56 9.36 -35.05 -16.36
CA ILE B 56 10.06 -36.11 -15.65
C ILE B 56 10.55 -35.53 -14.34
N PHE B 57 9.98 -35.99 -13.23
CA PHE B 57 10.35 -35.52 -11.91
C PHE B 57 11.34 -36.49 -11.29
N VAL B 58 12.61 -36.10 -11.26
CA VAL B 58 13.65 -36.86 -10.58
C VAL B 58 14.04 -36.10 -9.33
N TYR B 59 13.81 -36.71 -8.17
CA TYR B 59 14.09 -36.04 -6.92
C TYR B 59 14.71 -37.01 -5.92
N GLY B 60 15.50 -36.45 -5.02
CA GLY B 60 16.18 -37.23 -4.00
C GLY B 60 16.93 -36.29 -3.09
N ALA B 61 17.45 -36.88 -2.01
CA ALA B 61 18.16 -36.10 -1.02
C ALA B 61 19.37 -35.42 -1.56
N SER B 62 19.80 -34.40 -0.85
CA SER B 62 21.00 -33.72 -1.25
C SER B 62 22.17 -34.68 -1.19
N GLY B 63 23.05 -34.63 -2.19
CA GLY B 63 24.23 -35.49 -2.22
C GLY B 63 23.99 -36.91 -2.67
N VAL B 64 23.00 -37.13 -3.50
CA VAL B 64 22.70 -38.51 -3.86
C VAL B 64 23.20 -38.90 -5.26
N GLY B 65 23.59 -37.93 -6.08
CA GLY B 65 23.98 -38.27 -7.44
C GLY B 65 23.13 -37.71 -8.57
N LYS B 66 22.17 -36.84 -8.25
CA LYS B 66 21.27 -36.30 -9.27
C LYS B 66 21.95 -35.44 -10.34
N THR B 67 22.81 -34.52 -9.93
CA THR B 67 23.54 -33.69 -10.90
C THR B 67 24.52 -34.52 -11.71
N THR B 68 25.17 -35.48 -11.06
CA THR B 68 26.10 -36.35 -11.77
C THR B 68 25.32 -37.11 -12.82
N LEU B 69 24.11 -37.55 -12.48
CA LEU B 69 23.27 -38.23 -13.45
C LEU B 69 22.95 -37.30 -14.60
N ARG B 70 22.62 -36.04 -14.29
CA ARG B 70 22.28 -35.06 -15.33
C ARG B 70 23.43 -34.88 -16.30
N LEU B 71 24.65 -34.88 -15.80
CA LEU B 71 25.83 -34.78 -16.65
C LEU B 71 26.04 -36.05 -17.45
N ARG B 72 25.84 -37.21 -16.82
CA ARG B 72 26.04 -38.49 -17.52
C ARG B 72 25.05 -38.64 -18.66
N VAL B 73 23.77 -38.33 -18.42
CA VAL B 73 22.79 -38.46 -19.48
C VAL B 73 23.05 -37.45 -20.60
N GLU B 74 23.46 -36.22 -20.24
CA GLU B 74 23.83 -35.25 -21.26
C GLU B 74 24.93 -35.79 -22.15
N GLN B 75 26.01 -36.28 -21.53
CA GLN B 75 27.14 -36.78 -22.31
C GLN B 75 26.75 -37.98 -23.16
N LYS B 76 25.98 -38.90 -22.59
CA LYS B 76 25.59 -40.10 -23.32
C LYS B 76 24.73 -39.76 -24.52
N LEU B 77 23.74 -38.87 -24.33
CA LEU B 77 22.89 -38.50 -25.44
C LEU B 77 23.65 -37.72 -26.51
N THR B 78 24.58 -36.85 -26.11
CA THR B 78 25.41 -36.16 -27.09
C THR B 78 26.23 -37.15 -27.90
N GLU B 79 26.83 -38.14 -27.23
CA GLU B 79 27.60 -39.16 -27.92
C GLU B 79 26.71 -39.96 -28.88
N LEU B 80 25.50 -40.30 -28.44
CA LEU B 80 24.60 -41.06 -29.30
C LEU B 80 24.18 -40.26 -30.52
N ALA B 81 23.89 -38.97 -30.35
CA ALA B 81 23.37 -38.18 -31.45
C ALA B 81 24.45 -37.62 -32.37
N LEU B 82 25.72 -37.65 -31.95
CA LEU B 82 26.79 -37.11 -32.79
C LEU B 82 26.85 -37.74 -34.18
N PRO B 83 26.78 -39.07 -34.36
CA PRO B 83 26.81 -39.61 -35.73
C PRO B 83 25.69 -39.09 -36.61
N LYS B 84 24.49 -38.88 -36.05
CA LYS B 84 23.41 -38.24 -36.79
C LYS B 84 23.51 -36.73 -36.78
N LEU B 85 24.16 -36.15 -35.77
CA LEU B 85 24.48 -34.73 -35.80
C LEU B 85 25.39 -34.40 -36.98
N GLU B 86 26.15 -35.39 -37.46
CA GLU B 86 26.95 -35.22 -38.67
C GLU B 86 26.10 -34.95 -39.91
N SER B 87 24.80 -35.22 -39.86
CA SER B 87 23.92 -34.94 -40.98
C SER B 87 22.88 -33.89 -40.61
N ASP B 88 22.41 -33.92 -39.37
CA ASP B 88 21.43 -32.97 -38.87
C ASP B 88 22.10 -31.81 -38.15
N ARG B 89 22.61 -30.84 -38.92
CA ARG B 89 23.43 -29.78 -38.34
C ARG B 89 22.65 -28.89 -37.38
N ALA B 90 21.40 -28.56 -37.71
CA ALA B 90 20.66 -27.58 -36.91
C ALA B 90 20.30 -28.11 -35.53
N ARG B 91 20.27 -29.44 -35.37
CA ARG B 91 19.82 -30.01 -34.10
C ARG B 91 20.83 -29.78 -32.98
N VAL B 92 20.30 -29.52 -31.80
CA VAL B 92 21.06 -29.56 -30.55
C VAL B 92 20.47 -30.69 -29.71
N PRO B 93 21.23 -31.76 -29.45
CA PRO B 93 20.61 -32.94 -28.82
C PRO B 93 20.05 -32.68 -27.43
N VAL B 94 20.87 -32.17 -26.52
CA VAL B 94 20.43 -31.93 -25.14
C VAL B 94 20.84 -30.54 -24.72
N VAL B 95 19.90 -29.81 -24.10
CA VAL B 95 20.22 -28.50 -23.55
C VAL B 95 19.86 -28.58 -22.06
N GLY B 96 20.69 -28.02 -21.19
CA GLY B 96 20.48 -28.06 -19.77
C GLY B 96 20.76 -26.74 -19.08
N ILE B 97 19.88 -26.38 -18.14
CA ILE B 97 20.01 -25.12 -17.41
C ILE B 97 19.59 -25.35 -15.97
N GLU B 98 20.14 -24.54 -15.08
CA GLU B 98 19.85 -24.60 -13.66
C GLU B 98 18.89 -23.48 -13.29
N ALA B 99 17.84 -23.82 -12.54
CA ALA B 99 16.85 -22.84 -12.14
C ALA B 99 17.46 -21.84 -11.16
N ILE B 100 17.17 -20.57 -11.37
CA ILE B 100 17.78 -19.51 -10.56
C ILE B 100 16.93 -19.28 -9.32
N ALA B 101 17.56 -19.34 -8.15
CA ALA B 101 16.85 -18.98 -6.93
C ALA B 101 16.66 -17.47 -6.92
N PRO B 102 15.44 -16.98 -6.87
CA PRO B 102 15.22 -15.54 -7.01
C PRO B 102 15.40 -14.78 -5.70
N GLU B 103 15.87 -13.55 -5.81
CA GLU B 103 15.95 -12.65 -4.67
C GLU B 103 14.61 -12.08 -4.29
N SER B 104 13.69 -11.99 -5.25
CA SER B 104 12.32 -11.59 -4.94
C SER B 104 11.57 -12.76 -4.30
N ARG B 105 10.40 -12.46 -3.75
CA ARG B 105 9.59 -13.48 -3.11
C ARG B 105 9.06 -14.51 -4.09
N TYR B 106 9.14 -14.25 -5.40
CA TYR B 106 8.63 -15.16 -6.40
C TYR B 106 9.69 -15.36 -7.48
N PHE B 107 9.58 -16.50 -8.17
CA PHE B 107 10.48 -16.82 -9.25
C PHE B 107 10.37 -15.77 -10.35
N ASN B 108 11.49 -15.49 -11.01
CA ASN B 108 11.52 -14.52 -12.10
C ASN B 108 11.64 -15.31 -13.40
N TRP B 109 10.59 -15.26 -14.20
CA TRP B 109 10.58 -16.03 -15.45
C TRP B 109 11.40 -15.36 -16.53
N LYS B 110 11.58 -14.04 -16.45
CA LYS B 110 12.33 -13.33 -17.46
C LYS B 110 13.78 -13.79 -17.52
N GLU B 111 14.44 -13.87 -16.36
CA GLU B 111 15.82 -14.34 -16.33
C GLU B 111 15.91 -15.78 -16.78
N TYR B 112 14.91 -16.59 -16.42
CA TYR B 112 14.90 -17.99 -16.85
C TYR B 112 14.85 -18.09 -18.37
N TYR B 113 13.99 -17.30 -19.01
CA TYR B 113 13.92 -17.32 -20.47
C TYR B 113 15.22 -16.82 -21.10
N THR B 114 15.80 -15.76 -20.53
CA THR B 114 17.06 -15.24 -21.07
C THR B 114 18.15 -16.29 -21.00
N ARG B 115 18.27 -16.98 -19.86
CA ARG B 115 19.29 -18.00 -19.72
C ARG B 115 18.98 -19.21 -20.59
N ALA B 116 17.71 -19.47 -20.83
CA ALA B 116 17.34 -20.58 -21.71
C ALA B 116 17.86 -20.32 -23.12
N LEU B 117 17.64 -19.10 -23.60
CA LEU B 117 18.15 -18.72 -24.92
C LEU B 117 19.67 -18.76 -24.94
N ILE B 118 20.29 -18.32 -23.84
CA ILE B 118 21.75 -18.38 -23.74
C ILE B 118 22.22 -19.82 -23.79
N THR B 119 21.48 -20.73 -23.16
CA THR B 119 21.83 -22.14 -23.18
C THR B 119 21.81 -22.67 -24.60
N LEU B 120 20.81 -22.27 -25.38
CA LEU B 120 20.76 -22.69 -26.78
C LEU B 120 21.63 -21.77 -27.61
N GLU B 121 22.94 -21.91 -27.49
CA GLU B 121 23.86 -21.03 -28.20
C GLU B 121 24.81 -21.78 -29.12
N GLU B 122 24.95 -21.32 -30.36
CA GLU B 122 25.90 -21.93 -31.27
C GLU B 122 26.81 -20.82 -31.83
N PRO B 123 28.15 -20.89 -31.58
CA PRO B 123 28.93 -19.80 -32.19
C PRO B 123 28.71 -19.69 -33.69
N LEU B 124 28.43 -20.80 -34.36
CA LEU B 124 28.10 -20.73 -35.78
C LEU B 124 26.69 -20.20 -35.93
N ILE B 125 26.55 -18.96 -36.38
CA ILE B 125 25.23 -18.33 -36.50
C ILE B 125 24.36 -18.96 -37.60
N ASP B 126 24.96 -19.69 -38.53
CA ASP B 126 24.21 -20.24 -39.66
C ASP B 126 23.08 -21.18 -39.26
N HIS B 127 23.29 -22.01 -38.23
CA HIS B 127 22.28 -22.98 -37.85
C HIS B 127 20.98 -22.32 -37.42
N LYS B 128 21.06 -21.24 -36.66
CA LYS B 128 19.86 -20.51 -36.25
C LYS B 128 20.03 -19.02 -36.51
N PHE B 129 19.87 -18.61 -37.76
CA PHE B 129 20.07 -17.21 -38.11
C PHE B 129 19.16 -16.23 -37.39
N ASP B 130 17.90 -16.60 -37.16
CA ASP B 130 16.97 -15.65 -36.57
C ASP B 130 16.34 -16.28 -35.33
N TYR B 131 16.33 -15.54 -34.23
CA TYR B 131 15.81 -16.08 -32.97
C TYR B 131 14.50 -15.47 -32.52
N GLY B 132 14.24 -14.20 -32.86
CA GLY B 132 13.05 -13.56 -32.34
C GLY B 132 12.76 -12.27 -33.08
N VAL B 133 11.91 -11.45 -32.44
CA VAL B 133 11.40 -10.24 -33.10
C VAL B 133 12.51 -9.20 -33.23
N ARG B 134 13.04 -8.72 -32.10
CA ARG B 134 14.08 -7.70 -32.12
C ARG B 134 14.69 -7.61 -30.72
N GLY B 135 15.86 -7.00 -30.66
CA GLY B 135 16.59 -6.90 -29.41
C GLY B 135 17.07 -8.22 -28.86
N ILE B 136 17.04 -9.28 -29.67
CA ILE B 136 17.41 -10.62 -29.21
C ILE B 136 18.66 -11.14 -29.91
N SER B 137 18.98 -10.64 -31.10
CA SER B 137 20.11 -11.16 -31.85
C SER B 137 21.43 -10.85 -31.14
N ARG B 138 22.45 -11.62 -31.49
CA ARG B 138 23.75 -11.49 -30.85
C ARG B 138 24.41 -10.17 -31.24
N ASP B 139 25.33 -9.71 -30.39
CA ASP B 139 26.07 -8.47 -30.64
C ASP B 139 27.40 -8.80 -31.31
N ASN B 140 27.29 -9.39 -32.50
CA ASN B 140 28.45 -9.73 -33.33
C ASN B 140 29.41 -10.62 -32.55
N PHE B 141 28.85 -11.47 -31.69
CA PHE B 141 29.64 -12.37 -30.87
C PHE B 141 28.80 -13.59 -30.54
N GLY B 142 29.48 -14.64 -30.08
CA GLY B 142 28.80 -15.89 -29.81
C GLY B 142 27.68 -15.75 -28.79
N LYS B 143 27.90 -14.91 -27.78
CA LYS B 143 26.89 -14.69 -26.75
C LYS B 143 25.66 -14.02 -27.36
N ILE B 144 24.50 -14.66 -27.16
CA ILE B 144 23.23 -14.09 -27.66
C ILE B 144 22.64 -13.17 -26.60
N ASN B 145 23.18 -11.97 -26.50
CA ASN B 145 22.72 -10.99 -25.52
C ASN B 145 21.30 -10.56 -25.85
N VAL B 146 20.52 -10.28 -24.80
CA VAL B 146 19.12 -9.91 -24.94
C VAL B 146 18.93 -8.50 -24.40
N GLU B 147 18.29 -7.64 -25.19
CA GLU B 147 18.01 -6.29 -24.75
C GLU B 147 17.03 -6.33 -23.57
N SER B 148 17.27 -5.46 -22.59
CA SER B 148 16.48 -5.47 -21.37
C SER B 148 15.02 -5.16 -21.63
N LYS B 149 14.75 -4.21 -22.53
CA LYS B 149 13.39 -3.74 -22.73
C LYS B 149 12.50 -4.76 -23.45
N VAL B 150 13.04 -5.90 -23.87
CA VAL B 150 12.21 -6.94 -24.47
C VAL B 150 11.34 -7.55 -23.38
N VAL B 151 10.04 -7.50 -23.58
CA VAL B 151 9.10 -7.93 -22.55
C VAL B 151 9.07 -9.45 -22.47
N ALA B 152 8.54 -9.97 -21.36
CA ALA B 152 8.55 -11.41 -21.13
C ALA B 152 7.76 -12.22 -22.15
N PRO B 153 6.52 -11.87 -22.51
CA PRO B 153 5.79 -12.74 -23.46
C PRO B 153 6.47 -12.87 -24.81
N ALA B 154 7.01 -11.78 -25.35
CA ALA B 154 7.75 -11.87 -26.61
C ALA B 154 8.99 -12.72 -26.44
N LEU B 155 9.63 -12.63 -25.27
CA LEU B 155 10.79 -13.45 -24.98
C LEU B 155 10.42 -14.92 -25.00
N ARG B 156 9.28 -15.27 -24.39
CA ARG B 156 8.81 -16.65 -24.40
C ARG B 156 8.51 -17.11 -25.81
N ARG B 157 7.91 -16.24 -26.61
CA ARG B 157 7.62 -16.60 -28.01
C ARG B 157 8.90 -16.89 -28.77
N ALA B 158 9.92 -16.04 -28.59
CA ALA B 158 11.20 -16.27 -29.23
C ALA B 158 11.81 -17.58 -28.77
N LEU B 159 11.72 -17.87 -27.47
CA LEU B 159 12.25 -19.13 -26.96
C LEU B 159 11.55 -20.32 -27.60
N GLU B 160 10.22 -20.26 -27.72
CA GLU B 160 9.50 -21.38 -28.30
C GLU B 160 9.85 -21.55 -29.77
N ASN B 161 10.01 -20.43 -30.48
CA ASN B 161 10.39 -20.52 -31.89
C ASN B 161 11.79 -21.09 -32.07
N ALA B 162 12.70 -20.78 -31.14
CA ALA B 162 14.04 -21.38 -31.21
C ALA B 162 14.00 -22.85 -30.86
N LEU B 163 13.20 -23.21 -29.85
CA LEU B 163 13.11 -24.60 -29.41
C LEU B 163 12.55 -25.50 -30.48
N ILE B 164 11.44 -25.10 -31.09
CA ILE B 164 10.81 -25.93 -32.11
C ILE B 164 11.70 -26.09 -33.33
N HIS B 165 12.65 -25.17 -33.54
CA HIS B 165 13.60 -25.32 -34.65
C HIS B 165 14.77 -26.21 -34.27
N ARG B 166 15.40 -26.00 -33.11
CA ARG B 166 16.49 -26.88 -32.68
C ARG B 166 15.99 -28.28 -32.35
N HIS B 167 14.81 -28.36 -31.75
CA HIS B 167 14.18 -29.64 -31.40
C HIS B 167 15.10 -30.51 -30.55
N PRO B 168 15.44 -30.08 -29.33
CA PRO B 168 16.22 -30.94 -28.45
C PRO B 168 15.41 -32.12 -27.96
N ASP B 169 16.10 -33.23 -27.70
CA ASP B 169 15.42 -34.43 -27.20
C ASP B 169 14.82 -34.18 -25.82
N VAL B 170 15.55 -33.51 -24.94
CA VAL B 170 15.11 -33.28 -23.58
C VAL B 170 15.64 -31.93 -23.11
N PHE B 171 14.85 -31.27 -22.28
CA PHE B 171 15.21 -29.99 -21.67
C PHE B 171 15.46 -30.24 -20.19
N PHE B 172 16.67 -29.96 -19.73
CA PHE B 172 17.04 -30.20 -18.35
C PHE B 172 16.93 -28.95 -17.51
N VAL B 173 16.22 -29.06 -16.39
CA VAL B 173 16.10 -27.99 -15.41
C VAL B 173 16.61 -28.56 -14.10
N ASP B 174 17.87 -28.27 -13.77
CA ASP B 174 18.46 -28.76 -12.54
C ASP B 174 18.09 -27.85 -11.37
N GLU B 175 18.10 -28.44 -10.17
CA GLU B 175 17.67 -27.73 -8.96
C GLU B 175 16.29 -27.13 -9.15
N ALA B 176 15.31 -27.99 -9.43
CA ALA B 176 13.98 -27.53 -9.79
C ALA B 176 13.21 -26.96 -8.61
N GLN B 177 13.71 -27.13 -7.39
CA GLN B 177 12.95 -26.68 -6.22
C GLN B 177 12.76 -25.18 -6.20
N HIS B 178 13.56 -24.42 -6.94
CA HIS B 178 13.43 -22.97 -6.94
C HIS B 178 12.12 -22.52 -7.57
N PHE B 179 11.45 -23.37 -8.33
CA PHE B 179 10.14 -23.01 -8.86
C PHE B 179 9.09 -22.86 -7.77
N GLY B 180 9.38 -23.34 -6.57
CA GLY B 180 8.43 -23.23 -5.48
C GLY B 180 8.34 -21.86 -4.85
N LYS B 181 9.17 -20.91 -5.28
CA LYS B 181 9.15 -19.56 -4.72
C LYS B 181 8.01 -18.79 -5.35
N VAL B 182 6.96 -18.53 -4.57
CA VAL B 182 5.76 -17.85 -5.06
C VAL B 182 5.13 -17.09 -3.91
N ALA B 183 4.35 -16.06 -4.24
CA ALA B 183 3.77 -15.18 -3.24
C ALA B 183 2.49 -15.73 -2.62
N SER B 184 1.74 -16.56 -3.32
CA SER B 184 0.48 -17.07 -2.80
C SER B 184 0.38 -18.56 -3.06
N GLY B 185 -0.43 -19.23 -2.23
CA GLY B 185 -0.51 -20.68 -2.20
C GLY B 185 -0.91 -21.35 -3.51
N TYR B 186 -2.16 -21.14 -3.94
CA TYR B 186 -2.63 -21.81 -5.14
C TYR B 186 -2.00 -21.25 -6.41
N LYS B 187 -1.24 -20.16 -6.30
CA LYS B 187 -0.42 -19.72 -7.43
C LYS B 187 0.66 -20.72 -7.76
N LEU B 188 0.93 -21.67 -6.86
CA LEU B 188 1.87 -22.74 -7.16
C LEU B 188 1.39 -23.56 -8.35
N GLN B 189 0.08 -23.75 -8.46
CA GLN B 189 -0.45 -24.44 -9.63
C GLN B 189 -0.05 -23.68 -10.88
N ASP B 190 -0.26 -22.37 -10.86
CA ASP B 190 0.05 -21.55 -12.03
C ASP B 190 1.53 -21.53 -12.38
N GLN B 191 2.39 -21.63 -11.36
CA GLN B 191 3.83 -21.62 -11.59
C GLN B 191 4.27 -22.81 -12.44
N LEU B 192 3.76 -24.00 -12.13
CA LEU B 192 4.11 -25.14 -12.97
C LEU B 192 3.23 -25.19 -14.21
N ASP B 193 2.06 -24.56 -14.18
CA ASP B 193 1.20 -24.52 -15.35
C ASP B 193 1.89 -23.79 -16.49
N CYS B 194 2.64 -22.73 -16.18
CA CYS B 194 3.36 -22.01 -17.22
C CYS B 194 4.34 -22.94 -17.93
N LEU B 195 5.12 -23.71 -17.16
CA LEU B 195 6.06 -24.65 -17.77
C LEU B 195 5.34 -25.76 -18.51
N LYS B 196 4.18 -26.19 -18.00
CA LYS B 196 3.41 -27.21 -18.70
C LYS B 196 2.94 -26.68 -20.06
N SER B 197 2.48 -25.43 -20.09
CA SER B 197 2.09 -24.82 -21.36
C SER B 197 3.27 -24.74 -22.31
N LEU B 198 4.45 -24.37 -21.80
CA LEU B 198 5.63 -24.32 -22.64
C LEU B 198 5.94 -25.69 -23.22
N ALA B 199 5.90 -26.73 -22.38
CA ALA B 199 6.23 -28.07 -22.84
C ALA B 199 5.22 -28.55 -23.87
N ASN B 200 3.94 -28.31 -23.63
CA ASN B 200 2.91 -28.80 -24.54
C ASN B 200 2.97 -28.06 -25.88
N MET B 201 3.20 -26.75 -25.84
CA MET B 201 3.27 -25.98 -27.08
C MET B 201 4.51 -26.35 -27.89
N THR B 202 5.66 -26.45 -27.21
CA THR B 202 6.91 -26.72 -27.92
C THR B 202 7.10 -28.20 -28.23
N GLY B 203 6.33 -29.09 -27.61
CA GLY B 203 6.56 -30.51 -27.80
C GLY B 203 7.90 -30.97 -27.31
N ILE B 204 8.41 -30.38 -26.23
CA ILE B 204 9.74 -30.69 -25.70
C ILE B 204 9.56 -31.29 -24.31
N LEU B 205 10.14 -32.47 -24.11
CA LEU B 205 10.05 -33.14 -22.82
C LEU B 205 10.99 -32.48 -21.82
N HIS B 206 10.45 -32.14 -20.65
CA HIS B 206 11.22 -31.48 -19.59
C HIS B 206 11.50 -32.47 -18.47
N CYS B 207 12.76 -32.53 -18.06
CA CYS B 207 13.18 -33.33 -16.91
C CYS B 207 13.54 -32.38 -15.78
N LEU B 208 12.89 -32.53 -14.65
CA LEU B 208 13.06 -31.63 -13.51
C LEU B 208 13.77 -32.39 -12.40
N LEU B 209 14.91 -31.86 -11.95
CA LEU B 209 15.72 -32.48 -10.91
C LEU B 209 15.80 -31.57 -9.71
N GLY B 210 15.74 -32.14 -8.52
CA GLY B 210 15.84 -31.33 -7.32
C GLY B 210 15.71 -32.18 -6.08
N THR B 211 15.60 -31.49 -4.94
CA THR B 211 15.43 -32.16 -3.67
C THR B 211 13.94 -32.42 -3.41
N TYR B 212 13.66 -32.94 -2.21
CA TYR B 212 12.29 -33.22 -1.84
C TYR B 212 11.46 -31.97 -1.60
N GLU B 213 12.09 -30.79 -1.60
CA GLU B 213 11.33 -29.55 -1.49
C GLU B 213 10.36 -29.40 -2.65
N LEU B 214 10.63 -30.08 -3.76
CA LEU B 214 9.77 -30.01 -4.94
C LEU B 214 8.58 -30.94 -4.85
N LEU B 215 8.46 -31.74 -3.79
CA LEU B 215 7.33 -32.65 -3.66
C LEU B 215 6.00 -31.91 -3.58
N THR B 216 6.02 -30.62 -3.30
CA THR B 216 4.80 -29.82 -3.33
C THR B 216 4.21 -29.79 -4.74
N PHE B 217 5.00 -30.11 -5.75
CA PHE B 217 4.54 -30.09 -7.12
C PHE B 217 3.95 -31.42 -7.57
N ARG B 218 3.95 -32.42 -6.70
CA ARG B 218 3.73 -33.81 -7.14
C ARG B 218 2.31 -34.04 -7.66
N ASN B 219 1.29 -33.56 -6.95
CA ASN B 219 -0.11 -33.64 -7.36
C ASN B 219 -0.75 -32.27 -7.39
N LEU B 220 -0.11 -31.33 -8.09
CA LEU B 220 -0.70 -30.01 -8.27
C LEU B 220 -2.05 -30.09 -8.95
N SER B 221 -2.18 -30.93 -9.97
CA SER B 221 -3.44 -31.12 -10.66
C SER B 221 -3.47 -32.50 -11.30
N GLY B 222 -4.68 -32.99 -11.56
CA GLY B 222 -4.82 -34.28 -12.22
C GLY B 222 -4.24 -34.30 -13.62
N GLN B 223 -4.45 -33.22 -14.38
CA GLN B 223 -3.80 -33.08 -15.68
C GLN B 223 -2.29 -33.17 -15.53
N LEU B 224 -1.73 -32.40 -14.60
CA LEU B 224 -0.28 -32.41 -14.40
C LEU B 224 0.17 -33.76 -13.85
N SER B 225 -0.67 -34.40 -13.05
CA SER B 225 -0.35 -35.74 -12.56
C SER B 225 -0.22 -36.73 -13.71
N ARG B 226 -1.14 -36.68 -14.67
CA ARG B 226 -1.05 -37.53 -15.84
C ARG B 226 0.17 -37.20 -16.67
N ARG B 227 0.48 -35.91 -16.81
CA ARG B 227 1.57 -35.49 -17.68
C ARG B 227 2.94 -35.82 -17.13
N SER B 228 3.05 -36.25 -15.87
CA SER B 228 4.34 -36.37 -15.21
C SER B 228 4.67 -37.83 -14.92
N VAL B 229 5.96 -38.11 -14.82
CA VAL B 229 6.48 -39.44 -14.50
C VAL B 229 7.44 -39.29 -13.33
N ASP B 230 7.27 -40.12 -12.31
CA ASP B 230 8.10 -40.03 -11.12
C ASP B 230 9.25 -41.03 -11.19
N ILE B 231 10.46 -40.55 -10.92
CA ILE B 231 11.65 -41.39 -10.82
C ILE B 231 12.30 -41.05 -9.48
N HIS B 232 12.04 -41.87 -8.47
CA HIS B 232 12.61 -41.63 -7.15
C HIS B 232 14.07 -42.07 -7.13
N PHE B 233 14.96 -41.12 -6.90
CA PHE B 233 16.38 -41.44 -6.70
C PHE B 233 16.53 -41.98 -5.29
N ARG B 234 16.46 -43.30 -5.16
CA ARG B 234 16.47 -43.92 -3.84
C ARG B 234 17.84 -43.80 -3.20
N ARG B 235 17.89 -43.25 -1.99
CA ARG B 235 19.10 -43.34 -1.18
C ARG B 235 19.07 -44.62 -0.35
N TYR B 236 20.24 -45.19 -0.12
CA TYR B 236 20.32 -46.48 0.54
C TYR B 236 19.80 -46.38 1.98
N CYS B 237 18.97 -47.35 2.36
CA CYS B 237 18.35 -47.39 3.69
C CYS B 237 18.95 -48.55 4.47
N ALA B 238 19.49 -48.24 5.66
CA ALA B 238 20.12 -49.26 6.49
C ALA B 238 19.15 -50.29 7.03
N ASP B 239 17.85 -50.03 6.95
CA ASP B 239 16.87 -50.99 7.44
C ASP B 239 16.88 -52.29 6.65
N SER B 240 17.32 -52.26 5.40
CA SER B 240 17.33 -53.45 4.55
C SER B 240 18.76 -53.94 4.37
N PRO B 241 19.05 -55.21 4.65
CA PRO B 241 20.42 -55.70 4.48
C PRO B 241 20.92 -55.62 3.04
N GLU B 242 20.01 -55.57 2.06
CA GLU B 242 20.42 -55.42 0.67
C GLU B 242 21.14 -54.08 0.45
N ASP B 243 20.54 -53.00 0.94
CA ASP B 243 21.18 -51.69 0.81
C ASP B 243 22.48 -51.64 1.59
N VAL B 244 22.53 -52.32 2.74
CA VAL B 244 23.76 -52.35 3.52
C VAL B 244 24.86 -53.07 2.74
N GLN B 245 24.51 -54.18 2.09
CA GLN B 245 25.49 -54.89 1.26
C GLN B 245 25.99 -54.02 0.12
N ALA B 246 25.07 -53.31 -0.54
CA ALA B 246 25.49 -52.40 -1.61
C ALA B 246 26.39 -51.31 -1.09
N PHE B 247 26.08 -50.76 0.08
CA PHE B 247 26.92 -49.74 0.69
C PHE B 247 28.30 -50.29 1.02
N LYS B 248 28.35 -51.52 1.51
CA LYS B 248 29.64 -52.16 1.77
C LYS B 248 30.45 -52.30 0.49
N SER B 249 29.79 -52.69 -0.60
CA SER B 249 30.49 -52.80 -1.88
C SER B 249 31.04 -51.45 -2.32
N VAL B 250 30.23 -50.40 -2.18
CA VAL B 250 30.67 -49.06 -2.59
C VAL B 250 31.86 -48.62 -1.75
N LEU B 251 31.80 -48.86 -0.44
CA LEU B 251 32.90 -48.49 0.44
C LEU B 251 34.17 -49.27 0.07
N LEU B 252 34.02 -50.55 -0.27
CA LEU B 252 35.18 -51.33 -0.68
C LEU B 252 35.79 -50.78 -1.95
N THR B 253 34.95 -50.39 -2.92
CA THR B 253 35.46 -49.81 -4.16
C THR B 253 36.23 -48.51 -3.89
N PHE B 254 35.66 -47.64 -3.06
CA PHE B 254 36.34 -46.40 -2.73
C PHE B 254 37.64 -46.66 -1.99
N GLN B 255 37.64 -47.63 -1.08
CA GLN B 255 38.84 -48.01 -0.37
C GLN B 255 39.92 -48.48 -1.34
N GLN B 256 39.53 -49.27 -2.33
CA GLN B 256 40.49 -49.76 -3.31
C GLN B 256 41.04 -48.65 -4.18
N HIS B 257 40.20 -47.68 -4.57
CA HIS B 257 40.56 -46.77 -5.64
C HIS B 257 41.21 -45.47 -5.18
N LEU B 258 41.15 -45.13 -3.91
CA LEU B 258 41.77 -43.87 -3.48
C LEU B 258 43.28 -43.99 -3.50
N PRO B 259 44.00 -43.08 -4.16
CA PRO B 259 45.45 -43.23 -4.28
C PRO B 259 46.19 -42.95 -2.99
N LEU B 260 46.89 -43.95 -2.46
CA LEU B 260 47.67 -43.76 -1.25
C LEU B 260 48.66 -44.91 -1.13
N ALA B 261 49.58 -44.78 -0.15
CA ALA B 261 50.59 -45.81 0.06
C ALA B 261 49.95 -47.14 0.44
N GLU B 262 48.95 -47.12 1.32
CA GLU B 262 48.24 -48.33 1.70
C GLU B 262 46.76 -48.02 1.76
N THR B 263 45.95 -49.05 1.55
CA THR B 263 44.49 -48.88 1.57
C THR B 263 43.96 -49.08 2.98
N PRO B 264 43.44 -48.05 3.63
CA PRO B 264 42.90 -48.22 4.98
C PRO B 264 41.57 -48.97 4.95
N ASN B 265 41.23 -49.58 6.09
CA ASN B 265 40.03 -50.39 6.19
C ASN B 265 38.78 -49.53 6.40
N LEU B 266 38.27 -48.93 5.33
CA LEU B 266 37.05 -48.15 5.43
C LEU B 266 35.84 -49.04 5.71
N VAL B 267 35.92 -50.31 5.31
CA VAL B 267 34.80 -51.22 5.44
C VAL B 267 34.43 -51.42 6.90
N ASP B 268 35.42 -51.46 7.79
CA ASP B 268 35.15 -51.71 9.20
C ASP B 268 34.28 -50.63 9.83
N HIS B 269 34.39 -49.39 9.34
CA HIS B 269 33.66 -48.26 9.92
C HIS B 269 32.42 -47.90 9.13
N TRP B 270 31.75 -48.89 8.54
CA TRP B 270 30.55 -48.58 7.74
C TRP B 270 29.46 -47.96 8.59
N GLU B 271 29.39 -48.32 9.87
CA GLU B 271 28.36 -47.75 10.74
C GLU B 271 28.52 -46.24 10.84
N TYR B 272 29.74 -45.77 11.10
CA TYR B 272 29.99 -44.34 11.19
C TYR B 272 29.71 -43.65 9.87
N PHE B 273 30.16 -44.26 8.77
CA PHE B 273 29.96 -43.66 7.45
C PHE B 273 28.47 -43.49 7.14
N TYR B 274 27.67 -44.52 7.40
CA TYR B 274 26.24 -44.38 7.18
C TYR B 274 25.63 -43.39 8.16
N GLU B 275 26.18 -43.32 9.37
CA GLU B 275 25.66 -42.39 10.37
C GLU B 275 25.80 -40.96 9.91
N ARG B 276 26.94 -40.61 9.29
CA ARG B 276 27.16 -39.24 8.86
C ARG B 276 27.15 -39.09 7.34
N THR B 277 26.44 -39.96 6.63
CA THR B 277 26.13 -39.76 5.22
C THR B 277 24.69 -40.05 4.84
N LEU B 278 23.94 -40.73 5.70
CA LEU B 278 22.55 -41.12 5.44
C LEU B 278 22.43 -41.95 4.16
N GLY B 279 23.50 -42.61 3.74
CA GLY B 279 23.43 -43.50 2.60
C GLY B 279 23.41 -42.82 1.25
N CYS B 280 23.71 -41.52 1.19
CA CYS B 280 23.82 -40.81 -0.08
C CYS B 280 25.26 -40.91 -0.54
N ILE B 281 25.50 -41.71 -1.57
CA ILE B 281 26.88 -42.01 -1.96
C ILE B 281 27.62 -40.77 -2.43
N GLY B 282 26.90 -39.74 -2.89
CA GLY B 282 27.59 -38.52 -3.27
C GLY B 282 28.26 -37.84 -2.10
N THR B 283 27.56 -37.75 -0.97
CA THR B 283 28.16 -37.18 0.22
C THR B 283 29.33 -38.03 0.71
N LEU B 284 29.20 -39.35 0.63
CA LEU B 284 30.31 -40.22 1.02
C LEU B 284 31.54 -39.97 0.15
N LYS B 285 31.33 -39.88 -1.16
CA LYS B 285 32.42 -39.57 -2.07
C LYS B 285 33.05 -38.24 -1.73
N ASP B 286 32.23 -37.24 -1.45
CA ASP B 286 32.75 -35.90 -1.20
C ASP B 286 33.55 -35.87 0.09
N TRP B 287 33.03 -36.54 1.13
CA TRP B 287 33.73 -36.65 2.40
C TRP B 287 35.07 -37.36 2.23
N LEU B 288 35.06 -38.45 1.46
CA LEU B 288 36.30 -39.18 1.22
C LEU B 288 37.30 -38.32 0.45
N LYS B 289 36.82 -37.52 -0.51
CA LYS B 289 37.71 -36.62 -1.22
C LYS B 289 38.34 -35.61 -0.26
N ARG B 290 37.54 -35.06 0.65
CA ARG B 290 38.09 -34.13 1.63
C ARG B 290 39.18 -34.79 2.46
N VAL B 291 38.88 -35.98 3.00
CA VAL B 291 39.84 -36.64 3.88
C VAL B 291 41.11 -37.01 3.12
N LEU B 292 40.95 -37.50 1.89
CA LEU B 292 42.12 -37.84 1.07
C LEU B 292 42.95 -36.61 0.75
N SER B 293 42.29 -35.48 0.53
CA SER B 293 43.01 -34.23 0.31
C SER B 293 43.83 -33.85 1.54
N ASP B 294 43.23 -33.99 2.73
CA ASP B 294 43.97 -33.74 3.96
C ASP B 294 45.18 -34.66 4.05
N ALA B 295 45.00 -35.94 3.75
CA ALA B 295 46.10 -36.88 3.84
C ALA B 295 47.21 -36.53 2.86
N LEU B 296 46.85 -36.19 1.62
CA LEU B 296 47.84 -35.80 0.62
C LEU B 296 48.60 -34.56 1.05
N ASP B 297 47.89 -33.60 1.65
CA ASP B 297 48.57 -32.44 2.22
C ASP B 297 49.53 -32.83 3.33
N ARG B 298 49.17 -33.81 4.15
CA ARG B 298 50.10 -34.38 5.11
C ARG B 298 51.06 -35.39 4.49
N GLU B 299 50.78 -35.86 3.27
CA GLU B 299 51.55 -36.92 2.63
C GLU B 299 51.62 -38.16 3.51
N ALA B 300 50.52 -38.44 4.23
CA ALA B 300 50.47 -39.59 5.10
C ALA B 300 50.29 -40.87 4.31
N THR B 301 50.75 -41.98 4.90
CA THR B 301 50.68 -43.27 4.21
C THR B 301 49.27 -43.84 4.25
N THR B 302 48.48 -43.50 5.26
CA THR B 302 47.18 -44.13 5.45
C THR B 302 46.18 -43.12 5.97
N ILE B 303 44.90 -43.48 5.84
CA ILE B 303 43.80 -42.71 6.40
C ILE B 303 43.50 -43.26 7.79
N THR B 304 43.41 -42.38 8.77
CA THR B 304 43.02 -42.78 10.11
C THR B 304 41.56 -42.41 10.37
N LEU B 305 40.98 -43.06 11.37
CA LEU B 305 39.64 -42.67 11.80
C LEU B 305 39.63 -41.23 12.29
N LYS B 306 40.75 -40.77 12.85
CA LYS B 306 40.85 -39.38 13.29
C LYS B 306 40.71 -38.42 12.12
N ASP B 307 41.32 -38.76 10.98
CA ASP B 307 41.19 -37.90 9.81
C ASP B 307 39.75 -37.81 9.34
N LEU B 308 39.05 -38.95 9.32
CA LEU B 308 37.64 -38.94 8.94
C LEU B 308 36.82 -38.10 9.90
N GLN B 309 37.11 -38.22 11.20
CA GLN B 309 36.38 -37.41 12.18
C GLN B 309 36.67 -35.93 11.99
N LYS B 310 37.90 -35.58 11.63
CA LYS B 310 38.30 -34.18 11.56
C LYS B 310 37.52 -33.39 10.52
N ARG B 311 36.99 -34.05 9.48
CA ARG B 311 36.29 -33.31 8.44
C ARG B 311 34.94 -33.92 8.11
N ALA B 312 34.28 -34.54 9.07
CA ALA B 312 32.96 -35.10 8.85
C ALA B 312 31.90 -34.00 8.89
N LEU B 313 30.65 -34.41 8.72
CA LEU B 313 29.54 -33.48 8.88
C LEU B 313 29.11 -33.43 10.34
N SER B 314 28.64 -32.26 10.76
CA SER B 314 28.18 -32.10 12.13
C SER B 314 26.92 -32.92 12.36
N VAL B 315 26.72 -33.32 13.62
CA VAL B 315 25.56 -34.15 13.96
C VAL B 315 24.26 -33.40 13.71
N ALA B 316 24.26 -32.08 13.93
CA ALA B 316 23.06 -31.30 13.67
C ALA B 316 22.69 -31.31 12.19
N GLN B 317 23.69 -31.19 11.30
CA GLN B 317 23.43 -31.24 9.88
C GLN B 317 22.85 -32.59 9.46
N CYS B 318 23.43 -33.68 9.99
CA CYS B 318 22.92 -35.00 9.68
C CYS B 318 21.49 -35.17 10.17
N GLN B 319 21.20 -34.66 11.37
CA GLN B 319 19.84 -34.76 11.90
C GLN B 319 18.86 -33.98 11.04
N LYS B 320 19.24 -32.77 10.61
CA LYS B 320 18.34 -32.00 9.75
C LYS B 320 18.11 -32.69 8.42
N MET B 321 19.18 -33.23 7.82
CA MET B 321 19.04 -33.94 6.56
C MET B 321 18.13 -35.16 6.72
N PHE B 322 18.30 -35.90 7.81
CA PHE B 322 17.46 -37.08 8.03
C PHE B 322 16.02 -36.67 8.28
N LYS B 323 15.80 -35.56 8.98
CA LYS B 323 14.43 -35.09 9.19
C LYS B 323 13.76 -34.71 7.87
N GLU B 324 14.50 -34.11 6.95
CA GLU B 324 13.91 -33.82 5.64
C GLU B 324 13.68 -35.10 4.85
N ILE B 325 14.63 -36.03 4.90
CA ILE B 325 14.54 -37.25 4.09
C ILE B 325 13.39 -38.12 4.57
N GLN B 326 13.16 -38.16 5.89
CA GLN B 326 12.05 -38.95 6.41
C GLN B 326 10.72 -38.42 5.90
N GLU B 327 10.55 -37.09 5.90
CA GLU B 327 9.33 -36.51 5.34
C GLU B 327 9.20 -36.83 3.87
N GLY B 328 10.30 -36.72 3.12
CA GLY B 328 10.25 -37.03 1.70
C GLY B 328 9.83 -38.46 1.44
N GLU B 329 10.43 -39.40 2.16
CA GLU B 329 10.11 -40.81 1.96
C GLU B 329 8.69 -41.14 2.41
N ARG B 330 8.23 -40.53 3.49
CA ARG B 330 6.86 -40.73 3.93
C ARG B 330 5.88 -40.23 2.88
N GLN B 331 6.17 -39.07 2.28
CA GLN B 331 5.35 -38.62 1.16
C GLN B 331 5.47 -39.57 -0.03
N LEU B 332 6.62 -40.23 -0.17
CA LEU B 332 6.92 -41.06 -1.32
C LEU B 332 6.64 -42.54 -1.09
N SER B 333 5.93 -42.89 -0.03
CA SER B 333 5.65 -44.28 0.26
C SER B 333 4.34 -44.72 -0.39
N GLU B 334 4.28 -46.00 -0.75
CA GLU B 334 3.08 -46.59 -1.30
C GLU B 334 2.97 -48.03 -0.79
N THR B 335 1.74 -48.42 -0.49
CA THR B 335 1.44 -49.78 -0.03
C THR B 335 0.32 -50.36 -0.87
N GLU B 336 0.26 -51.69 -0.91
CA GLU B 336 -0.82 -52.35 -1.63
C GLU B 336 -2.19 -52.04 -1.03
N ALA B 337 -2.22 -51.61 0.24
CA ALA B 337 -3.47 -51.15 0.81
C ALA B 337 -4.01 -49.92 0.08
N ASP B 338 -3.13 -49.00 -0.31
CA ASP B 338 -3.56 -47.86 -1.10
C ASP B 338 -4.10 -48.30 -2.47
N VAL B 339 -3.46 -49.29 -3.09
CA VAL B 339 -3.93 -49.79 -4.37
C VAL B 339 -5.31 -50.41 -4.23
N GLN B 340 -5.50 -51.19 -3.17
CA GLN B 340 -6.81 -51.79 -2.93
C GLN B 340 -7.87 -50.73 -2.64
N ASN B 341 -7.50 -49.71 -1.88
CA ASN B 341 -8.43 -48.61 -1.61
C ASN B 341 -8.84 -47.91 -2.90
N LEU B 342 -7.88 -47.67 -3.78
CA LEU B 342 -8.19 -47.06 -5.07
C LEU B 342 -9.10 -47.97 -5.87
N ARG B 343 -8.77 -49.26 -5.93
CA ARG B 343 -9.56 -50.21 -6.70
C ARG B 343 -10.98 -50.34 -6.18
N SER B 344 -11.16 -50.31 -4.86
CA SER B 344 -12.49 -50.42 -4.28
C SER B 344 -13.36 -49.26 -4.70
N ALA B 345 -12.81 -48.05 -4.73
CA ALA B 345 -13.57 -46.90 -5.19
C ALA B 345 -13.96 -47.06 -6.64
N LEU B 346 -13.04 -47.56 -7.46
CA LEU B 346 -13.32 -47.78 -8.88
C LEU B 346 -14.41 -48.80 -9.13
N GLY B 347 -14.41 -49.89 -8.36
CA GLY B 347 -15.35 -50.96 -8.60
C GLY B 347 -14.91 -52.13 -7.75
N LEU B 348 -15.16 -53.36 -8.21
CA LEU B 348 -14.65 -54.51 -7.48
C LEU B 348 -13.13 -54.42 -7.43
N GLY B 349 -12.55 -54.76 -6.30
CA GLY B 349 -11.10 -54.66 -6.15
C GLY B 349 -10.43 -55.98 -5.89
N ALA B 350 -9.39 -56.28 -6.66
CA ALA B 350 -8.66 -57.54 -6.48
C ALA B 350 -7.23 -57.28 -6.04
N THR C 8 61.70 -12.86 25.70
CA THR C 8 61.82 -11.78 24.72
C THR C 8 60.59 -10.87 24.77
N GLY C 9 60.67 -9.75 24.06
CA GLY C 9 59.57 -8.82 24.05
C GLY C 9 59.69 -7.83 22.91
N PHE C 10 59.15 -6.64 23.15
CA PHE C 10 59.20 -5.58 22.15
C PHE C 10 60.66 -5.13 21.94
N PRO C 11 60.99 -4.64 20.75
CA PRO C 11 62.33 -4.08 20.52
C PRO C 11 62.60 -2.93 21.48
N LEU C 12 63.78 -2.96 22.10
CA LEU C 12 64.10 -1.98 23.13
C LEU C 12 64.35 -0.60 22.55
N GLU C 13 64.82 -0.53 21.30
CA GLU C 13 65.11 0.77 20.69
C GLU C 13 63.85 1.59 20.47
N LEU C 14 62.67 0.97 20.53
CA LEU C 14 61.44 1.71 20.33
C LEU C 14 61.20 2.73 21.44
N LEU C 15 61.81 2.52 22.61
CA LEU C 15 61.63 3.45 23.71
C LEU C 15 62.11 4.85 23.37
N THR C 16 63.12 4.98 22.50
CA THR C 16 63.58 6.29 22.07
C THR C 16 62.72 6.89 20.97
N ARG C 17 61.89 6.08 20.33
CA ARG C 17 61.03 6.54 19.26
C ARG C 17 59.88 7.36 19.82
N PRO C 18 59.27 8.22 18.99
CA PRO C 18 58.13 9.01 19.47
C PRO C 18 56.93 8.13 19.79
N ALA C 19 55.89 8.77 20.32
CA ALA C 19 54.71 8.03 20.77
C ALA C 19 54.01 7.32 19.63
N THR C 20 53.91 7.96 18.47
CA THR C 20 53.16 7.38 17.36
C THR C 20 53.77 6.06 16.89
N GLU C 21 55.09 6.00 16.77
CA GLU C 21 55.74 4.76 16.33
C GLU C 21 55.53 3.63 17.34
N ARG C 22 55.69 3.93 18.63
CA ARG C 22 55.49 2.92 19.66
C ARG C 22 54.05 2.41 19.64
N LEU C 23 53.10 3.33 19.45
CA LEU C 23 51.70 2.92 19.38
C LEU C 23 51.44 2.05 18.15
N ALA C 24 52.01 2.43 17.01
CA ALA C 24 51.76 1.70 15.77
C ALA C 24 52.38 0.31 15.82
N TYR C 25 53.54 0.18 16.47
CA TYR C 25 54.16 -1.14 16.58
C TYR C 25 53.25 -2.11 17.31
N PHE C 26 52.66 -1.67 18.42
CA PHE C 26 51.71 -2.53 19.12
C PHE C 26 50.44 -2.72 18.31
N GLU C 27 50.04 -1.72 17.54
CA GLU C 27 48.85 -1.85 16.71
C GLU C 27 49.03 -2.98 15.70
N ASN C 28 50.19 -3.06 15.07
CA ASN C 28 50.44 -4.09 14.07
C ASN C 28 50.81 -5.43 14.67
N TYR C 29 51.11 -5.50 15.97
CA TYR C 29 51.49 -6.75 16.59
C TYR C 29 50.28 -7.69 16.67
N THR C 30 50.52 -8.97 16.41
CA THR C 30 49.48 -9.99 16.46
C THR C 30 49.96 -11.16 17.28
N VAL C 31 49.05 -11.83 17.97
CA VAL C 31 49.36 -12.95 18.84
C VAL C 31 48.71 -14.21 18.26
N ALA C 32 49.46 -15.31 18.27
CA ALA C 32 48.98 -16.58 17.74
C ALA C 32 48.49 -17.49 18.88
N HIS C 33 47.30 -17.17 19.39
CA HIS C 33 46.72 -17.99 20.43
C HIS C 33 46.15 -19.27 19.84
N PRO C 34 46.12 -20.37 20.61
CA PRO C 34 45.80 -21.68 20.02
C PRO C 34 44.46 -21.78 19.30
N ARG C 35 43.42 -21.13 19.81
CA ARG C 35 42.12 -21.19 19.12
C ARG C 35 42.21 -20.62 17.71
N LEU C 36 42.93 -19.50 17.56
CA LEU C 36 43.10 -18.94 16.23
C LEU C 36 43.87 -19.89 15.33
N LYS C 37 44.89 -20.56 15.86
CA LYS C 37 45.63 -21.53 15.06
C LYS C 37 44.73 -22.65 14.58
N GLU C 38 43.89 -23.19 15.48
CA GLU C 38 42.97 -24.25 15.10
C GLU C 38 42.00 -23.78 14.02
N VAL C 39 41.38 -22.62 14.23
CA VAL C 39 40.38 -22.14 13.28
C VAL C 39 41.03 -21.84 11.93
N TYR C 40 42.21 -21.22 11.95
CA TYR C 40 42.93 -20.92 10.73
C TYR C 40 43.30 -22.19 9.97
N GLU C 41 43.77 -23.21 10.67
CA GLU C 41 44.12 -24.47 10.02
C GLU C 41 42.89 -25.10 9.37
N ILE C 42 41.79 -25.16 10.11
CA ILE C 42 40.57 -25.76 9.56
C ILE C 42 40.08 -24.96 8.37
N LEU C 43 40.12 -23.63 8.46
CA LEU C 43 39.63 -22.78 7.39
C LEU C 43 40.44 -22.99 6.12
N MET C 44 41.76 -22.97 6.23
CA MET C 44 42.58 -23.18 5.04
C MET C 44 42.41 -24.59 4.49
N ARG C 45 42.29 -25.58 5.37
CA ARG C 45 42.14 -26.95 4.90
C ARG C 45 40.85 -27.11 4.11
N THR C 46 39.77 -26.48 4.57
CA THR C 46 38.52 -26.53 3.82
C THR C 46 38.63 -25.70 2.54
N ILE C 47 39.33 -24.56 2.59
CA ILE C 47 39.39 -23.66 1.44
C ILE C 47 40.14 -24.31 0.28
N ALA C 48 41.27 -24.96 0.56
CA ALA C 48 42.09 -25.48 -0.53
C ALA C 48 41.33 -26.48 -1.38
N GLU C 49 40.58 -27.39 -0.75
CA GLU C 49 39.77 -28.37 -1.46
C GLU C 49 38.35 -28.30 -0.91
N PRO C 50 37.55 -27.34 -1.38
CA PRO C 50 36.17 -27.22 -0.86
C PRO C 50 35.36 -28.48 -1.02
N ALA C 51 35.55 -29.19 -2.13
CA ALA C 51 34.94 -30.50 -2.36
C ALA C 51 33.41 -30.40 -2.23
N GLY C 52 32.82 -29.71 -3.19
CA GLY C 52 31.38 -29.62 -3.29
C GLY C 52 30.71 -28.73 -2.28
N ALA C 53 31.37 -28.45 -1.16
CA ALA C 53 30.80 -27.54 -0.17
C ALA C 53 30.59 -26.17 -0.78
N SER C 54 29.34 -25.81 -1.06
CA SER C 54 29.03 -24.47 -1.55
C SER C 54 29.32 -23.38 -0.52
N PHE C 55 29.04 -23.68 0.75
CA PHE C 55 29.21 -22.66 1.79
C PHE C 55 30.06 -23.06 2.97
N ILE C 56 30.77 -22.09 3.54
CA ILE C 56 31.47 -22.37 4.78
C ILE C 56 31.00 -21.29 5.73
N PHE C 57 30.53 -21.69 6.91
CA PHE C 57 30.00 -20.73 7.85
C PHE C 57 30.93 -20.61 9.02
N VAL C 58 31.38 -19.40 9.32
CA VAL C 58 32.21 -19.20 10.48
C VAL C 58 31.39 -18.44 11.50
N TYR C 59 31.24 -19.02 12.69
CA TYR C 59 30.51 -18.33 13.74
C TYR C 59 31.52 -17.93 14.78
N GLY C 60 31.64 -16.64 15.02
CA GLY C 60 32.57 -16.17 16.02
C GLY C 60 31.86 -15.18 16.90
N ALA C 61 32.21 -15.16 18.18
CA ALA C 61 31.62 -14.19 19.07
C ALA C 61 32.16 -12.81 18.70
N SER C 62 31.47 -11.77 19.11
CA SER C 62 32.00 -10.44 18.86
C SER C 62 33.31 -10.32 19.63
N GLY C 63 34.31 -9.69 19.02
CA GLY C 63 35.61 -9.58 19.66
C GLY C 63 36.53 -10.76 19.40
N VAL C 64 36.06 -11.73 18.61
CA VAL C 64 36.92 -12.84 18.24
C VAL C 64 37.20 -12.59 16.78
N GLY C 65 38.30 -13.12 16.24
CA GLY C 65 38.65 -12.77 14.88
C GLY C 65 37.65 -13.06 13.78
N LYS C 66 37.38 -12.06 12.96
CA LYS C 66 36.50 -12.28 11.82
C LYS C 66 37.14 -11.51 10.69
N THR C 67 37.16 -10.19 10.82
CA THR C 67 37.83 -9.38 9.82
C THR C 67 39.32 -9.70 9.84
N THR C 68 39.91 -9.80 11.02
CA THR C 68 41.33 -10.15 11.13
C THR C 68 41.61 -11.54 10.62
N LEU C 69 40.74 -12.49 10.93
CA LEU C 69 40.92 -13.86 10.46
C LEU C 69 40.85 -13.84 8.94
N ARG C 70 39.91 -13.08 8.40
CA ARG C 70 39.77 -12.99 6.96
C ARG C 70 41.02 -12.41 6.34
N LEU C 71 41.57 -11.38 6.98
CA LEU C 71 42.76 -10.74 6.43
C LEU C 71 43.93 -11.71 6.39
N ARG C 72 44.10 -12.51 7.44
CA ARG C 72 45.24 -13.41 7.48
C ARG C 72 45.18 -14.43 6.35
N VAL C 73 44.01 -15.04 6.15
CA VAL C 73 43.86 -16.00 5.06
C VAL C 73 43.98 -15.34 3.69
N GLU C 74 43.42 -14.13 3.54
CA GLU C 74 43.48 -13.45 2.26
C GLU C 74 44.91 -13.13 1.86
N GLN C 75 45.72 -12.68 2.81
CA GLN C 75 47.09 -12.32 2.50
C GLN C 75 47.86 -13.59 2.17
N LYS C 76 47.57 -14.65 2.92
CA LYS C 76 48.27 -15.91 2.69
C LYS C 76 47.94 -16.49 1.33
N LEU C 77 46.67 -16.49 0.93
CA LEU C 77 46.30 -17.02 -0.37
C LEU C 77 46.84 -16.14 -1.49
N THR C 78 46.85 -14.82 -1.31
CA THR C 78 47.44 -13.96 -2.32
C THR C 78 48.92 -14.24 -2.49
N GLU C 79 49.64 -14.42 -1.38
CA GLU C 79 51.05 -14.75 -1.47
C GLU C 79 51.27 -16.09 -2.16
N LEU C 80 50.42 -17.07 -1.84
CA LEU C 80 50.54 -18.38 -2.49
C LEU C 80 50.31 -18.29 -3.99
N ALA C 81 49.31 -17.51 -4.42
CA ALA C 81 49.00 -17.43 -5.83
C ALA C 81 49.89 -16.46 -6.59
N LEU C 82 50.67 -15.63 -5.88
CA LEU C 82 51.49 -14.62 -6.55
C LEU C 82 52.46 -15.21 -7.58
N PRO C 83 53.25 -16.25 -7.27
CA PRO C 83 54.14 -16.79 -8.31
C PRO C 83 53.40 -17.37 -9.50
N LYS C 84 52.19 -17.89 -9.29
CA LYS C 84 51.48 -18.60 -10.34
C LYS C 84 50.86 -17.65 -11.36
N LEU C 85 50.66 -16.37 -10.99
CA LEU C 85 50.03 -15.42 -11.89
C LEU C 85 50.90 -15.07 -13.09
N GLU C 86 52.18 -15.45 -13.09
CA GLU C 86 53.01 -15.21 -14.26
C GLU C 86 52.50 -15.98 -15.47
N SER C 87 52.07 -17.22 -15.27
CA SER C 87 51.54 -18.01 -16.38
C SER C 87 50.23 -17.46 -16.91
N ASP C 88 49.32 -17.05 -16.03
CA ASP C 88 48.03 -16.51 -16.45
C ASP C 88 47.73 -15.28 -15.60
N ARG C 89 47.47 -14.15 -16.26
CA ARG C 89 47.23 -12.89 -15.57
C ARG C 89 45.76 -12.59 -15.36
N ALA C 90 44.86 -13.38 -15.94
CA ALA C 90 43.43 -13.17 -15.75
C ALA C 90 42.94 -13.71 -14.42
N ARG C 91 43.78 -14.40 -13.66
CA ARG C 91 43.37 -15.01 -12.41
C ARG C 91 43.53 -14.04 -11.25
N VAL C 92 42.53 -14.02 -10.38
CA VAL C 92 42.60 -13.27 -9.12
C VAL C 92 42.43 -14.27 -7.97
N PRO C 93 43.26 -14.20 -6.94
CA PRO C 93 43.25 -15.26 -5.94
C PRO C 93 42.06 -15.24 -4.99
N VAL C 94 41.72 -14.06 -4.45
CA VAL C 94 40.72 -13.96 -3.39
C VAL C 94 39.93 -12.67 -3.57
N VAL C 95 38.64 -12.74 -3.31
CA VAL C 95 37.76 -11.58 -3.34
C VAL C 95 37.09 -11.45 -1.98
N GLY C 96 37.13 -10.24 -1.41
CA GLY C 96 36.49 -9.99 -0.14
C GLY C 96 35.60 -8.77 -0.15
N ILE C 97 34.39 -8.90 0.38
CA ILE C 97 33.42 -7.81 0.38
C ILE C 97 32.61 -7.87 1.67
N GLU C 98 32.46 -6.72 2.32
CA GLU C 98 31.63 -6.64 3.50
C GLU C 98 30.16 -6.58 3.12
N ALA C 99 29.34 -7.30 3.87
CA ALA C 99 27.91 -7.32 3.58
C ALA C 99 27.27 -6.00 3.97
N ILE C 100 26.64 -5.34 3.02
CA ILE C 100 26.03 -4.04 3.25
C ILE C 100 24.77 -4.26 4.10
N ALA C 101 24.72 -3.61 5.26
CA ALA C 101 23.50 -3.65 6.05
C ALA C 101 22.41 -2.85 5.34
N PRO C 102 21.16 -3.32 5.38
CA PRO C 102 20.12 -2.68 4.57
C PRO C 102 19.62 -1.39 5.19
N GLU C 103 19.50 -0.37 4.36
CA GLU C 103 18.84 0.86 4.79
C GLU C 103 17.34 0.64 4.96
N SER C 104 16.72 -0.05 4.02
CA SER C 104 15.28 -0.25 4.02
C SER C 104 14.93 -1.44 4.92
N ARG C 105 13.70 -1.92 4.84
CA ARG C 105 13.31 -3.08 5.63
C ARG C 105 13.91 -4.34 5.06
N TYR C 106 14.16 -4.35 3.76
CA TYR C 106 14.66 -5.56 3.11
C TYR C 106 16.10 -5.42 2.67
N PHE C 107 16.81 -6.54 2.56
CA PHE C 107 18.18 -6.50 2.09
C PHE C 107 18.18 -6.18 0.60
N ASN C 108 18.94 -5.17 0.19
CA ASN C 108 19.02 -4.83 -1.23
C ASN C 108 20.07 -5.64 -1.94
N TRP C 109 19.64 -6.61 -2.71
CA TRP C 109 20.60 -7.46 -3.42
C TRP C 109 21.29 -6.71 -4.54
N LYS C 110 20.62 -5.73 -5.13
CA LYS C 110 21.22 -5.00 -6.25
C LYS C 110 22.49 -4.29 -5.80
N GLU C 111 22.45 -3.64 -4.64
CA GLU C 111 23.65 -2.95 -4.15
C GLU C 111 24.75 -3.95 -3.80
N TYR C 112 24.37 -5.10 -3.24
CA TYR C 112 25.36 -6.12 -2.94
C TYR C 112 26.06 -6.61 -4.20
N TYR C 113 25.28 -6.87 -5.25
CA TYR C 113 25.87 -7.28 -6.52
C TYR C 113 26.76 -6.18 -7.08
N THR C 114 26.31 -4.93 -6.99
CA THR C 114 27.12 -3.82 -7.49
C THR C 114 28.46 -3.77 -6.78
N ARG C 115 28.44 -3.86 -5.46
CA ARG C 115 29.69 -3.78 -4.70
C ARG C 115 30.58 -4.99 -4.96
N ALA C 116 30.00 -6.18 -5.08
CA ALA C 116 30.80 -7.37 -5.37
C ALA C 116 31.48 -7.25 -6.73
N LEU C 117 30.73 -6.81 -7.74
CA LEU C 117 31.31 -6.64 -9.07
C LEU C 117 32.36 -5.53 -9.06
N ILE C 118 32.16 -4.51 -8.23
CA ILE C 118 33.17 -3.47 -8.08
C ILE C 118 34.46 -4.06 -7.52
N THR C 119 34.33 -4.92 -6.51
CA THR C 119 35.53 -5.49 -5.88
C THR C 119 36.28 -6.38 -6.86
N LEU C 120 35.61 -6.86 -7.91
CA LEU C 120 36.27 -7.68 -8.91
C LEU C 120 36.98 -6.86 -9.98
N GLU C 121 37.01 -5.54 -9.84
CA GLU C 121 37.74 -4.71 -10.79
C GLU C 121 39.23 -5.05 -10.75
N GLU C 122 39.87 -5.02 -11.91
CA GLU C 122 41.28 -5.31 -12.04
C GLU C 122 41.88 -4.29 -13.01
N PRO C 123 43.11 -3.84 -12.77
CA PRO C 123 43.75 -2.93 -13.73
C PRO C 123 43.94 -3.55 -15.10
N LEU C 124 44.03 -4.88 -15.19
CA LEU C 124 44.18 -5.56 -16.47
C LEU C 124 42.81 -5.79 -17.09
N ILE C 125 42.07 -4.70 -17.32
CA ILE C 125 40.71 -4.80 -17.85
C ILE C 125 40.71 -5.41 -19.24
N ASP C 126 41.82 -5.26 -19.97
CA ASP C 126 41.91 -5.81 -21.32
C ASP C 126 41.77 -7.32 -21.36
N HIS C 127 42.14 -8.00 -20.27
CA HIS C 127 42.06 -9.46 -20.26
C HIS C 127 40.61 -9.95 -20.28
N LYS C 128 39.70 -9.21 -19.65
CA LYS C 128 38.29 -9.55 -19.72
C LYS C 128 37.59 -8.82 -20.87
N PHE C 129 37.75 -7.49 -20.91
CA PHE C 129 37.39 -6.66 -22.07
C PHE C 129 35.88 -6.53 -22.23
N ASP C 130 35.10 -7.28 -21.46
CA ASP C 130 33.65 -7.23 -21.56
C ASP C 130 33.02 -8.00 -20.40
N TYR C 131 31.98 -7.42 -19.81
CA TYR C 131 31.20 -8.13 -18.82
C TYR C 131 29.95 -8.76 -19.40
N GLY C 132 29.69 -8.56 -20.69
CA GLY C 132 28.60 -9.24 -21.35
C GLY C 132 27.22 -8.74 -21.02
N VAL C 133 27.10 -7.61 -20.34
CA VAL C 133 25.80 -7.06 -19.97
C VAL C 133 25.80 -5.56 -20.26
N ARG C 134 24.71 -5.09 -20.87
CA ARG C 134 24.56 -3.66 -21.14
C ARG C 134 24.52 -2.88 -19.83
N GLY C 135 25.15 -1.71 -19.84
CA GLY C 135 25.12 -0.83 -18.69
C GLY C 135 26.32 -0.92 -17.77
N ILE C 136 27.28 -1.79 -18.07
CA ILE C 136 28.48 -1.94 -17.26
C ILE C 136 29.69 -1.78 -18.16
N SER C 137 30.61 -0.90 -17.77
CA SER C 137 31.81 -0.65 -18.55
C SER C 137 32.83 0.05 -17.66
N ARG C 138 34.05 0.16 -18.16
CA ARG C 138 35.09 0.89 -17.45
C ARG C 138 34.78 2.37 -17.45
N ASP C 139 35.15 3.11 -16.41
CA ASP C 139 34.98 4.55 -16.52
C ASP C 139 36.15 4.90 -17.42
N ASN C 140 37.00 3.92 -17.72
CA ASN C 140 38.16 4.08 -18.58
C ASN C 140 39.34 4.73 -17.90
N PHE C 141 39.19 5.02 -16.62
CA PHE C 141 40.30 5.58 -15.86
C PHE C 141 40.52 4.69 -14.66
N GLY C 142 39.82 5.00 -13.58
CA GLY C 142 39.97 4.22 -12.35
C GLY C 142 38.74 3.57 -11.79
N LYS C 143 37.72 3.33 -12.61
CA LYS C 143 36.49 2.82 -12.07
C LYS C 143 35.69 1.97 -13.02
N ILE C 144 34.74 1.21 -12.48
CA ILE C 144 33.86 0.47 -13.33
C ILE C 144 32.59 1.19 -12.97
N ASN C 145 31.86 1.67 -13.96
CA ASN C 145 30.65 2.42 -13.69
C ASN C 145 29.48 1.58 -14.03
N VAL C 146 28.51 1.55 -13.13
CA VAL C 146 27.30 0.83 -13.47
C VAL C 146 26.17 1.84 -13.59
N GLU C 147 25.21 1.54 -14.46
CA GLU C 147 24.07 2.44 -14.65
C GLU C 147 22.95 2.07 -13.68
N SER C 148 22.20 3.08 -13.25
CA SER C 148 21.07 2.83 -12.37
C SER C 148 19.94 2.08 -13.06
N LYS C 149 19.93 2.08 -14.40
CA LYS C 149 18.87 1.40 -15.13
C LYS C 149 19.05 -0.12 -15.14
N VAL C 150 20.21 -0.61 -14.70
CA VAL C 150 20.47 -2.05 -14.74
C VAL C 150 19.62 -2.73 -13.68
N VAL C 151 18.77 -3.67 -14.10
CA VAL C 151 17.94 -4.39 -13.17
C VAL C 151 18.76 -5.49 -12.49
N ALA C 152 18.27 -5.96 -11.35
CA ALA C 152 19.02 -6.91 -10.54
C ALA C 152 19.41 -8.19 -11.26
N PRO C 153 18.53 -8.87 -12.01
CA PRO C 153 18.99 -10.08 -12.71
C PRO C 153 20.13 -9.84 -13.67
N ALA C 154 20.16 -8.68 -14.34
CA ALA C 154 21.28 -8.37 -15.22
C ALA C 154 22.57 -8.25 -14.45
N LEU C 155 22.52 -7.61 -13.28
CA LEU C 155 23.71 -7.53 -12.44
C LEU C 155 24.13 -8.91 -11.97
N ARG C 156 23.17 -9.77 -11.63
CA ARG C 156 23.53 -11.12 -11.22
C ARG C 156 24.21 -11.87 -12.35
N ARG C 157 23.70 -11.72 -13.57
CA ARG C 157 24.31 -12.38 -14.72
C ARG C 157 25.73 -11.87 -14.95
N ALA C 158 25.93 -10.56 -14.87
CA ALA C 158 27.26 -9.99 -15.06
C ALA C 158 28.21 -10.48 -13.98
N LEU C 159 27.76 -10.49 -12.73
CA LEU C 159 28.61 -10.95 -11.64
C LEU C 159 28.96 -12.43 -11.79
N GLU C 160 27.98 -13.24 -12.19
CA GLU C 160 28.23 -14.66 -12.38
C GLU C 160 29.25 -14.89 -13.48
N ASN C 161 29.11 -14.16 -14.60
CA ASN C 161 30.08 -14.29 -15.67
C ASN C 161 31.47 -13.85 -15.23
N ALA C 162 31.57 -12.72 -14.53
CA ALA C 162 32.87 -12.25 -14.06
C ALA C 162 33.50 -13.24 -13.10
N LEU C 163 32.70 -13.82 -12.20
CA LEU C 163 33.23 -14.79 -11.26
C LEU C 163 33.71 -16.04 -11.97
N ILE C 164 32.90 -16.59 -12.88
CA ILE C 164 33.31 -17.82 -13.55
C ILE C 164 34.52 -17.57 -14.43
N HIS C 165 34.68 -16.36 -14.95
CA HIS C 165 35.87 -16.05 -15.72
C HIS C 165 37.11 -15.92 -14.84
N ARG C 166 36.98 -15.21 -13.72
CA ARG C 166 38.12 -15.01 -12.83
C ARG C 166 38.38 -16.23 -11.95
N HIS C 167 37.33 -16.96 -11.59
CA HIS C 167 37.38 -18.11 -10.69
C HIS C 167 38.30 -17.90 -9.49
N PRO C 168 37.94 -17.02 -8.56
CA PRO C 168 38.73 -16.88 -7.33
C PRO C 168 38.60 -18.11 -6.45
N ASP C 169 39.59 -18.31 -5.59
CA ASP C 169 39.61 -19.50 -4.76
C ASP C 169 38.52 -19.45 -3.68
N VAL C 170 38.08 -18.26 -3.29
CA VAL C 170 37.12 -18.11 -2.21
C VAL C 170 36.51 -16.72 -2.28
N PHE C 171 35.23 -16.62 -1.94
CA PHE C 171 34.51 -15.35 -1.92
C PHE C 171 34.14 -15.05 -0.48
N PHE C 172 34.78 -14.05 0.10
CA PHE C 172 34.58 -13.70 1.51
C PHE C 172 33.47 -12.67 1.64
N VAL C 173 32.53 -12.93 2.54
CA VAL C 173 31.48 -11.98 2.89
C VAL C 173 31.54 -11.79 4.40
N ASP C 174 31.93 -10.60 4.83
CA ASP C 174 32.05 -10.28 6.24
C ASP C 174 30.75 -9.64 6.75
N GLU C 175 30.54 -9.72 8.06
CA GLU C 175 29.30 -9.27 8.68
C GLU C 175 28.09 -9.91 7.99
N ALA C 176 28.17 -11.22 7.80
CA ALA C 176 27.15 -11.93 7.02
C ALA C 176 25.78 -11.90 7.67
N GLN C 177 25.69 -11.60 8.97
CA GLN C 177 24.40 -11.61 9.63
C GLN C 177 23.48 -10.52 9.10
N HIS C 178 24.01 -9.56 8.34
CA HIS C 178 23.15 -8.56 7.72
C HIS C 178 22.21 -9.20 6.71
N PHE C 179 22.54 -10.39 6.21
CA PHE C 179 21.62 -11.11 5.32
C PHE C 179 20.31 -11.42 6.02
N GLY C 180 20.34 -11.58 7.34
CA GLY C 180 19.12 -11.89 8.06
C GLY C 180 18.16 -10.73 8.18
N LYS C 181 18.59 -9.52 7.88
CA LYS C 181 17.73 -8.34 7.99
C LYS C 181 16.76 -8.35 6.83
N VAL C 182 15.70 -9.14 6.98
CA VAL C 182 14.67 -9.29 5.96
C VAL C 182 13.32 -9.10 6.64
N ALA C 183 12.31 -8.76 5.84
CA ALA C 183 10.97 -8.56 6.37
C ALA C 183 10.42 -9.85 6.97
N SER C 184 9.27 -9.74 7.62
CA SER C 184 8.68 -10.89 8.28
C SER C 184 8.28 -11.95 7.26
N GLY C 185 8.32 -13.21 7.70
CA GLY C 185 8.03 -14.34 6.85
C GLY C 185 9.25 -15.22 6.65
N TYR C 186 9.02 -16.34 5.97
CA TYR C 186 10.07 -17.32 5.72
C TYR C 186 11.06 -16.87 4.66
N LYS C 187 11.01 -15.60 4.25
CA LYS C 187 11.98 -15.06 3.30
C LYS C 187 13.40 -15.20 3.82
N LEU C 188 13.58 -15.59 5.08
CA LEU C 188 14.91 -15.84 5.61
C LEU C 188 15.58 -16.98 4.87
N GLN C 189 14.81 -18.01 4.48
CA GLN C 189 15.38 -19.10 3.71
C GLN C 189 15.74 -18.65 2.30
N ASP C 190 14.92 -17.77 1.71
CA ASP C 190 15.25 -17.26 0.38
C ASP C 190 16.52 -16.42 0.41
N GLN C 191 16.75 -15.67 1.48
CA GLN C 191 17.97 -14.91 1.62
C GLN C 191 19.21 -15.77 1.56
N LEU C 192 19.10 -17.07 1.85
CA LEU C 192 20.21 -17.99 1.71
C LEU C 192 20.18 -18.76 0.41
N ASP C 193 18.98 -19.09 -0.09
CA ASP C 193 18.87 -19.78 -1.37
C ASP C 193 19.42 -18.94 -2.51
N CYS C 194 19.19 -17.63 -2.45
CA CYS C 194 19.70 -16.75 -3.50
C CYS C 194 21.23 -16.82 -3.58
N LEU C 195 21.88 -16.81 -2.42
CA LEU C 195 23.33 -16.94 -2.40
C LEU C 195 23.76 -18.33 -2.85
N LYS C 196 23.01 -19.36 -2.45
CA LYS C 196 23.36 -20.73 -2.81
C LYS C 196 23.34 -20.91 -4.32
N SER C 197 22.33 -20.36 -4.99
CA SER C 197 22.23 -20.51 -6.44
C SER C 197 23.43 -19.89 -7.14
N LEU C 198 23.81 -18.68 -6.73
CA LEU C 198 24.97 -18.02 -7.34
C LEU C 198 26.24 -18.80 -7.08
N ALA C 199 26.43 -19.26 -5.84
CA ALA C 199 27.64 -20.02 -5.53
C ALA C 199 27.67 -21.32 -6.30
N ASN C 200 26.51 -21.89 -6.59
CA ASN C 200 26.46 -23.16 -7.30
C ASN C 200 26.78 -22.99 -8.78
N MET C 201 26.22 -21.95 -9.42
CA MET C 201 26.58 -21.74 -10.82
C MET C 201 28.06 -21.37 -10.96
N THR C 202 28.54 -20.45 -10.13
CA THR C 202 29.91 -19.98 -10.30
C THR C 202 30.95 -20.94 -9.75
N GLY C 203 30.53 -21.93 -8.96
CA GLY C 203 31.48 -22.86 -8.38
C GLY C 203 32.50 -22.19 -7.48
N ILE C 204 32.09 -21.17 -6.74
CA ILE C 204 32.98 -20.41 -5.87
C ILE C 204 32.54 -20.63 -4.42
N LEU C 205 33.48 -21.06 -3.59
CA LEU C 205 33.16 -21.34 -2.19
C LEU C 205 32.97 -20.03 -1.44
N HIS C 206 31.77 -19.82 -0.91
CA HIS C 206 31.45 -18.60 -0.19
C HIS C 206 31.74 -18.77 1.28
N CYS C 207 32.42 -17.79 1.86
CA CYS C 207 32.72 -17.77 3.29
C CYS C 207 31.91 -16.65 3.94
N LEU C 208 31.12 -17.01 4.94
CA LEU C 208 30.29 -16.06 5.67
C LEU C 208 30.79 -15.94 7.10
N LEU C 209 31.11 -14.72 7.51
CA LEU C 209 31.58 -14.44 8.86
C LEU C 209 30.61 -13.48 9.54
N GLY C 210 30.35 -13.74 10.82
CA GLY C 210 29.45 -12.87 11.56
C GLY C 210 29.32 -13.34 12.99
N THR C 211 28.51 -12.60 13.75
CA THR C 211 28.24 -12.96 15.12
C THR C 211 27.24 -14.11 15.17
N TYR C 212 26.83 -14.46 16.40
CA TYR C 212 25.92 -15.58 16.58
C TYR C 212 24.53 -15.32 16.03
N GLU C 213 24.25 -14.11 15.55
CA GLU C 213 23.01 -13.88 14.81
C GLU C 213 22.99 -14.72 13.54
N LEU C 214 24.15 -15.17 13.08
CA LEU C 214 24.23 -15.97 11.88
C LEU C 214 23.70 -17.37 12.08
N LEU C 215 23.47 -17.78 13.34
CA LEU C 215 22.94 -19.12 13.59
C LEU C 215 21.57 -19.34 12.98
N THR C 216 20.84 -18.26 12.69
CA THR C 216 19.55 -18.41 12.03
C THR C 216 19.69 -19.01 10.64
N PHE C 217 20.88 -18.96 10.06
CA PHE C 217 21.14 -19.55 8.75
C PHE C 217 21.71 -20.96 8.86
N ARG C 218 21.93 -21.48 10.07
CA ARG C 218 22.76 -22.67 10.24
C ARG C 218 22.13 -23.92 9.64
N ASN C 219 20.85 -24.17 9.91
CA ASN C 219 20.24 -25.44 9.56
C ASN C 219 18.88 -25.23 8.92
N LEU C 220 18.80 -24.33 7.94
CA LEU C 220 17.51 -23.99 7.36
C LEU C 220 16.92 -25.17 6.59
N SER C 221 17.69 -25.78 5.69
CA SER C 221 17.15 -26.80 4.81
C SER C 221 18.16 -27.90 4.62
N GLY C 222 17.69 -29.04 4.11
CA GLY C 222 18.55 -30.20 3.96
C GLY C 222 19.73 -29.94 3.04
N GLN C 223 19.47 -29.35 1.87
CA GLN C 223 20.54 -29.07 0.93
C GLN C 223 21.54 -28.09 1.51
N LEU C 224 21.03 -27.02 2.15
CA LEU C 224 21.92 -26.04 2.76
C LEU C 224 22.76 -26.67 3.86
N SER C 225 22.15 -27.51 4.69
CA SER C 225 22.89 -28.17 5.75
C SER C 225 23.93 -29.12 5.19
N ARG C 226 23.66 -29.74 4.04
CA ARG C 226 24.63 -30.63 3.43
C ARG C 226 25.82 -29.88 2.88
N ARG C 227 25.57 -28.87 2.04
CA ARG C 227 26.67 -28.17 1.36
C ARG C 227 27.33 -27.04 2.14
N SER C 228 27.07 -26.98 3.44
CA SER C 228 27.67 -25.95 4.28
C SER C 228 28.56 -26.62 5.31
N VAL C 229 29.63 -25.92 5.69
CA VAL C 229 30.59 -26.40 6.67
C VAL C 229 30.59 -25.42 7.84
N ASP C 230 30.39 -25.95 9.05
CA ASP C 230 30.34 -25.10 10.23
C ASP C 230 31.71 -25.04 10.90
N ILE C 231 32.18 -23.83 11.16
CA ILE C 231 33.43 -23.59 11.87
C ILE C 231 33.14 -22.65 13.02
N HIS C 232 33.33 -23.13 14.24
CA HIS C 232 33.03 -22.35 15.44
C HIS C 232 34.33 -21.74 15.97
N PHE C 233 34.36 -20.41 16.04
CA PHE C 233 35.51 -19.69 16.58
C PHE C 233 35.30 -19.53 18.08
N ARG C 234 35.72 -20.54 18.84
CA ARG C 234 35.46 -20.56 20.27
C ARG C 234 36.25 -19.48 20.99
N ARG C 235 35.58 -18.78 21.91
CA ARG C 235 36.28 -17.94 22.86
C ARG C 235 36.92 -18.83 23.93
N TYR C 236 37.80 -18.22 24.72
CA TYR C 236 38.43 -18.97 25.81
C TYR C 236 37.49 -18.99 27.01
N CYS C 237 36.97 -20.16 27.33
CA CYS C 237 36.01 -20.29 28.43
C CYS C 237 36.74 -20.38 29.76
N ALA C 238 36.02 -20.07 30.83
CA ALA C 238 36.60 -20.16 32.17
C ALA C 238 36.33 -21.49 32.84
N ASP C 239 35.66 -22.41 32.15
CA ASP C 239 35.25 -23.66 32.77
C ASP C 239 36.33 -24.74 32.72
N SER C 240 37.41 -24.53 31.97
CA SER C 240 38.43 -25.56 31.84
C SER C 240 39.80 -24.93 32.10
N PRO C 241 40.71 -25.68 32.73
CA PRO C 241 42.05 -25.13 32.99
C PRO C 241 42.82 -24.80 31.72
N GLU C 242 42.56 -25.51 30.62
CA GLU C 242 43.33 -25.28 29.39
C GLU C 242 43.12 -23.86 28.87
N ASP C 243 41.87 -23.42 28.79
CA ASP C 243 41.59 -22.08 28.30
C ASP C 243 42.13 -21.02 29.25
N VAL C 244 42.08 -21.29 30.55
CA VAL C 244 42.63 -20.34 31.53
C VAL C 244 44.12 -20.20 31.32
N GLN C 245 44.81 -21.32 31.11
CA GLN C 245 46.26 -21.27 30.88
C GLN C 245 46.58 -20.55 29.58
N ALA C 246 45.79 -20.78 28.54
CA ALA C 246 46.02 -20.08 27.28
C ALA C 246 45.81 -18.58 27.45
N PHE C 247 44.79 -18.19 28.22
CA PHE C 247 44.57 -16.78 28.51
C PHE C 247 45.75 -16.20 29.27
N LYS C 248 46.29 -16.96 30.23
CA LYS C 248 47.46 -16.50 30.96
C LYS C 248 48.64 -16.30 30.01
N SER C 249 48.82 -17.23 29.07
CA SER C 249 49.94 -17.14 28.14
C SER C 249 49.80 -15.93 27.22
N VAL C 250 48.60 -15.69 26.70
CA VAL C 250 48.41 -14.55 25.80
C VAL C 250 48.56 -13.25 26.57
N LEU C 251 48.10 -13.22 27.82
CA LEU C 251 48.32 -12.04 28.64
C LEU C 251 49.81 -11.81 28.89
N LEU C 252 50.56 -12.88 29.12
CA LEU C 252 52.00 -12.73 29.30
C LEU C 252 52.66 -12.19 28.04
N THR C 253 52.25 -12.68 26.88
CA THR C 253 52.81 -12.16 25.63
C THR C 253 52.49 -10.68 25.46
N PHE C 254 51.25 -10.28 25.73
CA PHE C 254 50.90 -8.87 25.64
C PHE C 254 51.72 -8.05 26.63
N GLN C 255 51.89 -8.57 27.85
CA GLN C 255 52.69 -7.88 28.86
C GLN C 255 54.12 -7.67 28.37
N GLN C 256 54.70 -8.69 27.75
CA GLN C 256 56.07 -8.60 27.27
C GLN C 256 56.20 -7.77 26.00
N HIS C 257 55.10 -7.51 25.28
CA HIS C 257 55.19 -6.85 23.99
C HIS C 257 54.64 -5.43 23.95
N LEU C 258 54.03 -4.94 25.02
CA LEU C 258 53.62 -3.54 25.02
C LEU C 258 54.82 -2.65 25.36
N PRO C 259 55.19 -1.71 24.50
CA PRO C 259 56.43 -0.93 24.67
C PRO C 259 56.36 0.18 25.72
N LEU C 260 56.59 -0.21 26.97
CA LEU C 260 56.70 0.74 28.07
C LEU C 260 58.07 0.63 28.72
N ALA C 261 58.39 1.62 29.56
CA ALA C 261 59.68 1.61 30.24
C ALA C 261 59.83 0.39 31.14
N GLU C 262 58.77 0.06 31.89
CA GLU C 262 58.77 -1.13 32.72
C GLU C 262 57.48 -1.91 32.45
N THR C 263 57.59 -3.22 32.39
CA THR C 263 56.42 -4.04 32.07
C THR C 263 55.52 -4.15 33.30
N PRO C 264 54.27 -3.73 33.21
CA PRO C 264 53.35 -3.90 34.34
C PRO C 264 52.95 -5.35 34.49
N ASN C 265 52.51 -5.70 35.69
CA ASN C 265 52.03 -7.05 35.95
C ASN C 265 50.52 -7.09 35.76
N LEU C 266 50.06 -7.83 34.74
CA LEU C 266 48.64 -7.94 34.48
C LEU C 266 48.11 -9.34 34.74
N VAL C 267 48.98 -10.35 34.75
CA VAL C 267 48.52 -11.71 35.05
C VAL C 267 47.96 -11.78 36.46
N ASP C 268 48.42 -10.90 37.36
CA ASP C 268 47.84 -10.83 38.69
C ASP C 268 46.41 -10.32 38.65
N HIS C 269 46.01 -9.65 37.56
CA HIS C 269 44.64 -9.18 37.38
C HIS C 269 43.93 -9.92 36.26
N TRP C 270 44.29 -11.18 36.02
CA TRP C 270 43.72 -11.91 34.90
C TRP C 270 42.22 -12.08 35.04
N GLU C 271 41.73 -12.26 36.27
CA GLU C 271 40.30 -12.44 36.48
C GLU C 271 39.53 -11.20 36.04
N TYR C 272 40.05 -10.01 36.36
CA TYR C 272 39.39 -8.78 35.92
C TYR C 272 39.37 -8.67 34.41
N PHE C 273 40.48 -9.01 33.76
CA PHE C 273 40.53 -8.95 32.30
C PHE C 273 39.52 -9.90 31.68
N TYR C 274 39.42 -11.12 32.23
CA TYR C 274 38.39 -12.04 31.76
C TYR C 274 37.00 -11.47 31.99
N GLU C 275 36.80 -10.83 33.14
CA GLU C 275 35.49 -10.26 33.45
C GLU C 275 35.08 -9.20 32.44
N ARG C 276 36.05 -8.41 31.96
CA ARG C 276 35.74 -7.34 31.02
C ARG C 276 36.07 -7.70 29.58
N THR C 277 36.34 -8.98 29.29
CA THR C 277 36.58 -9.41 27.92
C THR C 277 35.85 -10.69 27.53
N LEU C 278 35.34 -11.45 28.48
CA LEU C 278 34.62 -12.70 28.25
C LEU C 278 35.46 -13.76 27.54
N GLY C 279 36.78 -13.66 27.64
CA GLY C 279 37.63 -14.67 27.05
C GLY C 279 38.06 -14.46 25.62
N CYS C 280 37.43 -13.53 24.92
CA CYS C 280 37.89 -13.26 23.57
C CYS C 280 39.07 -12.31 23.64
N ILE C 281 40.22 -12.75 23.11
CA ILE C 281 41.43 -11.94 23.19
C ILE C 281 41.40 -10.66 22.36
N GLY C 282 40.63 -10.64 21.27
CA GLY C 282 40.58 -9.46 20.42
C GLY C 282 40.04 -8.22 21.11
N THR C 283 38.98 -8.38 21.90
CA THR C 283 38.46 -7.26 22.66
C THR C 283 39.55 -6.86 23.63
N LEU C 284 40.21 -7.86 24.21
CA LEU C 284 41.31 -7.59 25.13
C LEU C 284 42.41 -6.78 24.45
N LYS C 285 42.76 -7.16 23.23
CA LYS C 285 43.78 -6.42 22.50
C LYS C 285 43.37 -4.97 22.30
N ASP C 286 42.11 -4.75 21.91
CA ASP C 286 41.62 -3.38 21.66
C ASP C 286 41.60 -2.56 22.92
N TRP C 287 41.13 -3.14 24.02
CA TRP C 287 41.08 -2.45 25.30
C TRP C 287 42.47 -2.08 25.78
N LEU C 288 43.40 -3.02 25.70
CA LEU C 288 44.75 -2.72 26.15
C LEU C 288 45.44 -1.76 25.19
N LYS C 289 45.07 -1.75 23.92
CA LYS C 289 45.52 -0.72 22.99
C LYS C 289 45.06 0.65 23.45
N ARG C 290 43.80 0.75 23.86
CA ARG C 290 43.28 2.03 24.36
C ARG C 290 44.06 2.47 25.59
N VAL C 291 44.30 1.56 26.52
CA VAL C 291 44.99 1.96 27.75
C VAL C 291 46.44 2.32 27.44
N LEU C 292 47.06 1.64 26.47
CA LEU C 292 48.43 1.97 26.08
C LEU C 292 48.49 3.38 25.48
N SER C 293 47.53 3.71 24.63
CA SER C 293 47.49 5.06 24.07
C SER C 293 47.29 6.09 25.17
N ASP C 294 46.39 5.81 26.12
CA ASP C 294 46.15 6.75 27.21
C ASP C 294 47.40 6.95 28.05
N ALA C 295 48.13 5.87 28.33
CA ALA C 295 49.37 6.00 29.10
C ALA C 295 50.43 6.76 28.31
N LEU C 296 50.53 6.52 27.01
CA LEU C 296 51.51 7.21 26.20
C LEU C 296 51.19 8.69 26.08
N ASP C 297 49.92 9.05 26.20
CA ASP C 297 49.52 10.46 26.15
C ASP C 297 50.11 11.25 27.31
N ARG C 298 50.52 10.55 28.37
CA ARG C 298 51.18 11.22 29.48
C ARG C 298 52.56 10.62 29.78
N GLU C 299 53.15 9.90 28.83
CA GLU C 299 54.46 9.26 29.00
C GLU C 299 54.59 8.56 30.35
N ALA C 300 53.55 7.81 30.72
CA ALA C 300 53.60 7.04 31.96
C ALA C 300 54.55 5.86 31.79
N THR C 301 55.21 5.49 32.89
CA THR C 301 56.17 4.40 32.85
C THR C 301 55.49 3.03 32.82
N THR C 302 54.30 2.91 33.38
CA THR C 302 53.66 1.60 33.50
C THR C 302 52.15 1.78 33.56
N ILE C 303 51.45 0.67 33.35
CA ILE C 303 50.00 0.64 33.39
C ILE C 303 49.53 0.36 34.81
N THR C 304 48.56 1.14 35.28
CA THR C 304 47.96 0.95 36.58
C THR C 304 46.53 0.45 36.42
N LEU C 305 45.99 -0.09 37.52
CA LEU C 305 44.63 -0.61 37.48
C LEU C 305 43.62 0.50 37.21
N LYS C 306 43.88 1.70 37.72
CA LYS C 306 42.98 2.82 37.47
C LYS C 306 42.91 3.15 35.99
N ASP C 307 44.05 3.11 35.30
CA ASP C 307 44.05 3.40 33.87
C ASP C 307 43.23 2.37 33.11
N LEU C 308 43.37 1.09 33.47
CA LEU C 308 42.57 0.05 32.84
C LEU C 308 41.08 0.27 33.11
N GLN C 309 40.74 0.62 34.35
CA GLN C 309 39.33 0.85 34.68
C GLN C 309 38.77 2.04 33.93
N LYS C 310 39.60 3.02 33.61
CA LYS C 310 39.12 4.23 32.96
C LYS C 310 38.58 3.99 31.56
N ARG C 311 38.96 2.88 30.92
CA ARG C 311 38.51 2.60 29.56
C ARG C 311 37.91 1.21 29.40
N ALA C 312 37.64 0.51 30.50
CA ALA C 312 37.06 -0.82 30.40
C ALA C 312 35.61 -0.74 29.94
N LEU C 313 35.13 -1.83 29.36
CA LEU C 313 33.73 -1.92 28.98
C LEU C 313 32.85 -1.93 30.23
N SER C 314 31.70 -1.28 30.13
CA SER C 314 30.76 -1.28 31.24
C SER C 314 30.18 -2.66 31.45
N VAL C 315 29.86 -2.96 32.72
CA VAL C 315 29.31 -4.27 33.06
C VAL C 315 27.97 -4.48 32.37
N ALA C 316 27.21 -3.39 32.18
CA ALA C 316 25.95 -3.50 31.46
C ALA C 316 26.15 -3.95 30.03
N GLN C 317 27.29 -3.60 29.43
CA GLN C 317 27.61 -4.09 28.09
C GLN C 317 27.98 -5.56 28.12
N CYS C 318 28.86 -5.94 29.04
CA CYS C 318 29.33 -7.31 29.07
C CYS C 318 28.22 -8.28 29.41
N GLN C 319 27.18 -7.81 30.13
CA GLN C 319 26.09 -8.71 30.46
C GLN C 319 25.30 -9.10 29.21
N LYS C 320 24.98 -8.13 28.35
CA LYS C 320 24.33 -8.44 27.08
C LYS C 320 25.26 -9.26 26.18
N MET C 321 26.55 -8.93 26.21
CA MET C 321 27.54 -9.72 25.49
C MET C 321 27.45 -11.19 25.88
N PHE C 322 27.44 -11.46 27.18
CA PHE C 322 27.45 -12.84 27.65
C PHE C 322 26.12 -13.51 27.37
N LYS C 323 25.02 -12.76 27.43
CA LYS C 323 23.73 -13.36 27.07
C LYS C 323 23.76 -13.84 25.63
N GLU C 324 24.23 -12.99 24.72
CA GLU C 324 24.33 -13.41 23.32
C GLU C 324 25.29 -14.59 23.16
N ILE C 325 26.41 -14.56 23.87
CA ILE C 325 27.40 -15.61 23.72
C ILE C 325 26.84 -16.94 24.21
N GLN C 326 26.13 -16.94 25.33
CA GLN C 326 25.49 -18.16 25.81
C GLN C 326 24.44 -18.65 24.82
N GLU C 327 23.63 -17.73 24.30
CA GLU C 327 22.62 -18.10 23.32
C GLU C 327 23.24 -18.83 22.14
N GLY C 328 24.38 -18.35 21.66
CA GLY C 328 25.07 -19.01 20.56
C GLY C 328 25.71 -20.32 20.95
N GLU C 329 26.46 -20.32 22.05
CA GLU C 329 27.26 -21.48 22.43
C GLU C 329 26.39 -22.67 22.80
N ARG C 330 25.24 -22.43 23.44
CA ARG C 330 24.35 -23.53 23.75
C ARG C 330 23.88 -24.21 22.46
N GLN C 331 23.57 -23.41 21.44
CA GLN C 331 23.13 -24.00 20.18
C GLN C 331 24.26 -24.73 19.47
N LEU C 332 25.48 -24.20 19.51
CA LEU C 332 26.58 -24.85 18.81
C LEU C 332 27.19 -26.02 19.56
N SER C 333 26.56 -26.48 20.65
CA SER C 333 27.10 -27.60 21.39
C SER C 333 26.47 -28.91 20.94
N GLU C 334 27.24 -30.00 21.10
CA GLU C 334 26.76 -31.33 20.77
C GLU C 334 27.34 -32.32 21.77
N THR C 335 26.61 -33.41 21.99
CA THR C 335 27.02 -34.43 22.93
C THR C 335 26.84 -35.81 22.31
N GLU C 336 27.34 -36.83 23.03
CA GLU C 336 27.09 -38.20 22.62
C GLU C 336 25.62 -38.54 22.60
N ALA C 337 24.82 -37.86 23.43
CA ALA C 337 23.38 -38.09 23.42
C ALA C 337 22.78 -37.76 22.06
N ASP C 338 23.24 -36.66 21.45
CA ASP C 338 22.75 -36.30 20.12
C ASP C 338 23.13 -37.36 19.09
N VAL C 339 24.37 -37.86 19.15
CA VAL C 339 24.81 -38.87 18.20
C VAL C 339 23.98 -40.14 18.35
N GLN C 340 23.74 -40.57 19.59
CA GLN C 340 22.93 -41.75 19.81
C GLN C 340 21.49 -41.53 19.35
N ASN C 341 20.96 -40.34 19.58
CA ASN C 341 19.61 -40.01 19.11
C ASN C 341 19.54 -40.10 17.59
N LEU C 342 20.56 -39.59 16.91
CA LEU C 342 20.57 -39.64 15.45
C LEU C 342 20.63 -41.09 14.96
N ARG C 343 21.58 -41.87 15.48
CA ARG C 343 21.72 -43.23 15.00
C ARG C 343 20.61 -44.14 15.47
N SER C 344 19.79 -43.69 16.42
CA SER C 344 18.56 -44.39 16.77
C SER C 344 17.37 -43.96 15.90
N ALA C 345 17.29 -42.69 15.53
CA ALA C 345 16.26 -42.24 14.60
C ALA C 345 16.43 -42.92 13.25
N LEU C 346 17.67 -43.10 12.82
CA LEU C 346 17.90 -43.85 11.57
C LEU C 346 17.96 -45.34 11.89
N GLY C 347 17.98 -46.19 10.87
CA GLY C 347 17.93 -47.62 11.13
C GLY C 347 19.29 -48.23 11.43
N LEU C 348 19.83 -47.94 12.60
CA LEU C 348 21.13 -48.48 12.99
C LEU C 348 20.97 -49.28 14.27
N GLY C 349 21.57 -50.46 14.33
CA GLY C 349 21.42 -51.30 15.50
C GLY C 349 21.95 -50.64 16.75
N ALA C 350 23.08 -49.95 16.64
CA ALA C 350 23.61 -49.23 17.78
C ALA C 350 22.75 -48.01 18.07
N THR D 8 38.52 37.26 39.90
CA THR D 8 38.12 37.41 38.51
C THR D 8 36.75 38.09 38.41
N GLY D 9 36.41 38.52 37.21
CA GLY D 9 35.13 39.18 36.98
C GLY D 9 35.04 39.67 35.56
N PHE D 10 33.86 40.18 35.22
CA PHE D 10 33.65 40.72 33.89
C PHE D 10 34.45 42.01 33.72
N PRO D 11 34.86 42.33 32.49
CA PRO D 11 35.57 43.60 32.26
C PRO D 11 34.73 44.79 32.67
N LEU D 12 35.30 45.65 33.53
CA LEU D 12 34.55 46.81 34.02
C LEU D 12 34.25 47.79 32.90
N GLU D 13 35.01 47.75 31.80
CA GLU D 13 34.77 48.63 30.68
C GLU D 13 33.41 48.38 30.03
N LEU D 14 32.86 47.17 30.20
CA LEU D 14 31.56 46.86 29.62
C LEU D 14 30.45 47.73 30.19
N LEU D 15 30.65 48.32 31.36
CA LEU D 15 29.66 49.23 31.91
C LEU D 15 29.45 50.45 31.03
N THR D 16 30.48 50.91 30.32
CA THR D 16 30.34 52.00 29.37
C THR D 16 29.79 51.54 28.03
N ARG D 17 29.98 50.28 27.68
CA ARG D 17 29.51 49.76 26.41
C ARG D 17 27.99 49.63 26.41
N PRO D 18 27.37 49.58 25.24
CA PRO D 18 25.92 49.36 25.18
C PRO D 18 25.56 47.98 25.69
N ALA D 19 24.26 47.84 26.04
CA ALA D 19 23.77 46.59 26.62
C ALA D 19 24.01 45.40 25.69
N THR D 20 24.03 45.66 24.38
CA THR D 20 24.30 44.58 23.43
C THR D 20 25.69 44.00 23.63
N GLU D 21 26.68 44.84 23.91
CA GLU D 21 28.02 44.33 24.17
C GLU D 21 28.06 43.46 25.42
N ARG D 22 27.37 43.90 26.50
CA ARG D 22 27.31 43.10 27.70
C ARG D 22 26.66 41.75 27.44
N LEU D 23 25.56 41.77 26.68
CA LEU D 23 24.85 40.53 26.39
C LEU D 23 25.73 39.59 25.57
N ALA D 24 26.44 40.14 24.58
CA ALA D 24 27.33 39.30 23.78
C ALA D 24 28.44 38.71 24.64
N TYR D 25 29.03 39.51 25.52
CA TYR D 25 30.08 38.99 26.38
C TYR D 25 29.56 37.87 27.27
N PHE D 26 28.36 38.06 27.84
CA PHE D 26 27.80 36.98 28.65
C PHE D 26 27.49 35.76 27.81
N GLU D 27 27.14 35.96 26.54
CA GLU D 27 26.88 34.82 25.66
C GLU D 27 28.14 34.01 25.43
N ASN D 28 29.24 34.67 25.06
CA ASN D 28 30.45 33.92 24.75
C ASN D 28 31.15 33.39 25.99
N TYR D 29 30.77 33.83 27.18
CA TYR D 29 31.41 33.36 28.39
C TYR D 29 31.07 31.90 28.64
N THR D 30 32.05 31.13 29.08
CA THR D 30 31.88 29.71 29.36
C THR D 30 32.55 29.37 30.68
N VAL D 31 32.01 28.36 31.37
CA VAL D 31 32.57 27.91 32.64
C VAL D 31 32.93 26.46 32.45
N ALA D 32 34.21 26.13 32.65
CA ALA D 32 34.66 24.76 32.53
C ALA D 32 34.41 24.05 33.85
N HIS D 33 33.17 23.68 34.11
CA HIS D 33 32.82 23.02 35.36
C HIS D 33 33.37 21.60 35.38
N PRO D 34 33.53 21.01 36.59
CA PRO D 34 34.15 19.69 36.65
C PRO D 34 33.43 18.59 35.87
N ARG D 35 32.10 18.58 35.84
CA ARG D 35 31.41 17.58 35.03
C ARG D 35 31.78 17.74 33.57
N LEU D 36 31.81 18.97 33.07
CA LEU D 36 32.18 19.19 31.68
C LEU D 36 33.60 18.75 31.44
N LYS D 37 34.50 19.11 32.35
CA LYS D 37 35.91 18.78 32.15
C LYS D 37 36.17 17.29 32.12
N GLU D 38 35.52 16.55 33.01
CA GLU D 38 35.71 15.11 33.05
C GLU D 38 35.21 14.50 31.76
N VAL D 39 34.00 14.87 31.36
CA VAL D 39 33.41 14.29 30.15
C VAL D 39 34.20 14.69 28.91
N TYR D 40 34.63 15.95 28.86
CA TYR D 40 35.43 16.44 27.74
C TYR D 40 36.77 15.70 27.65
N GLU D 41 37.43 15.49 28.79
CA GLU D 41 38.68 14.76 28.79
C GLU D 41 38.47 13.34 28.28
N ILE D 42 37.43 12.67 28.77
CA ILE D 42 37.17 11.29 28.35
C ILE D 42 36.87 11.24 26.86
N LEU D 43 36.05 12.17 26.38
CA LEU D 43 35.66 12.16 24.98
C LEU D 43 36.86 12.39 24.07
N MET D 44 37.71 13.34 24.41
CA MET D 44 38.88 13.60 23.58
C MET D 44 39.86 12.43 23.61
N ARG D 45 40.07 11.84 24.80
CA ARG D 45 40.97 10.70 24.87
C ARG D 45 40.43 9.51 24.11
N THR D 46 39.11 9.37 24.03
CA THR D 46 38.53 8.27 23.27
C THR D 46 38.63 8.52 21.77
N ILE D 47 38.38 9.76 21.35
CA ILE D 47 38.46 10.08 19.91
C ILE D 47 39.90 9.97 19.43
N ALA D 48 40.86 10.35 20.26
CA ALA D 48 42.27 10.25 19.85
C ALA D 48 42.67 8.82 19.56
N GLU D 49 41.97 7.84 20.14
CA GLU D 49 42.27 6.44 19.89
C GLU D 49 41.04 5.58 20.16
N PRO D 50 40.22 5.32 19.14
CA PRO D 50 38.98 4.56 19.38
C PRO D 50 39.22 3.07 19.52
N ALA D 51 40.24 2.55 18.84
CA ALA D 51 40.60 1.14 18.88
C ALA D 51 39.39 0.25 18.59
N GLY D 52 38.91 0.34 17.35
CA GLY D 52 37.87 -0.53 16.87
C GLY D 52 36.47 -0.14 17.24
N ALA D 53 36.27 0.60 18.32
CA ALA D 53 34.93 1.07 18.67
C ALA D 53 34.40 1.96 17.57
N SER D 54 33.13 1.77 17.23
CA SER D 54 32.49 2.51 16.14
C SER D 54 31.35 3.41 16.60
N PHE D 55 31.17 3.59 17.91
CA PHE D 55 30.15 4.50 18.41
C PHE D 55 30.60 5.10 19.72
N ILE D 56 30.45 6.41 19.83
CA ILE D 56 30.61 7.13 21.10
C ILE D 56 29.26 7.71 21.46
N PHE D 57 28.65 7.17 22.51
CA PHE D 57 27.36 7.64 22.97
C PHE D 57 27.57 8.64 24.10
N VAL D 58 26.99 9.82 23.96
CA VAL D 58 27.08 10.85 24.98
C VAL D 58 25.66 11.12 25.45
N TYR D 59 25.23 10.42 26.49
CA TYR D 59 23.92 10.68 27.08
C TYR D 59 24.00 11.84 28.06
N GLY D 60 22.91 12.57 28.17
CA GLY D 60 22.85 13.66 29.12
C GLY D 60 21.48 14.28 29.13
N ALA D 61 21.13 14.95 30.20
CA ALA D 61 19.84 15.50 30.25
C ALA D 61 19.80 16.63 29.31
N SER D 62 18.60 16.99 28.89
CA SER D 62 18.50 18.15 28.05
C SER D 62 18.93 19.26 28.91
N GLY D 63 19.60 20.21 28.34
CA GLY D 63 20.14 21.31 29.11
C GLY D 63 21.48 21.07 29.73
N VAL D 64 22.06 19.93 29.50
CA VAL D 64 23.26 19.67 30.22
C VAL D 64 24.52 20.03 29.54
N GLY D 65 24.44 20.51 28.33
CA GLY D 65 25.70 20.76 27.67
C GLY D 65 26.22 19.81 26.62
N LYS D 66 25.44 18.85 26.19
CA LYS D 66 25.97 17.97 25.23
C LYS D 66 26.37 18.77 24.02
N THR D 67 25.51 19.66 23.57
CA THR D 67 25.80 20.39 22.37
C THR D 67 26.96 21.36 22.50
N THR D 68 27.10 22.05 23.61
CA THR D 68 28.20 22.97 23.68
C THR D 68 29.44 22.20 23.58
N LEU D 69 29.49 21.03 24.15
CA LEU D 69 30.74 20.30 24.16
C LEU D 69 31.16 20.03 22.76
N ARG D 70 30.23 19.62 21.95
CA ARG D 70 30.61 19.29 20.62
C ARG D 70 31.31 20.46 20.07
N LEU D 71 30.72 21.63 20.19
CA LEU D 71 31.34 22.74 19.53
C LEU D 71 32.68 23.04 20.11
N ARG D 72 32.97 22.62 21.32
CA ARG D 72 34.30 22.83 21.80
C ARG D 72 35.17 21.80 21.19
N VAL D 73 34.79 20.55 21.32
CA VAL D 73 35.70 19.52 20.82
C VAL D 73 35.96 19.71 19.33
N GLU D 74 34.95 20.17 18.58
CA GLU D 74 35.16 20.51 17.19
C GLU D 74 36.25 21.55 17.04
N GLN D 75 36.14 22.64 17.80
CA GLN D 75 37.11 23.71 17.70
C GLN D 75 38.50 23.24 18.11
N LYS D 76 38.58 22.47 19.20
CA LYS D 76 39.89 22.02 19.67
C LYS D 76 40.53 21.07 18.68
N LEU D 77 39.76 20.15 18.09
CA LEU D 77 40.32 19.24 17.10
C LEU D 77 40.74 19.99 15.85
N THR D 78 39.97 20.99 15.43
CA THR D 78 40.37 21.78 14.27
C THR D 78 41.68 22.51 14.53
N GLU D 79 41.81 23.12 15.70
CA GLU D 79 43.06 23.82 16.03
C GLU D 79 44.22 22.84 16.13
N LEU D 80 43.99 21.66 16.69
CA LEU D 80 45.06 20.67 16.80
C LEU D 80 45.49 20.15 15.44
N ALA D 81 44.54 19.94 14.54
CA ALA D 81 44.83 19.40 13.22
C ALA D 81 45.20 20.48 12.20
N LEU D 82 45.18 21.74 12.59
CA LEU D 82 45.63 22.80 11.69
C LEU D 82 47.01 22.56 11.09
N PRO D 83 48.04 22.16 11.84
CA PRO D 83 49.33 21.85 11.19
C PRO D 83 49.30 20.59 10.34
N LYS D 84 48.29 19.73 10.51
CA LYS D 84 48.26 18.47 9.80
C LYS D 84 47.97 18.64 8.31
N LEU D 85 47.38 19.77 7.92
CA LEU D 85 47.02 19.97 6.52
C LEU D 85 48.24 20.07 5.61
N GLU D 86 49.42 20.33 6.19
CA GLU D 86 50.64 20.35 5.38
C GLU D 86 50.94 18.97 4.81
N SER D 87 50.79 17.92 5.63
CA SER D 87 51.05 16.56 5.16
C SER D 87 50.01 16.13 4.12
N ASP D 88 48.75 16.40 4.38
CA ASP D 88 47.65 16.05 3.48
C ASP D 88 46.89 17.33 3.14
N ARG D 89 46.97 17.76 1.88
CA ARG D 89 46.37 19.02 1.49
C ARG D 89 44.85 18.98 1.64
N ALA D 90 44.22 17.89 1.23
CA ALA D 90 42.77 17.75 1.29
C ALA D 90 42.41 16.82 2.43
N ARG D 91 41.98 17.40 3.56
CA ARG D 91 41.61 16.62 4.73
C ARG D 91 40.74 17.40 5.68
N VAL D 92 39.49 16.95 5.87
CA VAL D 92 38.59 17.56 6.85
C VAL D 92 38.89 16.97 8.21
N PRO D 93 39.13 17.79 9.23
CA PRO D 93 39.43 17.23 10.55
C PRO D 93 38.22 16.64 11.25
N VAL D 94 37.09 17.35 11.22
CA VAL D 94 35.89 16.94 11.95
C VAL D 94 34.66 17.26 11.12
N VAL D 95 33.69 16.37 11.17
CA VAL D 95 32.40 16.56 10.52
C VAL D 95 31.30 16.45 11.56
N GLY D 96 30.37 17.41 11.54
CA GLY D 96 29.27 17.39 12.49
C GLY D 96 27.95 17.83 11.90
N ILE D 97 26.92 17.00 12.05
CA ILE D 97 25.59 17.29 11.51
C ILE D 97 24.55 16.93 12.55
N GLU D 98 23.35 17.46 12.38
CA GLU D 98 22.22 17.11 13.22
C GLU D 98 21.35 16.08 12.52
N ALA D 99 20.74 15.19 13.30
CA ALA D 99 19.82 14.20 12.76
C ALA D 99 18.46 14.83 12.59
N ILE D 100 17.97 14.87 11.35
CA ILE D 100 16.71 15.54 11.07
C ILE D 100 15.55 14.67 11.55
N ALA D 101 14.70 15.24 12.39
CA ALA D 101 13.51 14.52 12.81
C ALA D 101 12.53 14.42 11.64
N PRO D 102 12.14 13.23 11.24
CA PRO D 102 11.33 13.08 10.03
C PRO D 102 9.87 13.46 10.27
N GLU D 103 9.21 13.79 9.16
CA GLU D 103 7.76 13.94 9.16
C GLU D 103 7.05 12.62 8.93
N SER D 104 7.66 11.72 8.16
CA SER D 104 7.11 10.39 7.98
C SER D 104 7.37 9.54 9.23
N ARG D 105 6.74 8.37 9.28
CA ARG D 105 6.88 7.50 10.43
C ARG D 105 8.32 7.07 10.64
N TYR D 106 9.01 6.70 9.56
CA TYR D 106 10.38 6.22 9.67
C TYR D 106 11.37 7.33 9.36
N PHE D 107 12.52 7.27 10.00
CA PHE D 107 13.59 8.23 9.75
C PHE D 107 14.02 8.17 8.30
N ASN D 108 14.16 9.34 7.68
CA ASN D 108 14.45 9.43 6.25
C ASN D 108 15.96 9.33 6.05
N TRP D 109 16.41 8.13 5.70
CA TRP D 109 17.84 7.90 5.53
C TRP D 109 18.39 8.62 4.30
N LYS D 110 17.57 8.74 3.25
CA LYS D 110 18.02 9.42 2.05
C LYS D 110 18.38 10.88 2.36
N GLU D 111 17.53 11.55 3.13
CA GLU D 111 17.82 12.92 3.50
C GLU D 111 19.08 13.00 4.36
N TYR D 112 19.26 12.04 5.26
CA TYR D 112 20.44 12.03 6.11
C TYR D 112 21.71 11.89 5.29
N TYR D 113 21.71 10.96 4.32
CA TYR D 113 22.88 10.81 3.45
C TYR D 113 23.11 12.07 2.63
N THR D 114 22.03 12.67 2.11
CA THR D 114 22.17 13.90 1.34
C THR D 114 22.83 14.99 2.16
N ARG D 115 22.36 15.18 3.39
CA ARG D 115 22.90 16.27 4.20
C ARG D 115 24.31 15.97 4.67
N ALA D 116 24.62 14.71 4.99
CA ALA D 116 25.97 14.36 5.37
C ALA D 116 26.94 14.61 4.23
N LEU D 117 26.55 14.26 3.01
CA LEU D 117 27.41 14.49 1.86
C LEU D 117 27.54 15.99 1.57
N ILE D 118 26.46 16.74 1.74
CA ILE D 118 26.53 18.19 1.53
C ILE D 118 27.49 18.82 2.53
N THR D 119 27.46 18.38 3.79
CA THR D 119 28.34 18.95 4.80
C THR D 119 29.81 18.69 4.53
N LEU D 120 30.13 17.76 3.64
CA LEU D 120 31.52 17.51 3.25
C LEU D 120 31.95 18.31 2.04
N GLU D 121 31.27 19.43 1.74
CA GLU D 121 31.75 20.33 0.70
C GLU D 121 33.02 21.03 1.16
N GLU D 122 33.90 21.32 0.21
CA GLU D 122 35.17 21.97 0.53
C GLU D 122 35.65 22.70 -0.72
N PRO D 123 36.40 23.80 -0.54
CA PRO D 123 36.92 24.51 -1.72
C PRO D 123 37.78 23.64 -2.63
N LEU D 124 38.54 22.71 -2.07
CA LEU D 124 39.35 21.80 -2.87
C LEU D 124 38.51 20.65 -3.40
N ILE D 125 37.37 20.98 -4.03
CA ILE D 125 36.46 19.97 -4.53
C ILE D 125 37.03 19.26 -5.75
N ASP D 126 38.02 19.87 -6.41
CA ASP D 126 38.68 19.20 -7.52
C ASP D 126 39.47 17.98 -7.05
N HIS D 127 39.93 18.00 -5.80
CA HIS D 127 40.71 16.89 -5.27
C HIS D 127 39.88 15.62 -5.20
N LYS D 128 38.61 15.73 -4.83
CA LYS D 128 37.75 14.55 -4.73
C LYS D 128 37.45 13.97 -6.10
N PHE D 129 37.34 14.82 -7.12
CA PHE D 129 36.96 14.42 -8.47
C PHE D 129 35.59 13.76 -8.37
N ASP D 130 35.39 12.57 -8.92
CA ASP D 130 34.11 11.89 -8.80
C ASP D 130 33.88 11.47 -7.36
N TYR D 131 32.67 11.75 -6.87
CA TYR D 131 32.30 11.27 -5.53
C TYR D 131 32.13 9.76 -5.54
N GLY D 132 31.84 9.18 -6.71
CA GLY D 132 31.76 7.75 -6.84
C GLY D 132 30.56 7.27 -7.64
N VAL D 133 29.45 7.99 -7.56
CA VAL D 133 28.21 7.57 -8.19
C VAL D 133 27.66 8.71 -9.02
N ARG D 134 27.21 8.39 -10.22
CA ARG D 134 26.66 9.39 -11.13
C ARG D 134 25.40 10.02 -10.55
N GLY D 135 25.21 11.30 -10.86
CA GLY D 135 24.06 12.04 -10.39
C GLY D 135 24.32 12.98 -9.24
N ILE D 136 25.45 12.85 -8.57
CA ILE D 136 25.83 13.74 -7.47
C ILE D 136 27.12 14.43 -7.87
N SER D 137 27.05 15.74 -8.08
CA SER D 137 28.24 16.52 -8.41
C SER D 137 27.96 17.98 -8.06
N ARG D 138 29.02 18.69 -7.68
CA ARG D 138 28.89 20.10 -7.39
C ARG D 138 28.55 20.88 -8.65
N ASP D 139 27.71 21.90 -8.49
CA ASP D 139 27.33 22.79 -9.58
C ASP D 139 28.37 23.87 -9.84
N ASN D 140 29.60 23.70 -9.34
CA ASN D 140 30.71 24.62 -9.56
C ASN D 140 30.45 25.98 -8.91
N PHE D 141 29.33 26.11 -8.20
CA PHE D 141 29.00 27.33 -7.47
C PHE D 141 29.23 27.16 -5.97
N GLY D 142 29.84 26.06 -5.56
CA GLY D 142 30.11 25.80 -4.17
C GLY D 142 29.07 25.03 -3.42
N LYS D 143 27.98 24.62 -4.09
CA LYS D 143 26.91 23.87 -3.46
C LYS D 143 26.86 22.46 -4.04
N ILE D 144 26.89 21.45 -3.18
CA ILE D 144 26.76 20.07 -3.63
C ILE D 144 25.35 19.85 -4.14
N ASN D 145 25.23 19.29 -5.34
CA ASN D 145 23.94 19.00 -5.94
C ASN D 145 23.74 17.49 -6.01
N VAL D 146 22.66 17.01 -5.41
CA VAL D 146 22.26 15.62 -5.48
C VAL D 146 20.98 15.54 -6.29
N GLU D 147 20.83 14.44 -7.03
CA GLU D 147 19.65 14.29 -7.88
C GLU D 147 18.59 13.48 -7.15
N SER D 148 17.33 13.92 -7.27
CA SER D 148 16.25 13.27 -6.57
C SER D 148 16.03 11.85 -7.06
N LYS D 149 16.35 11.58 -8.34
CA LYS D 149 16.14 10.25 -8.87
C LYS D 149 17.21 9.27 -8.39
N VAL D 150 18.28 9.77 -7.78
CA VAL D 150 19.35 8.90 -7.31
C VAL D 150 18.84 8.05 -6.16
N VAL D 151 19.00 6.73 -6.27
CA VAL D 151 18.55 5.85 -5.18
C VAL D 151 19.45 5.94 -3.95
N ALA D 152 18.87 5.69 -2.79
CA ALA D 152 19.65 5.78 -1.55
C ALA D 152 20.88 4.86 -1.46
N PRO D 153 20.76 3.58 -1.87
CA PRO D 153 21.99 2.78 -1.81
C PRO D 153 23.14 3.43 -2.57
N ALA D 154 22.86 4.10 -3.68
CA ALA D 154 23.91 4.73 -4.47
C ALA D 154 24.43 5.99 -3.79
N LEU D 155 23.53 6.77 -3.20
CA LEU D 155 23.95 7.97 -2.49
C LEU D 155 24.85 7.62 -1.31
N ARG D 156 24.50 6.57 -0.56
CA ARG D 156 25.33 6.17 0.55
C ARG D 156 26.66 5.61 0.08
N ARG D 157 26.69 4.97 -1.09
CA ARG D 157 27.96 4.53 -1.65
C ARG D 157 28.84 5.72 -1.97
N ALA D 158 28.27 6.76 -2.57
CA ALA D 158 29.02 7.98 -2.85
C ALA D 158 29.53 8.61 -1.55
N LEU D 159 28.68 8.62 -0.53
CA LEU D 159 29.10 9.16 0.77
C LEU D 159 30.25 8.34 1.35
N GLU D 160 30.19 7.02 1.22
CA GLU D 160 31.25 6.16 1.72
C GLU D 160 32.57 6.46 1.00
N ASN D 161 32.50 6.58 -0.33
CA ASN D 161 33.71 6.87 -1.08
C ASN D 161 34.26 8.25 -0.77
N ALA D 162 33.41 9.22 -0.47
CA ALA D 162 33.89 10.54 -0.07
C ALA D 162 34.50 10.51 1.32
N LEU D 163 33.87 9.81 2.25
CA LEU D 163 34.36 9.76 3.63
C LEU D 163 35.70 9.04 3.71
N ILE D 164 35.80 7.87 3.09
CA ILE D 164 37.05 7.11 3.15
C ILE D 164 38.19 7.90 2.52
N HIS D 165 37.87 8.79 1.58
CA HIS D 165 38.91 9.60 0.95
C HIS D 165 39.29 10.79 1.81
N ARG D 166 38.31 11.48 2.39
CA ARG D 166 38.61 12.63 3.25
C ARG D 166 39.19 12.20 4.59
N HIS D 167 38.73 11.08 5.13
CA HIS D 167 39.19 10.56 6.41
C HIS D 167 39.05 11.58 7.54
N PRO D 168 37.82 11.93 7.93
CA PRO D 168 37.65 12.78 9.11
C PRO D 168 38.07 12.05 10.37
N ASP D 169 38.59 12.79 11.33
CA ASP D 169 39.03 12.18 12.57
C ASP D 169 37.86 11.60 13.35
N VAL D 170 36.73 12.30 13.39
CA VAL D 170 35.54 11.85 14.09
C VAL D 170 34.32 12.45 13.42
N PHE D 171 33.20 11.75 13.50
CA PHE D 171 31.97 12.16 12.86
C PHE D 171 30.92 12.36 13.93
N PHE D 172 30.30 13.54 13.95
CA PHE D 172 29.35 13.92 14.98
C PHE D 172 27.93 13.91 14.42
N VAL D 173 27.04 13.20 15.10
CA VAL D 173 25.61 13.28 14.83
C VAL D 173 24.95 13.86 16.07
N ASP D 174 24.50 15.11 15.97
CA ASP D 174 23.92 15.81 17.10
C ASP D 174 22.43 15.52 17.19
N GLU D 175 21.95 15.37 18.42
CA GLU D 175 20.57 15.00 18.71
C GLU D 175 20.21 13.70 17.99
N ALA D 176 20.89 12.63 18.38
CA ALA D 176 20.71 11.33 17.73
C ALA D 176 19.39 10.66 18.11
N GLN D 177 18.66 11.20 19.07
CA GLN D 177 17.41 10.56 19.49
C GLN D 177 16.40 10.48 18.36
N HIS D 178 16.58 11.31 17.32
CA HIS D 178 15.69 11.23 16.16
C HIS D 178 15.85 9.93 15.40
N PHE D 179 16.94 9.19 15.63
CA PHE D 179 17.08 7.89 15.00
C PHE D 179 16.02 6.91 15.47
N GLY D 180 15.38 7.17 16.61
CA GLY D 180 14.37 6.28 17.14
C GLY D 180 13.05 6.30 16.41
N LYS D 181 12.84 7.25 15.50
CA LYS D 181 11.60 7.30 14.73
C LYS D 181 11.58 6.13 13.75
N VAL D 182 10.70 5.16 14.00
CA VAL D 182 10.67 3.92 13.23
C VAL D 182 9.24 3.60 12.86
N ALA D 183 9.09 2.75 11.84
CA ALA D 183 7.77 2.39 11.35
C ALA D 183 7.11 1.26 12.14
N SER D 184 7.83 0.64 13.06
CA SER D 184 7.29 -0.49 13.82
C SER D 184 8.09 -0.63 15.11
N GLY D 185 7.66 -1.57 15.94
CA GLY D 185 8.35 -1.82 17.20
C GLY D 185 9.61 -2.65 17.04
N TYR D 186 9.81 -3.29 15.88
CA TYR D 186 10.95 -4.16 15.66
C TYR D 186 12.10 -3.49 14.94
N LYS D 187 11.86 -2.33 14.33
CA LYS D 187 12.84 -1.75 13.41
C LYS D 187 14.06 -1.20 14.14
N LEU D 188 14.01 -1.13 15.47
CA LEU D 188 14.99 -0.32 16.20
C LEU D 188 16.42 -0.79 15.99
N GLN D 189 16.66 -2.11 15.99
CA GLN D 189 18.03 -2.59 15.87
C GLN D 189 18.61 -2.23 14.50
N ASP D 190 17.79 -2.30 13.46
CA ASP D 190 18.29 -2.03 12.11
C ASP D 190 18.74 -0.59 11.95
N GLN D 191 18.00 0.35 12.55
CA GLN D 191 18.33 1.77 12.41
C GLN D 191 19.73 2.07 12.92
N LEU D 192 20.23 1.30 13.87
CA LEU D 192 21.59 1.51 14.33
C LEU D 192 22.57 0.55 13.68
N ASP D 193 22.08 -0.61 13.21
CA ASP D 193 22.95 -1.55 12.52
C ASP D 193 23.43 -0.99 11.20
N CYS D 194 22.56 -0.26 10.49
CA CYS D 194 22.99 0.36 9.25
C CYS D 194 24.10 1.37 9.49
N LEU D 195 23.96 2.18 10.54
CA LEU D 195 25.01 3.12 10.88
C LEU D 195 26.28 2.41 11.29
N LYS D 196 26.15 1.28 11.99
CA LYS D 196 27.32 0.49 12.36
C LYS D 196 28.05 -0.01 11.12
N SER D 197 27.30 -0.48 10.13
CA SER D 197 27.92 -0.92 8.88
C SER D 197 28.64 0.24 8.19
N LEU D 198 28.00 1.40 8.16
CA LEU D 198 28.64 2.57 7.54
C LEU D 198 29.94 2.91 8.24
N ALA D 199 29.92 2.96 9.57
CA ALA D 199 31.13 3.29 10.32
C ALA D 199 32.21 2.23 10.12
N ASN D 200 31.81 0.96 10.14
CA ASN D 200 32.78 -0.12 10.01
C ASN D 200 33.47 -0.10 8.65
N MET D 201 32.70 0.12 7.58
CA MET D 201 33.33 0.15 6.27
C MET D 201 34.16 1.41 6.07
N THR D 202 33.66 2.56 6.52
CA THR D 202 34.41 3.79 6.35
C THR D 202 35.52 3.96 7.38
N GLY D 203 35.48 3.19 8.48
CA GLY D 203 36.49 3.31 9.50
C GLY D 203 36.53 4.65 10.19
N ILE D 204 35.37 5.26 10.43
CA ILE D 204 35.28 6.56 11.08
C ILE D 204 34.42 6.43 12.32
N LEU D 205 34.91 6.96 13.44
CA LEU D 205 34.21 6.87 14.72
C LEU D 205 32.99 7.79 14.68
N HIS D 206 31.80 7.20 14.70
CA HIS D 206 30.55 7.97 14.66
C HIS D 206 30.11 8.25 16.09
N CYS D 207 30.37 9.46 16.57
CA CYS D 207 29.94 9.86 17.89
C CYS D 207 28.50 10.33 17.85
N LEU D 208 27.66 9.74 18.70
CA LEU D 208 26.25 10.09 18.78
C LEU D 208 25.98 10.80 20.10
N LEU D 209 25.32 11.95 20.01
CA LEU D 209 24.91 12.72 21.18
C LEU D 209 23.40 12.84 21.20
N GLY D 210 22.82 12.73 22.38
CA GLY D 210 21.37 12.83 22.49
C GLY D 210 20.93 12.81 23.93
N THR D 211 19.63 13.03 24.11
CA THR D 211 19.05 12.99 25.44
C THR D 211 18.94 11.55 25.93
N TYR D 212 18.33 11.39 27.10
CA TYR D 212 18.18 10.06 27.69
C TYR D 212 17.25 9.17 26.89
N GLU D 213 16.50 9.72 25.93
CA GLU D 213 15.74 8.87 25.02
C GLU D 213 16.66 7.97 24.20
N LEU D 214 17.92 8.39 24.02
CA LEU D 214 18.86 7.60 23.25
C LEU D 214 19.19 6.28 23.95
N LEU D 215 18.89 6.17 25.24
CA LEU D 215 19.24 4.96 25.97
C LEU D 215 18.55 3.73 25.41
N THR D 216 17.48 3.90 24.64
CA THR D 216 16.85 2.76 24.00
C THR D 216 17.76 2.13 22.96
N PHE D 217 18.78 2.86 22.49
CA PHE D 217 19.76 2.32 21.56
C PHE D 217 20.94 1.68 22.26
N ARG D 218 20.99 1.75 23.60
CA ARG D 218 22.25 1.50 24.30
C ARG D 218 22.74 0.07 24.14
N ASN D 219 21.87 -0.93 24.28
CA ASN D 219 22.32 -2.30 24.28
C ASN D 219 21.46 -3.21 23.43
N LEU D 220 21.15 -2.81 22.19
CA LEU D 220 20.28 -3.61 21.35
C LEU D 220 20.88 -4.96 21.01
N SER D 221 22.17 -5.00 20.69
CA SER D 221 22.81 -6.27 20.33
C SER D 221 24.21 -6.31 20.91
N GLY D 222 24.72 -7.52 21.10
CA GLY D 222 26.05 -7.69 21.64
C GLY D 222 27.12 -7.10 20.76
N GLN D 223 26.96 -7.25 19.44
CA GLN D 223 27.91 -6.65 18.50
C GLN D 223 27.93 -5.15 18.71
N LEU D 224 26.76 -4.52 18.67
CA LEU D 224 26.66 -3.09 18.89
C LEU D 224 27.19 -2.71 20.26
N SER D 225 26.99 -3.58 21.24
CA SER D 225 27.49 -3.30 22.59
C SER D 225 29.01 -3.25 22.60
N ARG D 226 29.66 -4.14 21.86
CA ARG D 226 31.12 -4.09 21.76
C ARG D 226 31.58 -2.87 20.99
N ARG D 227 30.86 -2.54 19.92
CA ARG D 227 31.27 -1.42 19.04
C ARG D 227 30.88 -0.04 19.53
N SER D 228 30.50 0.08 20.80
CA SER D 228 30.19 1.39 21.35
C SER D 228 30.81 1.57 22.73
N VAL D 229 31.08 2.82 23.07
CA VAL D 229 31.56 3.21 24.39
C VAL D 229 30.60 4.26 24.94
N ASP D 230 30.06 3.99 26.13
CA ASP D 230 29.08 4.89 26.73
C ASP D 230 29.77 5.96 27.55
N ILE D 231 29.37 7.21 27.33
CA ILE D 231 29.84 8.35 28.12
C ILE D 231 28.62 9.04 28.68
N HIS D 232 28.55 9.12 30.01
CA HIS D 232 27.39 9.69 30.69
C HIS D 232 27.73 11.11 31.12
N PHE D 233 27.07 12.09 30.50
CA PHE D 233 27.22 13.50 30.87
C PHE D 233 26.26 13.79 32.01
N ARG D 234 26.65 13.38 33.21
CA ARG D 234 25.77 13.50 34.37
C ARG D 234 25.51 14.95 34.72
N ARG D 235 24.29 15.24 35.13
CA ARG D 235 23.99 16.52 35.73
C ARG D 235 24.40 16.51 37.21
N TYR D 236 24.33 17.67 37.85
CA TYR D 236 24.68 17.76 39.27
C TYR D 236 23.59 17.21 40.17
N CYS D 237 23.96 16.36 41.11
CA CYS D 237 22.99 15.77 42.02
C CYS D 237 22.86 16.58 43.31
N ALA D 238 21.72 16.46 43.97
CA ALA D 238 21.54 17.15 45.24
C ALA D 238 21.93 16.21 46.35
N ASP D 239 21.99 14.92 46.04
CA ASP D 239 22.32 13.93 47.05
C ASP D 239 23.71 14.09 47.63
N SER D 240 24.70 14.36 46.78
CA SER D 240 26.07 14.43 47.27
C SER D 240 26.45 15.87 47.58
N PRO D 241 26.99 16.14 48.77
CA PRO D 241 27.39 17.53 49.08
C PRO D 241 28.42 18.08 48.12
N GLU D 242 29.28 17.25 47.56
CA GLU D 242 30.30 17.73 46.63
C GLU D 242 29.68 18.30 45.37
N ASP D 243 28.65 17.63 44.83
CA ASP D 243 27.99 18.16 43.64
C ASP D 243 27.27 19.47 43.96
N VAL D 244 26.67 19.57 45.14
CA VAL D 244 26.03 20.82 45.54
C VAL D 244 27.06 21.93 45.65
N GLN D 245 28.23 21.62 46.21
CA GLN D 245 29.29 22.62 46.33
C GLN D 245 29.77 23.06 44.95
N ALA D 246 29.86 22.12 44.02
CA ALA D 246 30.29 22.47 42.66
C ALA D 246 29.25 23.37 42.02
N PHE D 247 27.97 23.05 42.21
CA PHE D 247 26.89 23.86 41.66
C PHE D 247 26.93 25.27 42.23
N LYS D 248 27.17 25.38 43.53
CA LYS D 248 27.23 26.70 44.15
C LYS D 248 28.45 27.49 43.67
N SER D 249 29.56 26.79 43.41
CA SER D 249 30.73 27.45 42.86
C SER D 249 30.45 27.97 41.45
N VAL D 250 29.73 27.18 40.65
CA VAL D 250 29.34 27.63 39.32
C VAL D 250 28.45 28.86 39.43
N LEU D 251 27.53 28.85 40.38
CA LEU D 251 26.68 30.01 40.60
C LEU D 251 27.49 31.22 41.00
N LEU D 252 28.51 31.03 41.85
CA LEU D 252 29.38 32.13 42.25
C LEU D 252 30.11 32.70 41.04
N THR D 253 30.62 31.83 40.17
CA THR D 253 31.30 32.32 38.97
C THR D 253 30.36 33.12 38.07
N PHE D 254 29.15 32.61 37.88
CA PHE D 254 28.17 33.35 37.08
C PHE D 254 27.84 34.70 37.71
N GLN D 255 27.68 34.73 39.03
CA GLN D 255 27.41 35.98 39.73
C GLN D 255 28.54 36.97 39.53
N GLN D 256 29.77 36.50 39.62
CA GLN D 256 30.93 37.36 39.41
C GLN D 256 31.10 37.78 37.96
N HIS D 257 30.51 37.07 37.01
CA HIS D 257 30.76 37.34 35.60
C HIS D 257 29.58 37.92 34.83
N LEU D 258 28.39 37.98 35.39
CA LEU D 258 27.32 38.64 34.67
C LEU D 258 27.47 40.15 34.79
N PRO D 259 27.52 40.90 33.69
CA PRO D 259 27.85 42.33 33.79
C PRO D 259 26.71 43.17 34.33
N LEU D 260 26.89 43.75 35.52
CA LEU D 260 25.92 44.66 36.09
C LEU D 260 26.65 45.70 36.93
N ALA D 261 25.88 46.68 37.42
CA ALA D 261 26.48 47.74 38.24
C ALA D 261 27.10 47.17 39.50
N GLU D 262 26.37 46.32 40.22
CA GLU D 262 26.91 45.60 41.36
C GLU D 262 26.40 44.17 41.30
N THR D 263 27.25 43.23 41.68
CA THR D 263 26.92 41.82 41.52
C THR D 263 25.79 41.42 42.46
N PRO D 264 24.69 40.88 41.94
CA PRO D 264 23.62 40.40 42.82
C PRO D 264 24.02 39.09 43.49
N ASN D 265 23.38 38.81 44.62
CA ASN D 265 23.65 37.58 45.36
C ASN D 265 22.86 36.44 44.74
N LEU D 266 23.54 35.36 44.41
CA LEU D 266 22.88 34.19 43.80
C LEU D 266 22.99 32.96 44.68
N VAL D 267 24.00 32.91 45.56
CA VAL D 267 24.21 31.73 46.39
C VAL D 267 23.06 31.54 47.37
N ASP D 268 22.55 32.65 47.92
CA ASP D 268 21.47 32.57 48.90
C ASP D 268 20.23 31.91 48.33
N HIS D 269 20.07 31.92 47.00
CA HIS D 269 18.95 31.26 46.34
C HIS D 269 19.39 30.04 45.55
N TRP D 270 20.48 29.39 45.96
CA TRP D 270 20.97 28.24 45.23
C TRP D 270 19.92 27.13 45.18
N GLU D 271 19.18 26.93 46.27
CA GLU D 271 18.14 25.92 46.26
C GLU D 271 17.07 26.24 45.24
N TYR D 272 16.68 27.51 45.14
CA TYR D 272 15.68 27.89 44.14
C TYR D 272 16.22 27.66 42.73
N PHE D 273 17.49 28.00 42.49
CA PHE D 273 18.07 27.77 41.18
C PHE D 273 18.08 26.29 40.84
N TYR D 274 18.45 25.45 41.80
CA TYR D 274 18.43 24.01 41.57
C TYR D 274 17.02 23.51 41.34
N GLU D 275 16.03 24.17 41.94
CA GLU D 275 14.65 23.71 41.83
C GLU D 275 14.16 23.71 40.40
N ARG D 276 14.56 24.70 39.60
CA ARG D 276 14.09 24.81 38.23
C ARG D 276 15.23 24.71 37.22
N THR D 277 16.34 24.07 37.60
CA THR D 277 17.41 23.75 36.66
C THR D 277 17.86 22.31 36.73
N LEU D 278 17.62 21.61 37.83
CA LEU D 278 17.98 20.20 38.00
C LEU D 278 19.47 19.94 37.84
N GLY D 279 20.29 20.97 38.01
CA GLY D 279 21.72 20.81 37.91
C GLY D 279 22.30 20.84 36.51
N CYS D 280 21.48 21.11 35.50
CA CYS D 280 21.98 21.24 34.14
C CYS D 280 22.43 22.68 33.95
N ILE D 281 23.75 22.90 34.05
CA ILE D 281 24.26 24.26 34.06
C ILE D 281 24.00 24.98 32.73
N GLY D 282 23.78 24.24 31.65
CA GLY D 282 23.38 24.88 30.42
C GLY D 282 22.04 25.57 30.54
N THR D 283 21.07 24.89 31.14
CA THR D 283 19.79 25.52 31.42
C THR D 283 19.97 26.69 32.39
N LEU D 284 20.90 26.56 33.33
CA LEU D 284 21.18 27.64 34.26
C LEU D 284 21.65 28.89 33.53
N LYS D 285 22.58 28.72 32.58
CA LYS D 285 23.04 29.88 31.86
C LYS D 285 21.99 30.42 30.91
N ASP D 286 21.16 29.56 30.33
CA ASP D 286 20.06 30.05 29.51
C ASP D 286 19.13 30.93 30.35
N TRP D 287 18.80 30.47 31.56
CA TRP D 287 17.94 31.24 32.44
C TRP D 287 18.60 32.56 32.85
N LEU D 288 19.90 32.51 33.17
CA LEU D 288 20.59 33.72 33.58
C LEU D 288 20.66 34.74 32.44
N LYS D 289 20.93 34.27 31.23
CA LYS D 289 20.93 35.15 30.06
C LYS D 289 19.55 35.73 29.83
N ARG D 290 18.52 34.91 29.99
CA ARG D 290 17.15 35.38 29.81
C ARG D 290 16.81 36.47 30.81
N VAL D 291 17.25 36.32 32.05
CA VAL D 291 17.02 37.34 33.08
C VAL D 291 17.85 38.59 32.82
N LEU D 292 19.11 38.42 32.39
CA LEU D 292 19.97 39.56 32.16
C LEU D 292 19.48 40.41 31.00
N SER D 293 18.98 39.75 29.94
CA SER D 293 18.44 40.51 28.81
C SER D 293 17.21 41.31 29.20
N ASP D 294 16.44 40.84 30.18
CA ASP D 294 15.33 41.60 30.74
C ASP D 294 15.80 42.75 31.62
N ALA D 295 16.81 42.51 32.44
CA ALA D 295 17.33 43.54 33.32
C ALA D 295 17.93 44.69 32.52
N LEU D 296 18.70 44.36 31.48
CA LEU D 296 19.33 45.40 30.68
C LEU D 296 18.33 46.28 29.95
N ASP D 297 17.14 45.74 29.67
CA ASP D 297 16.09 46.58 29.09
C ASP D 297 15.67 47.71 30.01
N ARG D 298 15.69 47.47 31.32
CA ARG D 298 15.42 48.51 32.30
C ARG D 298 16.70 49.16 32.83
N GLU D 299 17.86 48.70 32.36
CA GLU D 299 19.16 49.14 32.90
C GLU D 299 19.21 48.96 34.41
N ALA D 300 18.64 47.86 34.90
CA ALA D 300 18.62 47.60 36.33
C ALA D 300 20.03 47.35 36.85
N THR D 301 20.31 47.86 38.04
CA THR D 301 21.65 47.74 38.61
C THR D 301 21.86 46.38 39.28
N THR D 302 20.81 45.61 39.51
CA THR D 302 20.95 44.35 40.25
C THR D 302 19.79 43.43 39.91
N ILE D 303 20.12 42.15 39.74
CA ILE D 303 19.11 41.12 39.52
C ILE D 303 18.34 40.91 40.81
N THR D 304 17.01 41.00 40.73
CA THR D 304 16.18 40.70 41.87
C THR D 304 15.56 39.32 41.73
N LEU D 305 15.16 38.75 42.86
CA LEU D 305 14.51 37.44 42.83
C LEU D 305 13.23 37.49 42.02
N LYS D 306 12.55 38.64 41.99
CA LYS D 306 11.35 38.78 41.17
C LYS D 306 11.67 38.62 39.70
N ASP D 307 12.79 39.21 39.24
CA ASP D 307 13.17 39.08 37.84
C ASP D 307 13.46 37.62 37.50
N LEU D 308 14.15 36.90 38.38
CA LEU D 308 14.43 35.49 38.15
C LEU D 308 13.14 34.69 38.07
N GLN D 309 12.20 34.97 38.98
CA GLN D 309 10.94 34.24 38.99
C GLN D 309 10.11 34.54 37.75
N LYS D 310 10.24 35.76 37.22
CA LYS D 310 9.39 36.17 36.11
C LYS D 310 9.62 35.33 34.86
N ARG D 311 10.88 35.06 34.53
CA ARG D 311 11.21 34.35 33.29
C ARG D 311 11.78 32.96 33.57
N ALA D 312 11.35 32.31 34.64
CA ALA D 312 11.81 30.96 34.94
C ALA D 312 10.97 29.94 34.15
N LEU D 313 11.21 28.67 34.45
CA LEU D 313 10.43 27.60 33.83
C LEU D 313 9.23 27.24 34.70
N SER D 314 8.18 26.77 34.04
CA SER D 314 7.00 26.31 34.75
C SER D 314 7.31 25.04 35.53
N VAL D 315 6.64 24.86 36.66
CA VAL D 315 6.93 23.71 37.53
C VAL D 315 6.55 22.41 36.83
N ALA D 316 5.53 22.43 35.97
CA ALA D 316 5.17 21.22 35.25
C ALA D 316 6.29 20.77 34.32
N GLN D 317 6.94 21.73 33.65
CA GLN D 317 8.08 21.40 32.81
C GLN D 317 9.16 20.72 33.62
N CYS D 318 9.47 21.26 34.80
CA CYS D 318 10.51 20.68 35.64
C CYS D 318 10.10 19.29 36.12
N GLN D 319 8.81 19.07 36.40
CA GLN D 319 8.37 17.74 36.80
C GLN D 319 8.62 16.72 35.69
N LYS D 320 8.23 17.07 34.46
CA LYS D 320 8.47 16.14 33.34
C LYS D 320 9.97 15.94 33.13
N MET D 321 10.73 17.02 33.24
CA MET D 321 12.19 16.99 33.18
C MET D 321 12.76 15.98 34.16
N PHE D 322 12.33 16.08 35.42
CA PHE D 322 12.91 15.27 36.47
C PHE D 322 12.48 13.82 36.32
N LYS D 323 11.25 13.59 35.87
CA LYS D 323 10.83 12.21 35.62
C LYS D 323 11.71 11.57 34.55
N GLU D 324 11.94 12.28 33.45
CA GLU D 324 12.80 11.72 32.41
C GLU D 324 14.22 11.51 32.92
N ILE D 325 14.75 12.46 33.68
CA ILE D 325 16.12 12.36 34.18
C ILE D 325 16.25 11.18 35.14
N GLN D 326 15.25 10.99 36.00
CA GLN D 326 15.26 9.85 36.90
C GLN D 326 15.24 8.54 36.14
N GLU D 327 14.41 8.46 35.10
CA GLU D 327 14.40 7.25 34.28
C GLU D 327 15.78 6.98 33.69
N GLY D 328 16.40 8.00 33.13
CA GLY D 328 17.73 7.84 32.54
C GLY D 328 18.77 7.39 33.54
N GLU D 329 18.79 8.06 34.70
CA GLU D 329 19.79 7.72 35.72
C GLU D 329 19.57 6.32 36.27
N ARG D 330 18.32 5.91 36.46
CA ARG D 330 18.05 4.56 36.90
C ARG D 330 18.46 3.52 35.87
N GLN D 331 18.33 3.83 34.58
CA GLN D 331 18.83 2.92 33.55
C GLN D 331 20.35 2.88 33.48
N LEU D 332 21.02 3.99 33.76
CA LEU D 332 22.47 4.06 33.63
C LEU D 332 23.23 3.74 34.91
N SER D 333 22.54 3.45 36.00
CA SER D 333 23.22 3.21 37.26
C SER D 333 24.01 1.90 37.20
N GLU D 334 25.18 1.91 37.85
CA GLU D 334 26.04 0.73 37.94
C GLU D 334 26.42 0.50 39.39
N THR D 335 26.25 -0.74 39.86
CA THR D 335 26.48 -1.09 41.25
C THR D 335 27.42 -2.30 41.32
N GLU D 336 28.00 -2.49 42.51
CA GLU D 336 28.82 -3.67 42.73
C GLU D 336 27.99 -4.94 42.64
N ALA D 337 26.69 -4.85 42.89
CA ALA D 337 25.84 -6.02 42.75
C ALA D 337 25.81 -6.53 41.32
N ASP D 338 25.78 -5.60 40.35
CA ASP D 338 25.83 -6.01 38.95
C ASP D 338 27.14 -6.71 38.62
N VAL D 339 28.25 -6.16 39.14
CA VAL D 339 29.55 -6.76 38.88
C VAL D 339 29.62 -8.17 39.46
N GLN D 340 29.14 -8.33 40.69
CA GLN D 340 29.15 -9.65 41.32
C GLN D 340 28.24 -10.61 40.57
N ASN D 341 27.08 -10.13 40.11
CA ASN D 341 26.16 -11.00 39.37
C ASN D 341 26.81 -11.47 38.07
N LEU D 342 27.45 -10.57 37.35
CA LEU D 342 28.12 -10.95 36.11
C LEU D 342 29.27 -11.91 36.38
N ARG D 343 30.01 -11.67 37.46
CA ARG D 343 31.11 -12.56 37.82
C ARG D 343 30.60 -13.96 38.14
N SER D 344 29.50 -14.06 38.90
CA SER D 344 28.96 -15.36 39.27
C SER D 344 28.41 -16.08 38.04
N ALA D 345 27.72 -15.36 37.16
CA ALA D 345 27.21 -15.98 35.95
C ALA D 345 28.35 -16.45 35.05
N LEU D 346 29.43 -15.68 34.97
CA LEU D 346 30.59 -16.04 34.17
C LEU D 346 31.39 -17.19 34.76
N GLY D 347 31.31 -17.39 36.06
CA GLY D 347 32.00 -18.52 36.65
C GLY D 347 33.40 -18.22 37.07
N LEU D 348 33.71 -16.95 37.16
CA LEU D 348 35.02 -16.55 37.58
C LEU D 348 34.79 -15.99 38.92
N GLY D 349 33.76 -16.45 39.60
CA GLY D 349 33.38 -15.83 40.86
C GLY D 349 34.36 -15.74 42.00
N ALA D 350 35.16 -16.78 42.22
CA ALA D 350 36.18 -16.71 43.25
C ALA D 350 36.86 -15.35 43.26
N THR E 8 -10.71 59.43 25.96
CA THR E 8 -11.85 60.07 26.57
C THR E 8 -13.17 59.64 25.92
N GLY E 9 -13.10 59.31 24.64
CA GLY E 9 -14.27 58.88 23.92
C GLY E 9 -14.06 58.98 22.42
N PHE E 10 -15.06 58.48 21.70
CA PHE E 10 -15.00 58.51 20.24
C PHE E 10 -15.10 59.94 19.73
N PRO E 11 -14.54 60.22 18.55
CA PRO E 11 -14.69 61.57 17.97
C PRO E 11 -16.15 61.88 17.66
N LEU E 12 -16.67 62.94 18.27
CA LEU E 12 -18.08 63.28 18.12
C LEU E 12 -18.43 63.65 16.69
N GLU E 13 -17.44 64.08 15.91
CA GLU E 13 -17.69 64.47 14.52
C GLU E 13 -18.06 63.30 13.63
N LEU E 14 -17.85 62.07 14.10
CA LEU E 14 -18.14 60.89 13.28
C LEU E 14 -19.64 60.71 13.03
N LEU E 15 -20.49 61.34 13.85
CA LEU E 15 -21.93 61.20 13.64
C LEU E 15 -22.39 61.75 12.30
N THR E 16 -21.69 62.76 11.78
CA THR E 16 -22.04 63.29 10.46
C THR E 16 -21.61 62.36 9.33
N ARG E 17 -20.76 61.40 9.62
CA ARG E 17 -20.25 60.47 8.63
C ARG E 17 -21.23 59.33 8.41
N PRO E 18 -21.17 58.67 7.25
CA PRO E 18 -22.06 57.53 7.00
C PRO E 18 -21.73 56.36 7.90
N ALA E 19 -22.66 55.39 7.92
CA ALA E 19 -22.52 54.26 8.84
C ALA E 19 -21.26 53.45 8.57
N THR E 20 -20.81 53.41 7.31
CA THR E 20 -19.60 52.66 6.99
C THR E 20 -18.40 53.25 7.71
N GLU E 21 -18.29 54.58 7.75
CA GLU E 21 -17.17 55.21 8.44
C GLU E 21 -17.18 54.90 9.93
N ARG E 22 -18.36 54.95 10.56
CA ARG E 22 -18.45 54.65 11.98
C ARG E 22 -18.11 53.19 12.25
N LEU E 23 -18.58 52.28 11.40
CA LEU E 23 -18.25 50.87 11.57
C LEU E 23 -16.75 50.64 11.42
N ALA E 24 -16.13 51.30 10.44
CA ALA E 24 -14.68 51.16 10.25
C ALA E 24 -13.92 51.70 11.45
N TYR E 25 -14.47 52.71 12.10
CA TYR E 25 -13.83 53.23 13.28
C TYR E 25 -13.87 52.23 14.37
N PHE E 26 -15.03 51.67 14.62
CA PHE E 26 -15.11 50.79 15.76
C PHE E 26 -14.19 49.63 15.59
N GLU E 27 -14.08 49.15 14.37
CA GLU E 27 -13.27 47.98 14.15
C GLU E 27 -11.87 48.31 14.54
N ASN E 28 -11.47 49.51 14.24
CA ASN E 28 -10.13 49.90 14.57
C ASN E 28 -9.80 49.95 16.04
N TYR E 29 -10.70 50.42 16.89
CA TYR E 29 -10.32 50.60 18.28
C TYR E 29 -9.88 49.35 18.91
N THR E 30 -8.78 49.45 19.61
CA THR E 30 -8.28 48.32 20.30
C THR E 30 -8.12 48.72 21.73
N VAL E 31 -8.59 47.93 22.67
CA VAL E 31 -8.54 48.36 24.03
C VAL E 31 -7.48 47.59 24.74
N ALA E 32 -6.58 48.32 25.33
CA ALA E 32 -5.48 47.68 25.96
C ALA E 32 -5.88 47.32 27.33
N HIS E 33 -6.45 46.14 27.44
CA HIS E 33 -6.83 45.68 28.77
C HIS E 33 -5.64 44.99 29.44
N PRO E 34 -5.61 44.99 30.78
CA PRO E 34 -4.36 44.59 31.49
C PRO E 34 -3.84 43.21 31.14
N ARG E 35 -4.71 42.22 30.97
CA ARG E 35 -4.23 40.88 30.65
C ARG E 35 -3.48 40.89 29.32
N LEU E 36 -4.06 41.51 28.30
CA LEU E 36 -3.37 41.59 27.01
C LEU E 36 -2.09 42.40 27.13
N LYS E 37 -2.11 43.45 27.95
CA LYS E 37 -0.91 44.26 28.14
C LYS E 37 0.24 43.42 28.68
N GLU E 38 -0.01 42.67 29.76
CA GLU E 38 1.06 41.90 30.37
C GLU E 38 1.48 40.73 29.49
N VAL E 39 0.53 40.09 28.81
CA VAL E 39 0.88 38.99 27.91
C VAL E 39 1.73 39.50 26.76
N TYR E 40 1.35 40.65 26.20
CA TYR E 40 2.15 41.26 25.13
C TYR E 40 3.53 41.63 25.61
N GLU E 41 3.64 42.16 26.83
CA GLU E 41 4.95 42.48 27.38
C GLU E 41 5.82 41.24 27.50
N ILE E 42 5.24 40.15 28.04
CA ILE E 42 6.00 38.92 28.19
C ILE E 42 6.44 38.39 26.84
N LEU E 43 5.54 38.40 25.86
CA LEU E 43 5.87 37.87 24.54
C LEU E 43 6.95 38.71 23.88
N MET E 44 6.85 40.03 23.98
CA MET E 44 7.89 40.90 23.42
C MET E 44 9.23 40.64 24.06
N ARG E 45 9.27 40.53 25.38
CA ARG E 45 10.55 40.31 26.06
C ARG E 45 11.14 38.95 25.69
N THR E 46 10.29 37.93 25.56
CA THR E 46 10.78 36.62 25.15
C THR E 46 11.31 36.65 23.72
N ILE E 47 10.62 37.35 22.83
CA ILE E 47 11.09 37.43 21.45
C ILE E 47 12.40 38.19 21.36
N ALA E 48 12.54 39.24 22.17
CA ALA E 48 13.77 40.00 22.17
C ALA E 48 14.97 39.14 22.54
N GLU E 49 14.78 38.14 23.39
CA GLU E 49 15.84 37.20 23.69
C GLU E 49 15.27 35.86 24.13
N PRO E 50 15.29 34.85 23.25
CA PRO E 50 14.75 33.54 23.64
C PRO E 50 15.67 32.77 24.58
N ALA E 51 16.98 32.97 24.49
CA ALA E 51 17.95 32.36 25.41
C ALA E 51 17.83 30.84 25.39
N GLY E 52 18.05 30.26 24.22
CA GLY E 52 18.06 28.82 24.06
C GLY E 52 16.71 28.19 23.88
N ALA E 53 15.63 28.91 24.13
CA ALA E 53 14.30 28.36 23.92
C ALA E 53 14.01 28.25 22.43
N SER E 54 13.24 27.23 22.06
CA SER E 54 12.89 27.00 20.66
C SER E 54 11.40 27.09 20.37
N PHE E 55 10.57 27.21 21.38
CA PHE E 55 9.12 27.28 21.18
C PHE E 55 8.50 28.28 22.14
N ILE E 56 7.48 28.98 21.66
CA ILE E 56 6.62 29.80 22.49
C ILE E 56 5.20 29.33 22.33
N PHE E 57 4.63 28.80 23.40
CA PHE E 57 3.23 28.39 23.42
C PHE E 57 2.39 29.52 23.97
N VAL E 58 1.58 30.12 23.12
CA VAL E 58 0.63 31.15 23.52
C VAL E 58 -0.76 30.57 23.24
N TYR E 59 -1.44 30.15 24.30
CA TYR E 59 -2.78 29.58 24.19
C TYR E 59 -3.74 30.31 25.10
N GLY E 60 -4.98 30.40 24.67
CA GLY E 60 -5.98 31.07 25.47
C GLY E 60 -7.28 30.50 24.99
N ALA E 61 -8.37 31.15 25.34
CA ALA E 61 -9.65 30.61 24.98
C ALA E 61 -10.11 31.14 23.66
N SER E 62 -11.31 30.76 23.27
CA SER E 62 -11.84 31.30 22.05
C SER E 62 -12.37 32.68 22.37
N GLY E 63 -11.83 33.71 21.73
CA GLY E 63 -12.24 35.07 21.96
C GLY E 63 -11.23 35.81 22.80
N VAL E 64 -10.14 35.17 23.19
CA VAL E 64 -9.24 35.83 24.13
C VAL E 64 -8.45 37.08 23.67
N GLY E 65 -7.92 37.09 22.47
CA GLY E 65 -7.09 38.21 22.05
C GLY E 65 -5.87 37.66 21.34
N LYS E 66 -5.83 36.36 21.09
CA LYS E 66 -4.62 35.74 20.52
C LYS E 66 -4.23 36.11 19.09
N THR E 67 -5.18 36.13 18.15
CA THR E 67 -4.86 36.49 16.80
C THR E 67 -4.49 37.95 16.84
N THR E 68 -5.19 38.70 17.66
CA THR E 68 -4.94 40.10 17.68
C THR E 68 -3.56 40.34 18.14
N LEU E 69 -3.12 39.57 19.11
CA LEU E 69 -1.82 39.87 19.65
C LEU E 69 -0.82 39.74 18.57
N ARG E 70 -0.97 38.75 17.73
CA ARG E 70 0.05 38.53 16.74
C ARG E 70 0.18 39.70 15.89
N LEU E 71 -0.93 40.22 15.45
CA LEU E 71 -0.78 41.31 14.52
C LEU E 71 -0.11 42.43 15.23
N ARG E 72 -0.48 42.66 16.48
CA ARG E 72 0.08 43.80 17.13
C ARG E 72 1.54 43.61 17.24
N VAL E 73 1.97 42.42 17.59
CA VAL E 73 3.40 42.30 17.79
C VAL E 73 4.07 42.41 16.46
N GLU E 74 3.63 41.62 15.52
CA GLU E 74 4.27 41.63 14.21
C GLU E 74 4.43 43.04 13.68
N GLN E 75 3.38 43.85 13.81
CA GLN E 75 3.45 45.24 13.35
C GLN E 75 4.51 46.01 14.12
N LYS E 76 4.56 45.83 15.45
CA LYS E 76 5.56 46.53 16.24
C LYS E 76 6.97 46.13 15.82
N LEU E 77 7.21 44.83 15.65
CA LEU E 77 8.54 44.38 15.29
C LEU E 77 8.94 44.89 13.90
N THR E 78 8.03 44.82 12.93
CA THR E 78 8.41 45.25 11.59
C THR E 78 8.60 46.76 11.51
N GLU E 79 7.79 47.54 12.25
CA GLU E 79 7.98 48.98 12.23
C GLU E 79 9.22 49.38 13.00
N LEU E 80 9.67 48.54 13.93
CA LEU E 80 10.95 48.78 14.57
C LEU E 80 12.11 48.45 13.63
N ALA E 81 11.97 47.37 12.86
CA ALA E 81 13.08 46.91 12.03
C ALA E 81 13.23 47.75 10.76
N LEU E 82 12.12 48.27 10.23
CA LEU E 82 12.18 48.97 8.95
C LEU E 82 13.17 50.13 8.91
N PRO E 83 13.28 50.99 9.93
CA PRO E 83 14.31 52.04 9.86
C PRO E 83 15.72 51.51 9.77
N LYS E 84 15.93 50.24 10.15
CA LYS E 84 17.26 49.64 10.12
C LYS E 84 17.46 48.71 8.93
N LEU E 85 16.49 48.65 8.00
CA LEU E 85 16.55 47.65 6.94
C LEU E 85 17.66 47.94 5.92
N GLU E 86 18.22 49.15 5.95
CA GLU E 86 19.23 49.51 4.96
C GLU E 86 20.59 48.86 5.23
N SER E 87 20.74 48.16 6.35
CA SER E 87 22.00 47.49 6.64
C SER E 87 21.90 45.98 6.46
N ASP E 88 20.69 45.44 6.38
CA ASP E 88 20.45 43.99 6.34
C ASP E 88 19.43 43.69 5.25
N ARG E 89 19.72 44.17 4.04
CA ARG E 89 18.74 44.16 2.95
C ARG E 89 18.03 42.82 2.79
N ALA E 90 18.74 41.71 2.98
CA ALA E 90 18.13 40.40 2.79
C ALA E 90 17.22 40.00 3.94
N ARG E 91 17.21 40.75 5.03
CA ARG E 91 16.49 40.34 6.23
C ARG E 91 15.01 40.69 6.15
N VAL E 92 14.18 39.80 6.70
CA VAL E 92 12.77 40.06 6.91
C VAL E 92 12.50 39.91 8.41
N PRO E 93 11.85 40.88 9.05
CA PRO E 93 11.76 40.83 10.52
C PRO E 93 10.88 39.72 11.05
N VAL E 94 9.66 39.58 10.53
CA VAL E 94 8.67 38.67 11.09
C VAL E 94 7.96 37.94 9.96
N VAL E 95 7.73 36.64 10.16
CA VAL E 95 7.04 35.81 9.19
C VAL E 95 5.75 35.31 9.81
N GLY E 96 4.66 35.42 9.06
CA GLY E 96 3.37 34.96 9.55
C GLY E 96 2.72 33.92 8.67
N ILE E 97 2.29 32.82 9.26
CA ILE E 97 1.64 31.74 8.53
C ILE E 97 0.64 31.06 9.44
N GLU E 98 -0.54 30.75 8.90
CA GLU E 98 -1.57 30.02 9.62
C GLU E 98 -1.47 28.54 9.28
N ALA E 99 -1.50 27.70 10.30
CA ALA E 99 -1.39 26.25 10.11
C ALA E 99 -2.63 25.77 9.37
N ILE E 100 -2.42 25.13 8.22
CA ILE E 100 -3.51 24.70 7.36
C ILE E 100 -4.07 23.37 7.88
N ALA E 101 -5.34 23.38 8.28
CA ALA E 101 -5.97 22.14 8.72
C ALA E 101 -6.11 21.18 7.53
N PRO E 102 -5.81 19.90 7.72
CA PRO E 102 -5.83 18.97 6.60
C PRO E 102 -7.19 18.34 6.39
N GLU E 103 -7.46 17.99 5.13
CA GLU E 103 -8.64 17.20 4.82
C GLU E 103 -8.40 15.72 5.10
N SER E 104 -7.15 15.28 5.07
CA SER E 104 -6.83 13.89 5.37
C SER E 104 -6.83 13.65 6.87
N ARG E 105 -6.61 12.39 7.25
CA ARG E 105 -6.53 12.04 8.66
C ARG E 105 -5.30 12.61 9.34
N TYR E 106 -4.28 13.01 8.58
CA TYR E 106 -3.03 13.49 9.14
C TYR E 106 -2.65 14.84 8.52
N PHE E 107 -1.85 15.58 9.26
CA PHE E 107 -1.40 16.89 8.81
C PHE E 107 -0.54 16.75 7.56
N ASN E 108 -0.62 17.75 6.69
CA ASN E 108 0.10 17.74 5.41
C ASN E 108 1.34 18.62 5.54
N TRP E 109 2.48 17.97 5.82
CA TRP E 109 3.71 18.73 6.00
C TRP E 109 4.17 19.39 4.71
N LYS E 110 3.97 18.72 3.57
CA LYS E 110 4.39 19.28 2.30
C LYS E 110 3.70 20.60 2.02
N GLU E 111 2.40 20.66 2.24
CA GLU E 111 1.68 21.92 2.03
C GLU E 111 2.13 22.98 3.02
N TYR E 112 2.44 22.58 4.25
CA TYR E 112 2.92 23.56 5.22
C TYR E 112 4.24 24.17 4.78
N TYR E 113 5.18 23.34 4.31
CA TYR E 113 6.44 23.87 3.81
C TYR E 113 6.22 24.74 2.59
N THR E 114 5.32 24.34 1.70
CA THR E 114 5.04 25.15 0.51
C THR E 114 4.51 26.52 0.91
N ARG E 115 3.59 26.55 1.87
CA ARG E 115 3.03 27.82 2.31
C ARG E 115 4.08 28.68 3.00
N ALA E 116 4.95 28.05 3.79
CA ALA E 116 6.02 28.80 4.45
C ALA E 116 6.95 29.42 3.41
N LEU E 117 7.29 28.66 2.36
CA LEU E 117 8.17 29.19 1.33
C LEU E 117 7.49 30.31 0.54
N ILE E 118 6.21 30.14 0.23
CA ILE E 118 5.47 31.17 -0.50
C ILE E 118 5.41 32.45 0.32
N THR E 119 5.17 32.35 1.62
CA THR E 119 5.09 33.52 2.48
C THR E 119 6.40 34.31 2.51
N LEU E 120 7.54 33.64 2.28
CA LEU E 120 8.83 34.34 2.20
C LEU E 120 9.01 34.92 0.80
N GLU E 121 8.11 35.83 0.45
CA GLU E 121 8.19 36.64 -0.76
C GLU E 121 8.38 38.08 -0.34
N GLU E 122 9.23 38.80 -1.08
CA GLU E 122 9.56 40.17 -0.72
C GLU E 122 10.06 40.90 -1.95
N PRO E 123 10.04 42.24 -1.96
CA PRO E 123 10.28 42.97 -3.22
C PRO E 123 11.59 42.63 -3.92
N LEU E 124 12.67 42.43 -3.18
CA LEU E 124 13.94 42.05 -3.81
C LEU E 124 14.07 40.56 -3.99
N ILE E 125 13.03 39.88 -4.50
CA ILE E 125 13.06 38.43 -4.62
C ILE E 125 14.17 37.95 -5.53
N ASP E 126 14.85 38.88 -6.22
CA ASP E 126 15.85 38.49 -7.21
C ASP E 126 17.13 37.97 -6.57
N HIS E 127 17.58 38.58 -5.47
CA HIS E 127 18.93 38.28 -5.00
C HIS E 127 19.02 36.86 -4.44
N LYS E 128 17.94 36.38 -3.83
CA LYS E 128 17.93 35.00 -3.33
C LYS E 128 18.18 34.02 -4.46
N PHE E 129 17.49 34.20 -5.58
CA PHE E 129 17.68 33.37 -6.78
C PHE E 129 17.40 31.92 -6.38
N ASP E 130 18.32 30.99 -6.60
CA ASP E 130 18.07 29.60 -6.26
C ASP E 130 18.08 29.39 -4.75
N TYR E 131 17.24 28.47 -4.29
CA TYR E 131 17.17 28.07 -2.90
C TYR E 131 17.98 26.82 -2.61
N GLY E 132 18.68 26.29 -3.61
CA GLY E 132 19.47 25.09 -3.44
C GLY E 132 18.82 23.80 -3.89
N VAL E 133 17.58 23.84 -4.38
CA VAL E 133 16.88 22.67 -4.86
C VAL E 133 16.28 22.98 -6.22
N ARG E 134 16.05 21.95 -7.01
CA ARG E 134 15.43 22.13 -8.32
C ARG E 134 13.91 22.08 -8.20
N GLY E 135 13.24 22.80 -9.10
CA GLY E 135 11.80 22.88 -9.09
C GLY E 135 11.22 24.03 -8.31
N ILE E 136 12.04 24.77 -7.56
CA ILE E 136 11.59 25.92 -6.79
C ILE E 136 12.27 27.15 -7.37
N SER E 137 11.49 28.04 -7.97
CA SER E 137 12.05 29.24 -8.57
C SER E 137 10.95 30.27 -8.78
N ARG E 138 11.37 31.49 -9.05
CA ARG E 138 10.45 32.60 -9.33
C ARG E 138 10.34 32.83 -10.84
N ASP E 139 9.30 33.57 -11.22
CA ASP E 139 9.08 33.95 -12.60
C ASP E 139 9.04 35.47 -12.77
N ASN E 140 9.63 36.21 -11.84
CA ASN E 140 9.68 37.67 -11.80
C ASN E 140 8.30 38.30 -11.62
N PHE E 141 7.24 37.49 -11.51
CA PHE E 141 5.94 38.00 -11.14
C PHE E 141 5.75 37.89 -9.63
N GLY E 142 4.52 38.12 -9.18
CA GLY E 142 4.19 37.94 -7.78
C GLY E 142 3.89 36.49 -7.46
N LYS E 143 4.83 35.60 -7.73
CA LYS E 143 4.61 34.17 -7.54
C LYS E 143 5.94 33.45 -7.47
N ILE E 144 6.04 32.53 -6.51
CA ILE E 144 7.16 31.60 -6.39
C ILE E 144 6.67 30.23 -6.86
N ASN E 145 7.20 29.78 -7.98
CA ASN E 145 6.74 28.51 -8.55
C ASN E 145 7.36 27.33 -7.82
N VAL E 146 6.50 26.37 -7.49
CA VAL E 146 6.95 25.13 -6.87
C VAL E 146 6.43 23.94 -7.68
N GLU E 147 7.33 23.00 -7.98
CA GLU E 147 6.91 21.81 -8.70
C GLU E 147 6.14 20.87 -7.78
N SER E 148 5.12 20.21 -8.34
CA SER E 148 4.30 19.31 -7.53
C SER E 148 5.07 18.05 -7.15
N LYS E 149 6.09 17.69 -7.92
CA LYS E 149 6.84 16.47 -7.68
C LYS E 149 8.05 16.67 -6.77
N VAL E 150 8.24 17.87 -6.23
CA VAL E 150 9.32 18.09 -5.27
C VAL E 150 8.98 17.38 -3.97
N VAL E 151 9.83 16.44 -3.57
CA VAL E 151 9.57 15.66 -2.38
C VAL E 151 9.69 16.55 -1.14
N ALA E 152 8.99 16.16 -0.08
CA ALA E 152 8.95 16.97 1.13
C ALA E 152 10.31 17.26 1.75
N PRO E 153 11.24 16.30 1.87
CA PRO E 153 12.55 16.65 2.43
C PRO E 153 13.27 17.73 1.65
N ALA E 154 13.17 17.72 0.32
CA ALA E 154 13.77 18.79 -0.46
C ALA E 154 13.11 20.13 -0.14
N LEU E 155 11.79 20.11 0.04
CA LEU E 155 11.09 21.35 0.37
C LEU E 155 11.55 21.89 1.71
N ARG E 156 11.71 21.02 2.70
CA ARG E 156 12.13 21.51 4.01
C ARG E 156 13.59 21.94 4.00
N ARG E 157 14.43 21.30 3.17
CA ARG E 157 15.80 21.78 3.01
C ARG E 157 15.82 23.17 2.42
N ALA E 158 14.97 23.40 1.40
CA ALA E 158 14.87 24.74 0.82
C ALA E 158 14.38 25.74 1.85
N LEU E 159 13.40 25.34 2.67
CA LEU E 159 12.92 26.23 3.72
C LEU E 159 14.03 26.57 4.70
N GLU E 160 14.83 25.58 5.10
CA GLU E 160 15.93 25.82 6.02
C GLU E 160 16.94 26.79 5.40
N ASN E 161 17.30 26.57 4.14
CA ASN E 161 18.29 27.43 3.50
C ASN E 161 17.77 28.86 3.37
N ALA E 162 16.50 29.02 3.00
CA ALA E 162 15.93 30.36 2.88
C ALA E 162 15.81 31.04 4.23
N LEU E 163 15.43 30.28 5.26
CA LEU E 163 15.18 30.87 6.57
C LEU E 163 16.48 31.26 7.25
N ILE E 164 17.53 30.44 7.12
CA ILE E 164 18.80 30.75 7.75
C ILE E 164 19.41 32.00 7.16
N HIS E 165 19.08 32.31 5.90
CA HIS E 165 19.61 33.53 5.29
C HIS E 165 18.73 34.73 5.57
N ARG E 166 17.40 34.55 5.48
CA ARG E 166 16.50 35.65 5.75
C ARG E 166 16.61 36.12 7.20
N HIS E 167 16.97 35.20 8.10
CA HIS E 167 17.22 35.53 9.50
C HIS E 167 16.06 36.25 10.18
N PRO E 168 14.87 35.65 10.22
CA PRO E 168 13.74 36.29 10.89
C PRO E 168 13.90 36.22 12.40
N ASP E 169 13.28 37.19 13.08
CA ASP E 169 13.32 37.20 14.54
C ASP E 169 12.37 36.17 15.13
N VAL E 170 11.24 35.93 14.48
CA VAL E 170 10.22 35.03 14.99
C VAL E 170 9.43 34.45 13.82
N PHE E 171 9.06 33.18 13.95
CA PHE E 171 8.24 32.50 12.96
C PHE E 171 6.90 32.19 13.61
N PHE E 172 5.86 32.90 13.19
CA PHE E 172 4.55 32.83 13.83
C PHE E 172 3.68 31.80 13.14
N VAL E 173 3.06 30.94 13.95
CA VAL E 173 2.11 29.95 13.46
C VAL E 173 0.79 30.17 14.17
N ASP E 174 -0.25 30.48 13.41
CA ASP E 174 -1.59 30.65 13.96
C ASP E 174 -2.37 29.35 13.85
N GLU E 175 -3.36 29.20 14.72
CA GLU E 175 -4.19 28.00 14.77
C GLU E 175 -3.32 26.75 14.89
N ALA E 176 -2.31 26.81 15.76
CA ALA E 176 -1.31 25.75 15.81
C ALA E 176 -1.87 24.44 16.32
N GLN E 177 -3.08 24.43 16.85
CA GLN E 177 -3.66 23.17 17.32
C GLN E 177 -3.94 22.21 16.16
N HIS E 178 -3.90 22.69 14.92
CA HIS E 178 -4.12 21.82 13.78
C HIS E 178 -3.03 20.77 13.63
N PHE E 179 -1.88 20.94 14.28
CA PHE E 179 -0.86 19.91 14.26
C PHE E 179 -1.33 18.63 14.92
N GLY E 180 -2.37 18.69 15.74
CA GLY E 180 -2.89 17.50 16.38
C GLY E 180 -3.65 16.56 15.47
N LYS E 181 -4.00 17.01 14.26
CA LYS E 181 -4.69 16.15 13.30
C LYS E 181 -3.67 15.16 12.75
N VAL E 182 -3.60 13.99 13.37
CA VAL E 182 -2.59 12.99 13.06
C VAL E 182 -3.26 11.62 12.97
N ALA E 183 -2.44 10.61 12.68
CA ALA E 183 -2.91 9.22 12.59
C ALA E 183 -3.03 8.62 13.99
N SER E 184 -3.19 7.29 14.02
CA SER E 184 -3.42 6.56 15.25
C SER E 184 -2.12 6.29 16.03
N GLY E 185 -0.96 6.63 15.49
CA GLY E 185 0.29 6.39 16.17
C GLY E 185 0.58 7.44 17.21
N TYR E 186 1.78 7.34 17.79
CA TYR E 186 2.24 8.31 18.78
C TYR E 186 2.75 9.55 18.04
N LYS E 187 1.92 10.07 17.14
CA LYS E 187 2.42 11.02 16.15
C LYS E 187 2.56 12.42 16.74
N LEU E 188 2.00 12.67 17.91
CA LEU E 188 2.12 14.00 18.50
C LEU E 188 3.58 14.33 18.80
N GLN E 189 4.28 13.41 19.45
CA GLN E 189 5.69 13.62 19.75
C GLN E 189 6.49 13.76 18.47
N ASP E 190 6.18 12.96 17.45
CA ASP E 190 6.89 13.08 16.18
C ASP E 190 6.68 14.44 15.52
N GLN E 191 5.44 14.94 15.53
CA GLN E 191 5.17 16.24 14.93
C GLN E 191 5.95 17.34 15.64
N LEU E 192 5.86 17.37 16.97
CA LEU E 192 6.54 18.45 17.68
C LEU E 192 8.05 18.27 17.60
N ASP E 193 8.53 17.03 17.47
CA ASP E 193 9.96 16.81 17.27
C ASP E 193 10.41 17.33 15.92
N CYS E 194 9.59 17.14 14.87
CA CYS E 194 9.94 17.68 13.57
C CYS E 194 10.02 19.20 13.61
N LEU E 195 9.05 19.83 14.27
CA LEU E 195 9.10 21.28 14.42
C LEU E 195 10.33 21.70 15.22
N LYS E 196 10.67 20.95 16.27
CA LYS E 196 11.84 21.27 17.08
C LYS E 196 13.11 21.16 16.25
N SER E 197 13.21 20.12 15.42
CA SER E 197 14.39 19.97 14.58
C SER E 197 14.51 21.13 13.62
N LEU E 198 13.39 21.52 12.99
CA LEU E 198 13.43 22.65 12.07
C LEU E 198 13.87 23.92 12.76
N ALA E 199 13.30 24.20 13.94
CA ALA E 199 13.65 25.42 14.66
C ALA E 199 15.10 25.39 15.12
N ASN E 200 15.55 24.26 15.65
CA ASN E 200 16.91 24.18 16.17
C ASN E 200 17.94 24.32 15.08
N MET E 201 17.73 23.66 13.94
CA MET E 201 18.70 23.75 12.86
C MET E 201 18.66 25.13 12.21
N THR E 202 17.48 25.71 12.04
CA THR E 202 17.39 27.05 11.50
C THR E 202 17.71 28.13 12.54
N GLY E 203 17.73 27.78 13.81
CA GLY E 203 17.97 28.77 14.84
C GLY E 203 16.93 29.85 14.92
N ILE E 204 15.68 29.54 14.54
CA ILE E 204 14.61 30.52 14.49
C ILE E 204 13.54 30.12 15.50
N LEU E 205 13.20 31.04 16.40
CA LEU E 205 12.22 30.77 17.43
C LEU E 205 10.82 30.69 16.83
N HIS E 206 10.11 29.61 17.15
CA HIS E 206 8.75 29.41 16.69
C HIS E 206 7.77 29.76 17.81
N CYS E 207 6.75 30.54 17.48
CA CYS E 207 5.68 30.86 18.42
C CYS E 207 4.40 30.21 17.91
N LEU E 208 3.82 29.34 18.73
CA LEU E 208 2.63 28.59 18.34
C LEU E 208 1.43 29.17 19.09
N LEU E 209 0.43 29.60 18.34
CA LEU E 209 -0.78 30.18 18.90
C LEU E 209 -1.96 29.26 18.60
N GLY E 210 -2.79 29.02 19.61
CA GLY E 210 -3.93 28.15 19.39
C GLY E 210 -4.82 28.13 20.62
N THR E 211 -5.86 27.31 20.53
CA THR E 211 -6.81 27.15 21.62
C THR E 211 -6.22 26.25 22.70
N TYR E 212 -7.05 25.91 23.70
CA TYR E 212 -6.63 24.97 24.72
C TYR E 212 -6.48 23.55 24.19
N GLU E 213 -6.93 23.28 22.97
CA GLU E 213 -6.63 21.99 22.34
C GLU E 213 -5.12 21.81 22.18
N LEU E 214 -4.37 22.90 22.15
CA LEU E 214 -2.93 22.82 22.04
C LEU E 214 -2.27 22.27 23.30
N LEU E 215 -3.01 22.17 24.41
CA LEU E 215 -2.44 21.60 25.62
C LEU E 215 -2.03 20.16 25.42
N THR E 216 -2.54 19.50 24.39
CA THR E 216 -2.05 18.17 24.05
C THR E 216 -0.58 18.18 23.68
N PHE E 217 -0.03 19.35 23.35
CA PHE E 217 1.38 19.49 23.01
C PHE E 217 2.22 19.99 24.17
N ARG E 218 1.65 20.08 25.38
CA ARG E 218 2.27 20.86 26.44
C ARG E 218 3.52 20.20 27.00
N ASN E 219 3.46 18.92 27.36
CA ASN E 219 4.57 18.25 28.04
C ASN E 219 4.90 16.94 27.35
N LEU E 220 5.15 16.98 26.05
CA LEU E 220 5.46 15.75 25.32
C LEU E 220 6.71 15.08 25.88
N SER E 221 7.79 15.84 26.02
CA SER E 221 9.03 15.25 26.53
C SER E 221 9.89 16.33 27.17
N GLY E 222 10.86 15.89 27.97
CA GLY E 222 11.70 16.83 28.69
C GLY E 222 12.48 17.73 27.76
N GLN E 223 13.02 17.18 26.68
CA GLN E 223 13.73 17.99 25.69
C GLN E 223 12.83 19.08 25.14
N LEU E 224 11.64 18.69 24.66
CA LEU E 224 10.76 19.65 24.01
C LEU E 224 10.21 20.64 25.03
N SER E 225 10.06 20.21 26.28
CA SER E 225 9.65 21.12 27.34
C SER E 225 10.73 22.16 27.62
N ARG E 226 12.00 21.72 27.68
CA ARG E 226 13.10 22.66 27.88
C ARG E 226 13.21 23.63 26.73
N ARG E 227 12.88 23.22 25.55
CA ARG E 227 13.09 24.13 24.48
C ARG E 227 11.82 24.89 24.18
N SER E 228 10.95 25.10 25.15
CA SER E 228 9.68 25.80 25.01
C SER E 228 9.44 26.69 26.22
N VAL E 229 8.61 27.71 26.00
CA VAL E 229 8.17 28.62 27.07
C VAL E 229 6.66 28.77 26.94
N ASP E 230 5.95 28.68 28.07
CA ASP E 230 4.50 28.70 28.10
C ASP E 230 3.99 30.08 28.47
N ILE E 231 3.02 30.58 27.71
CA ILE E 231 2.33 31.82 28.04
C ILE E 231 0.83 31.52 28.06
N HIS E 232 0.20 31.76 29.20
CA HIS E 232 -1.24 31.54 29.33
C HIS E 232 -1.95 32.88 29.15
N PHE E 233 -2.66 33.04 28.04
CA PHE E 233 -3.44 34.23 27.79
C PHE E 233 -4.72 34.13 28.63
N ARG E 234 -4.59 34.51 29.89
CA ARG E 234 -5.65 34.32 30.86
C ARG E 234 -6.83 35.23 30.55
N ARG E 235 -7.99 34.62 30.31
CA ARG E 235 -9.22 35.38 30.15
C ARG E 235 -9.75 35.80 31.52
N TYR E 236 -10.49 36.90 31.53
CA TYR E 236 -11.04 37.42 32.77
C TYR E 236 -12.07 36.46 33.36
N CYS E 237 -12.12 36.41 34.68
CA CYS E 237 -13.01 35.54 35.41
C CYS E 237 -13.85 36.36 36.39
N ALA E 238 -15.08 35.92 36.61
CA ALA E 238 -15.93 36.59 37.59
C ALA E 238 -15.53 36.26 39.02
N ASP E 239 -14.65 35.27 39.21
CA ASP E 239 -14.28 34.86 40.55
C ASP E 239 -13.43 35.91 41.26
N SER E 240 -12.55 36.59 40.53
CA SER E 240 -11.64 37.56 41.11
C SER E 240 -12.25 38.95 41.01
N PRO E 241 -12.42 39.66 42.14
CA PRO E 241 -12.97 41.01 42.08
C PRO E 241 -12.16 41.97 41.21
N GLU E 242 -10.84 41.84 41.20
CA GLU E 242 -10.02 42.70 40.34
C GLU E 242 -10.24 42.39 38.87
N ASP E 243 -10.38 41.12 38.51
CA ASP E 243 -10.70 40.77 37.13
C ASP E 243 -12.08 41.31 36.75
N VAL E 244 -13.04 41.24 37.67
CA VAL E 244 -14.35 41.82 37.42
C VAL E 244 -14.23 43.32 37.19
N GLN E 245 -13.39 43.98 37.99
CA GLN E 245 -13.20 45.43 37.85
C GLN E 245 -12.59 45.76 36.49
N ALA E 246 -11.61 44.97 36.06
CA ALA E 246 -11.01 45.18 34.74
C ALA E 246 -12.03 44.97 33.64
N PHE E 247 -12.87 43.94 33.78
CA PHE E 247 -13.94 43.70 32.82
C PHE E 247 -14.91 44.87 32.75
N LYS E 248 -15.28 45.41 33.90
CA LYS E 248 -16.18 46.57 33.93
C LYS E 248 -15.52 47.79 33.30
N SER E 249 -14.21 47.96 33.53
CA SER E 249 -13.50 49.07 32.90
C SER E 249 -13.47 48.91 31.38
N VAL E 250 -13.28 47.68 30.91
CA VAL E 250 -13.30 47.44 29.46
C VAL E 250 -14.68 47.75 28.90
N LEU E 251 -15.74 47.35 29.62
CA LEU E 251 -17.09 47.67 29.19
C LEU E 251 -17.29 49.17 29.12
N LEU E 252 -16.77 49.90 30.11
CA LEU E 252 -16.89 51.35 30.11
C LEU E 252 -16.17 51.97 28.92
N THR E 253 -14.98 51.47 28.61
CA THR E 253 -14.23 51.98 27.46
C THR E 253 -14.99 51.73 26.16
N PHE E 254 -15.54 50.53 25.99
CA PHE E 254 -16.33 50.26 24.79
C PHE E 254 -17.58 51.14 24.75
N GLN E 255 -18.21 51.35 25.90
CA GLN E 255 -19.37 52.23 25.98
C GLN E 255 -19.03 53.64 25.53
N GLN E 256 -17.89 54.15 25.99
CA GLN E 256 -17.47 55.50 25.61
C GLN E 256 -17.02 55.60 24.17
N HIS E 257 -16.48 54.53 23.61
CA HIS E 257 -15.92 54.60 22.25
C HIS E 257 -16.79 54.01 21.15
N LEU E 258 -18.02 53.61 21.47
CA LEU E 258 -18.92 53.12 20.44
C LEU E 258 -19.77 54.27 19.92
N PRO E 259 -19.68 54.61 18.64
CA PRO E 259 -20.30 55.85 18.15
C PRO E 259 -21.81 55.77 17.98
N LEU E 260 -22.54 56.54 18.77
CA LEU E 260 -23.97 56.73 18.60
C LEU E 260 -24.33 58.18 18.90
N ALA E 261 -25.61 58.51 18.71
CA ALA E 261 -26.09 59.82 19.11
C ALA E 261 -25.97 60.01 20.62
N GLU E 262 -26.34 59.00 21.41
CA GLU E 262 -26.13 59.01 22.83
C GLU E 262 -25.64 57.64 23.26
N THR E 263 -24.70 57.61 24.20
CA THR E 263 -24.10 56.36 24.62
C THR E 263 -25.08 55.56 25.47
N PRO E 264 -25.27 54.28 25.18
CA PRO E 264 -26.13 53.45 26.02
C PRO E 264 -25.41 53.03 27.29
N ASN E 265 -26.18 52.51 28.24
CA ASN E 265 -25.59 52.00 29.48
C ASN E 265 -25.32 50.51 29.32
N LEU E 266 -24.05 50.13 29.33
CA LEU E 266 -23.67 48.73 29.19
C LEU E 266 -23.30 48.09 30.52
N VAL E 267 -22.84 48.88 31.49
CA VAL E 267 -22.43 48.33 32.77
C VAL E 267 -23.61 47.68 33.49
N ASP E 268 -24.82 48.20 33.26
CA ASP E 268 -26.01 47.66 33.91
C ASP E 268 -26.25 46.21 33.53
N HIS E 269 -25.75 45.76 32.38
CA HIS E 269 -25.89 44.38 31.95
C HIS E 269 -24.56 43.64 31.93
N TRP E 270 -23.64 44.01 32.82
CA TRP E 270 -22.31 43.41 32.81
C TRP E 270 -22.37 41.92 33.09
N GLU E 271 -23.28 41.50 33.97
CA GLU E 271 -23.41 40.06 34.23
C GLU E 271 -23.85 39.32 32.97
N TYR E 272 -24.80 39.89 32.23
CA TYR E 272 -25.21 39.26 30.98
C TYR E 272 -24.07 39.22 29.98
N PHE E 273 -23.29 40.30 29.90
CA PHE E 273 -22.15 40.34 29.00
C PHE E 273 -21.16 39.24 29.33
N TYR E 274 -20.82 39.09 30.61
CA TYR E 274 -19.90 38.03 31.01
C TYR E 274 -20.51 36.66 30.76
N GLU E 275 -21.83 36.55 30.90
CA GLU E 275 -22.50 35.28 30.66
C GLU E 275 -22.37 34.84 29.22
N ARG E 276 -22.52 35.77 28.27
CA ARG E 276 -22.46 35.44 26.86
C ARG E 276 -21.09 35.68 26.24
N THR E 277 -20.08 36.02 27.04
CA THR E 277 -18.73 36.18 26.52
C THR E 277 -17.67 35.45 27.32
N LEU E 278 -17.94 35.03 28.55
CA LEU E 278 -16.98 34.31 29.40
C LEU E 278 -15.71 35.11 29.65
N GLY E 279 -15.82 36.41 29.54
CA GLY E 279 -14.69 37.22 29.89
C GLY E 279 -13.77 37.53 28.78
N CYS E 280 -13.70 36.67 27.80
CA CYS E 280 -12.72 36.93 26.79
C CYS E 280 -13.13 38.24 26.20
N ILE E 281 -12.23 39.20 26.14
CA ILE E 281 -12.63 40.49 25.70
C ILE E 281 -13.01 40.42 24.27
N GLY E 282 -12.37 39.56 23.54
CA GLY E 282 -12.66 39.58 22.15
C GLY E 282 -14.05 39.29 21.72
N THR E 283 -14.65 38.25 22.26
CA THR E 283 -15.95 37.93 21.79
C THR E 283 -16.75 39.15 22.11
N LEU E 284 -16.36 39.85 23.15
CA LEU E 284 -17.18 40.99 23.56
C LEU E 284 -17.20 42.07 22.48
N LYS E 285 -16.04 42.40 21.91
CA LYS E 285 -16.03 43.39 20.84
C LYS E 285 -16.72 42.85 19.60
N ASP E 286 -16.62 41.55 19.36
CA ASP E 286 -17.37 40.93 18.28
C ASP E 286 -18.87 41.18 18.45
N TRP E 287 -19.39 40.87 19.63
CA TRP E 287 -20.80 41.06 19.93
C TRP E 287 -21.20 42.53 19.81
N LEU E 288 -20.35 43.42 20.33
CA LEU E 288 -20.68 44.85 20.28
C LEU E 288 -20.67 45.36 18.86
N LYS E 289 -19.75 44.88 18.03
CA LYS E 289 -19.72 45.29 16.63
C LYS E 289 -20.98 44.81 15.91
N ARG E 290 -21.39 43.58 16.18
CA ARG E 290 -22.63 43.08 15.59
C ARG E 290 -23.81 43.96 15.99
N VAL E 291 -23.90 44.30 17.27
CA VAL E 291 -25.01 45.13 17.75
C VAL E 291 -24.93 46.52 17.12
N LEU E 292 -23.72 47.07 17.01
CA LEU E 292 -23.55 48.41 16.47
C LEU E 292 -23.99 48.47 15.03
N SER E 293 -23.62 47.47 14.22
CA SER E 293 -24.06 47.46 12.83
C SER E 293 -25.57 47.26 12.75
N ASP E 294 -26.11 46.37 13.60
CA ASP E 294 -27.55 46.14 13.63
C ASP E 294 -28.33 47.36 14.06
N ALA E 295 -27.68 48.30 14.74
CA ALA E 295 -28.33 49.56 15.08
C ALA E 295 -28.12 50.62 14.00
N LEU E 296 -26.93 50.65 13.41
CA LEU E 296 -26.62 51.67 12.41
C LEU E 296 -27.47 51.47 11.15
N ASP E 297 -27.65 50.22 10.73
CA ASP E 297 -28.48 49.98 9.55
C ASP E 297 -29.93 50.37 9.76
N ARG E 298 -30.38 50.44 11.01
CA ARG E 298 -31.68 51.02 11.35
C ARG E 298 -31.57 52.47 11.79
N GLU E 299 -30.35 53.02 11.84
CA GLU E 299 -30.12 54.40 12.29
C GLU E 299 -30.66 54.63 13.70
N ALA E 300 -30.56 53.60 14.55
CA ALA E 300 -30.97 53.75 15.93
C ALA E 300 -30.00 54.66 16.67
N THR E 301 -30.54 55.47 17.59
CA THR E 301 -29.73 56.44 18.31
C THR E 301 -29.05 55.86 19.54
N THR E 302 -29.54 54.73 20.06
CA THR E 302 -28.96 54.12 21.25
C THR E 302 -29.23 52.62 21.20
N ILE E 303 -28.52 51.90 22.06
CA ILE E 303 -28.60 50.44 22.11
C ILE E 303 -29.56 50.04 23.22
N THR E 304 -30.49 49.15 22.90
CA THR E 304 -31.38 48.58 23.89
C THR E 304 -30.96 47.14 24.18
N LEU E 305 -31.44 46.62 25.32
CA LEU E 305 -31.08 45.26 25.72
C LEU E 305 -31.58 44.24 24.71
N LYS E 306 -32.74 44.51 24.09
CA LYS E 306 -33.24 43.63 23.04
C LYS E 306 -32.27 43.56 21.87
N ASP E 307 -31.57 44.66 21.60
CA ASP E 307 -30.55 44.64 20.56
C ASP E 307 -29.44 43.65 20.91
N LEU E 308 -29.02 43.62 22.18
CA LEU E 308 -28.03 42.64 22.60
C LEU E 308 -28.57 41.23 22.44
N GLN E 309 -29.82 41.01 22.87
CA GLN E 309 -30.38 39.67 22.81
C GLN E 309 -30.53 39.18 21.38
N LYS E 310 -30.78 40.10 20.45
CA LYS E 310 -31.02 39.70 19.07
C LYS E 310 -29.81 39.04 18.43
N ARG E 311 -28.59 39.38 18.87
CA ARG E 311 -27.41 38.78 18.28
C ARG E 311 -26.46 38.21 19.34
N ALA E 312 -27.00 37.69 20.43
CA ALA E 312 -26.16 37.05 21.43
C ALA E 312 -25.83 35.62 21.02
N LEU E 313 -24.78 35.08 21.61
CA LEU E 313 -24.44 33.68 21.41
C LEU E 313 -25.44 32.79 22.16
N SER E 314 -25.72 31.63 21.59
CA SER E 314 -26.68 30.72 22.20
C SER E 314 -26.15 30.17 23.52
N VAL E 315 -27.07 29.77 24.38
CA VAL E 315 -26.69 29.27 25.70
C VAL E 315 -25.86 27.99 25.56
N ALA E 316 -26.23 27.13 24.61
CA ALA E 316 -25.48 25.89 24.42
C ALA E 316 -24.06 26.18 23.94
N GLN E 317 -23.90 27.17 23.06
CA GLN E 317 -22.57 27.54 22.60
C GLN E 317 -21.69 27.97 23.76
N CYS E 318 -22.19 28.87 24.60
CA CYS E 318 -21.42 29.32 25.75
C CYS E 318 -21.15 28.18 26.71
N GLN E 319 -22.11 27.26 26.86
CA GLN E 319 -21.91 26.13 27.74
C GLN E 319 -20.75 25.27 27.28
N LYS E 320 -20.73 24.93 25.99
CA LYS E 320 -19.64 24.12 25.45
C LYS E 320 -18.31 24.86 25.56
N MET E 321 -18.31 26.15 25.24
CA MET E 321 -17.08 26.92 25.30
C MET E 321 -16.53 26.97 26.73
N PHE E 322 -17.41 27.17 27.71
CA PHE E 322 -16.96 27.21 29.09
C PHE E 322 -16.51 25.82 29.56
N LYS E 323 -17.15 24.77 29.04
CA LYS E 323 -16.71 23.42 29.38
C LYS E 323 -15.28 23.20 28.92
N GLU E 324 -14.93 23.68 27.72
CA GLU E 324 -13.55 23.61 27.28
C GLU E 324 -12.63 24.49 28.12
N ILE E 325 -13.11 25.70 28.43
CA ILE E 325 -12.26 26.69 29.09
C ILE E 325 -11.89 26.24 30.49
N GLN E 326 -12.86 25.68 31.23
CA GLN E 326 -12.56 25.23 32.58
C GLN E 326 -11.56 24.09 32.59
N GLU E 327 -11.63 23.18 31.62
CA GLU E 327 -10.64 22.12 31.51
C GLU E 327 -9.26 22.70 31.22
N GLY E 328 -9.19 23.69 30.32
CA GLY E 328 -7.92 24.34 30.07
C GLY E 328 -7.35 24.99 31.31
N GLU E 329 -8.20 25.71 32.06
CA GLU E 329 -7.76 26.36 33.29
C GLU E 329 -7.26 25.34 34.30
N ARG E 330 -7.97 24.21 34.41
CA ARG E 330 -7.53 23.15 35.32
C ARG E 330 -6.16 22.62 34.92
N GLN E 331 -5.95 22.40 33.62
CA GLN E 331 -4.67 21.88 33.18
C GLN E 331 -3.53 22.88 33.31
N LEU E 332 -3.83 24.18 33.27
CA LEU E 332 -2.80 25.20 33.36
C LEU E 332 -2.61 25.73 34.78
N SER E 333 -2.90 24.92 35.79
CA SER E 333 -2.76 25.37 37.17
C SER E 333 -1.35 25.13 37.69
N GLU E 334 -0.93 25.99 38.60
CA GLU E 334 0.38 25.86 39.24
C GLU E 334 0.27 26.40 40.65
N THR E 335 0.31 25.51 41.64
CA THR E 335 0.08 25.89 43.03
C THR E 335 1.31 25.55 43.87
N GLU E 336 1.27 25.97 45.13
CA GLU E 336 2.38 25.70 46.04
C GLU E 336 2.55 24.21 46.29
N ALA E 337 1.45 23.44 46.18
CA ALA E 337 1.55 22.01 46.38
C ALA E 337 2.44 21.37 45.32
N ASP E 338 2.33 21.83 44.07
CA ASP E 338 3.13 21.25 42.99
C ASP E 338 4.62 21.51 43.21
N VAL E 339 4.98 22.76 43.49
CA VAL E 339 6.39 23.08 43.69
C VAL E 339 6.92 22.40 44.94
N GLN E 340 6.09 22.29 45.98
CA GLN E 340 6.52 21.58 47.19
C GLN E 340 6.79 20.11 46.88
N ASN E 341 5.91 19.48 46.11
CA ASN E 341 6.12 18.08 45.74
C ASN E 341 7.40 17.93 44.92
N LEU E 342 7.62 18.83 43.97
CA LEU E 342 8.83 18.76 43.17
C LEU E 342 10.07 18.91 44.04
N ARG E 343 10.05 19.87 44.96
CA ARG E 343 11.21 20.11 45.80
C ARG E 343 11.48 18.92 46.72
N SER E 344 10.41 18.33 47.25
CA SER E 344 10.58 17.15 48.12
C SER E 344 11.14 15.97 47.32
N ALA E 345 10.65 15.75 46.10
CA ALA E 345 11.12 14.62 45.32
C ALA E 345 12.50 14.89 44.73
N LEU E 346 12.93 16.15 44.70
CA LEU E 346 14.18 16.49 44.01
C LEU E 346 15.35 16.58 44.98
N GLY E 347 15.13 17.11 46.17
CA GLY E 347 16.22 17.37 47.08
C GLY E 347 15.74 17.79 48.46
N LEU E 348 16.35 18.83 49.02
CA LEU E 348 15.95 19.31 50.33
C LEU E 348 14.49 19.71 50.35
N GLY E 349 13.79 19.34 51.41
CA GLY E 349 12.37 19.64 51.52
C GLY E 349 12.12 21.01 52.13
N ALA E 350 10.88 21.46 51.98
CA ALA E 350 10.42 22.73 52.53
C ALA E 350 11.27 23.91 52.08
N THR F 8 -55.40 40.59 -2.51
CA THR F 8 -56.23 40.18 -3.63
C THR F 8 -55.77 38.83 -4.19
N GLY F 9 -56.58 38.26 -5.08
CA GLY F 9 -56.29 36.95 -5.64
C GLY F 9 -55.38 37.03 -6.86
N PHE F 10 -55.27 35.89 -7.53
CA PHE F 10 -54.45 35.80 -8.72
C PHE F 10 -55.09 36.59 -9.87
N PRO F 11 -54.30 37.01 -10.86
CA PRO F 11 -54.89 37.67 -12.04
C PRO F 11 -55.83 36.73 -12.78
N LEU F 12 -57.12 37.10 -12.84
CA LEU F 12 -58.14 36.24 -13.42
C LEU F 12 -58.00 36.09 -14.94
N GLU F 13 -57.15 36.90 -15.58
CA GLU F 13 -56.94 36.75 -17.01
C GLU F 13 -56.19 35.47 -17.35
N LEU F 14 -55.64 34.79 -16.34
CA LEU F 14 -54.87 33.58 -16.58
C LEU F 14 -55.73 32.45 -17.12
N LEU F 15 -57.03 32.47 -16.83
CA LEU F 15 -57.92 31.43 -17.32
C LEU F 15 -57.95 31.36 -18.84
N THR F 16 -57.76 32.50 -19.52
CA THR F 16 -57.66 32.51 -20.97
C THR F 16 -56.35 31.94 -21.46
N ARG F 17 -55.31 31.94 -20.64
CA ARG F 17 -53.99 31.44 -21.00
C ARG F 17 -53.98 29.92 -21.02
N PRO F 18 -53.01 29.32 -21.71
CA PRO F 18 -52.87 27.87 -21.67
C PRO F 18 -52.61 27.38 -20.25
N ALA F 19 -53.03 26.14 -19.98
CA ALA F 19 -52.90 25.58 -18.64
C ALA F 19 -51.45 25.57 -18.18
N THR F 20 -50.51 25.43 -19.11
CA THR F 20 -49.10 25.48 -18.76
C THR F 20 -48.74 26.84 -18.18
N GLU F 21 -49.29 27.92 -18.74
CA GLU F 21 -49.03 29.25 -18.20
C GLU F 21 -49.61 29.42 -16.80
N ARG F 22 -50.79 28.88 -16.56
CA ARG F 22 -51.38 28.92 -15.22
C ARG F 22 -50.52 28.15 -14.22
N LEU F 23 -50.04 26.98 -14.62
CA LEU F 23 -49.16 26.20 -13.76
C LEU F 23 -47.87 26.95 -13.49
N ALA F 24 -47.31 27.61 -14.50
CA ALA F 24 -46.10 28.41 -14.30
C ALA F 24 -46.35 29.56 -13.34
N TYR F 25 -47.50 30.22 -13.47
CA TYR F 25 -47.83 31.31 -12.54
C TYR F 25 -47.90 30.80 -11.12
N PHE F 26 -48.54 29.64 -10.91
CA PHE F 26 -48.56 29.08 -9.56
C PHE F 26 -47.16 28.69 -9.11
N GLU F 27 -46.31 28.29 -10.05
CA GLU F 27 -44.95 27.87 -9.70
C GLU F 27 -44.13 29.04 -9.18
N ASN F 28 -44.10 30.15 -9.92
CA ASN F 28 -43.21 31.24 -9.52
C ASN F 28 -43.83 32.08 -8.42
N TYR F 29 -45.12 31.89 -8.14
CA TYR F 29 -45.78 32.67 -7.10
C TYR F 29 -45.24 32.30 -5.73
N THR F 30 -44.73 33.29 -5.01
CA THR F 30 -44.11 33.08 -3.71
C THR F 30 -44.94 33.77 -2.63
N VAL F 31 -45.01 33.14 -1.46
CA VAL F 31 -45.80 33.65 -0.35
C VAL F 31 -44.85 33.99 0.80
N ALA F 32 -44.90 35.23 1.25
CA ALA F 32 -44.13 35.63 2.42
C ALA F 32 -44.93 35.36 3.69
N HIS F 33 -44.30 34.70 4.65
CA HIS F 33 -44.96 34.32 5.89
C HIS F 33 -44.00 34.60 7.04
N PRO F 34 -44.51 34.75 8.27
CA PRO F 34 -43.64 35.25 9.36
C PRO F 34 -42.37 34.46 9.59
N ARG F 35 -42.41 33.12 9.52
CA ARG F 35 -41.21 32.35 9.77
C ARG F 35 -40.13 32.64 8.74
N LEU F 36 -40.48 32.55 7.45
CA LEU F 36 -39.49 32.80 6.41
C LEU F 36 -39.01 34.23 6.44
N LYS F 37 -39.91 35.19 6.71
CA LYS F 37 -39.47 36.58 6.75
C LYS F 37 -38.53 36.83 7.91
N GLU F 38 -38.79 36.22 9.08
CA GLU F 38 -37.87 36.36 10.20
C GLU F 38 -36.51 35.76 9.88
N VAL F 39 -36.51 34.57 9.29
CA VAL F 39 -35.25 33.91 8.96
C VAL F 39 -34.47 34.72 7.93
N TYR F 40 -35.18 35.23 6.92
CA TYR F 40 -34.53 36.05 5.91
C TYR F 40 -33.96 37.32 6.51
N GLU F 41 -34.72 37.95 7.43
CA GLU F 41 -34.24 39.17 8.06
C GLU F 41 -32.97 38.91 8.86
N ILE F 42 -32.97 37.87 9.69
CA ILE F 42 -31.79 37.61 10.51
C ILE F 42 -30.61 37.20 9.63
N LEU F 43 -30.86 36.44 8.58
CA LEU F 43 -29.78 36.03 7.68
C LEU F 43 -29.19 37.25 6.97
N MET F 44 -30.04 38.15 6.49
CA MET F 44 -29.56 39.35 5.81
C MET F 44 -28.75 40.22 6.77
N ARG F 45 -29.24 40.37 8.00
CA ARG F 45 -28.52 41.18 8.97
C ARG F 45 -27.15 40.59 9.28
N THR F 46 -27.08 39.27 9.45
CA THR F 46 -25.81 38.66 9.79
C THR F 46 -24.87 38.55 8.59
N ILE F 47 -25.39 38.64 7.36
CA ILE F 47 -24.52 38.62 6.19
C ILE F 47 -23.66 39.87 6.15
N ALA F 48 -24.25 41.04 6.38
CA ALA F 48 -23.49 42.28 6.32
C ALA F 48 -22.43 42.39 7.41
N GLU F 49 -22.50 41.53 8.42
CA GLU F 49 -21.58 41.60 9.55
C GLU F 49 -21.06 40.21 9.92
N PRO F 50 -20.15 39.64 9.12
CA PRO F 50 -19.59 38.34 9.50
C PRO F 50 -18.97 38.36 10.87
N ALA F 51 -18.29 39.46 11.21
CA ALA F 51 -17.88 39.77 12.58
C ALA F 51 -17.22 38.57 13.26
N GLY F 52 -16.06 38.19 12.75
CA GLY F 52 -15.29 37.13 13.39
C GLY F 52 -15.87 35.76 13.14
N ALA F 53 -17.17 35.59 13.38
CA ALA F 53 -17.82 34.32 13.13
C ALA F 53 -17.73 33.97 11.66
N SER F 54 -17.32 32.75 11.36
CA SER F 54 -17.11 32.29 9.99
C SER F 54 -18.06 31.16 9.60
N PHE F 55 -19.16 31.00 10.31
CA PHE F 55 -20.11 29.94 9.99
C PHE F 55 -21.51 30.40 10.34
N ILE F 56 -22.44 30.21 9.41
CA ILE F 56 -23.85 30.48 9.65
C ILE F 56 -24.60 29.18 9.41
N PHE F 57 -24.96 28.49 10.49
CA PHE F 57 -25.65 27.22 10.36
C PHE F 57 -27.15 27.46 10.28
N VAL F 58 -27.69 27.45 9.07
CA VAL F 58 -29.13 27.58 8.95
C VAL F 58 -29.66 26.17 8.82
N TYR F 59 -30.47 25.74 9.77
CA TYR F 59 -30.98 24.37 9.77
C TYR F 59 -32.49 24.28 9.91
N GLY F 60 -33.11 23.36 9.20
CA GLY F 60 -34.55 23.21 9.26
C GLY F 60 -34.93 21.84 8.74
N ALA F 61 -36.22 21.57 8.75
CA ALA F 61 -36.68 20.31 8.24
C ALA F 61 -36.84 20.28 6.77
N SER F 62 -37.10 19.12 6.25
CA SER F 62 -37.32 19.01 4.85
C SER F 62 -38.64 19.67 4.57
N GLY F 63 -38.75 20.39 3.47
CA GLY F 63 -39.95 21.12 3.13
C GLY F 63 -40.07 22.43 3.88
N VAL F 64 -39.11 22.69 4.74
CA VAL F 64 -39.27 23.85 5.57
C VAL F 64 -39.18 25.19 4.99
N GLY F 65 -38.29 25.39 4.05
CA GLY F 65 -38.10 26.74 3.62
C GLY F 65 -36.64 27.02 3.28
N LYS F 66 -35.75 26.11 3.61
CA LYS F 66 -34.36 26.41 3.40
C LYS F 66 -33.82 26.56 1.99
N THR F 67 -34.15 25.68 1.09
CA THR F 67 -33.51 25.79 -0.22
C THR F 67 -33.97 27.06 -0.87
N THR F 68 -35.22 27.42 -0.66
CA THR F 68 -35.75 28.60 -1.31
C THR F 68 -35.02 29.80 -0.83
N LEU F 69 -34.77 29.86 0.45
CA LEU F 69 -34.16 31.03 1.00
C LEU F 69 -32.92 31.37 0.28
N ARG F 70 -32.09 30.37 0.08
CA ARG F 70 -30.80 30.68 -0.48
C ARG F 70 -30.92 31.39 -1.78
N LEU F 71 -31.79 30.92 -2.63
CA LEU F 71 -31.83 31.54 -3.91
C LEU F 71 -32.26 32.95 -3.69
N ARG F 72 -33.29 33.14 -2.89
CA ARG F 72 -33.84 34.48 -2.74
C ARG F 72 -32.82 35.44 -2.14
N VAL F 73 -32.07 35.00 -1.13
CA VAL F 73 -31.08 35.88 -0.52
C VAL F 73 -29.93 36.13 -1.50
N GLU F 74 -29.55 35.13 -2.29
CA GLU F 74 -28.52 35.35 -3.31
C GLU F 74 -28.98 36.35 -4.34
N GLN F 75 -30.23 36.24 -4.80
CA GLN F 75 -30.76 37.20 -5.75
C GLN F 75 -30.80 38.59 -5.16
N LYS F 76 -31.23 38.71 -3.90
CA LYS F 76 -31.30 40.02 -3.25
C LYS F 76 -29.92 40.64 -3.13
N LEU F 77 -28.93 39.86 -2.71
CA LEU F 77 -27.58 40.39 -2.55
C LEU F 77 -27.00 40.79 -3.91
N THR F 78 -27.23 39.98 -4.95
CA THR F 78 -26.77 40.34 -6.28
C THR F 78 -27.43 41.62 -6.76
N GLU F 79 -28.73 41.76 -6.49
CA GLU F 79 -29.44 42.98 -6.87
C GLU F 79 -28.86 44.19 -6.15
N LEU F 80 -28.55 44.04 -4.87
CA LEU F 80 -27.96 45.13 -4.12
C LEU F 80 -26.59 45.51 -4.67
N ALA F 81 -25.78 44.50 -5.03
CA ALA F 81 -24.40 44.77 -5.41
C ALA F 81 -24.25 45.18 -6.88
N LEU F 82 -25.25 44.90 -7.71
CA LEU F 82 -25.13 45.18 -9.14
C LEU F 82 -24.88 46.64 -9.49
N PRO F 83 -25.59 47.62 -8.93
CA PRO F 83 -25.27 49.02 -9.28
C PRO F 83 -23.85 49.42 -8.90
N LYS F 84 -23.29 48.84 -7.85
CA LYS F 84 -21.97 49.21 -7.36
C LYS F 84 -20.84 48.49 -8.10
N LEU F 85 -21.17 47.49 -8.92
CA LEU F 85 -20.13 46.67 -9.55
C LEU F 85 -19.24 47.47 -10.49
N GLU F 86 -19.72 48.59 -11.02
CA GLU F 86 -18.94 49.35 -12.00
C GLU F 86 -17.68 49.95 -11.40
N SER F 87 -17.58 50.05 -10.07
CA SER F 87 -16.38 50.56 -9.43
C SER F 87 -15.54 49.47 -8.77
N ASP F 88 -16.01 48.23 -8.77
CA ASP F 88 -15.34 47.12 -8.12
C ASP F 88 -15.33 45.93 -9.09
N ARG F 89 -14.87 46.19 -10.32
CA ARG F 89 -14.98 45.24 -11.43
C ARG F 89 -14.57 43.82 -11.06
N ALA F 90 -13.71 43.63 -10.07
CA ALA F 90 -13.27 42.30 -9.69
C ALA F 90 -14.19 41.61 -8.69
N ARG F 91 -15.26 42.28 -8.26
CA ARG F 91 -16.11 41.72 -7.22
C ARG F 91 -17.11 40.72 -7.80
N VAL F 92 -17.37 39.65 -7.05
CA VAL F 92 -18.44 38.71 -7.33
C VAL F 92 -19.36 38.67 -6.11
N PRO F 93 -20.64 39.00 -6.26
CA PRO F 93 -21.49 39.18 -5.07
C PRO F 93 -21.68 37.93 -4.23
N VAL F 94 -22.19 36.85 -4.81
CA VAL F 94 -22.52 35.64 -4.07
C VAL F 94 -22.11 34.42 -4.87
N VAL F 95 -21.58 33.42 -4.18
CA VAL F 95 -21.21 32.15 -4.78
C VAL F 95 -22.05 31.05 -4.14
N GLY F 96 -22.63 30.19 -4.98
CA GLY F 96 -23.45 29.11 -4.49
C GLY F 96 -23.04 27.76 -5.02
N ILE F 97 -23.07 26.74 -4.16
CA ILE F 97 -22.71 25.38 -4.54
C ILE F 97 -23.43 24.41 -3.62
N GLU F 98 -23.94 23.33 -4.19
CA GLU F 98 -24.59 22.28 -3.42
C GLU F 98 -23.56 21.26 -2.97
N ALA F 99 -23.69 20.83 -1.72
CA ALA F 99 -22.75 19.86 -1.15
C ALA F 99 -22.88 18.51 -1.85
N ILE F 100 -21.87 18.14 -2.63
CA ILE F 100 -21.92 16.91 -3.41
C ILE F 100 -21.85 15.70 -2.48
N ALA F 101 -22.85 14.83 -2.56
CA ALA F 101 -22.85 13.62 -1.76
C ALA F 101 -21.88 12.61 -2.35
N PRO F 102 -20.93 12.11 -1.57
CA PRO F 102 -19.93 11.19 -2.12
C PRO F 102 -20.50 9.81 -2.41
N GLU F 103 -19.85 9.12 -3.34
CA GLU F 103 -20.21 7.74 -3.63
C GLU F 103 -19.42 6.75 -2.77
N SER F 104 -18.24 7.15 -2.31
CA SER F 104 -17.43 6.28 -1.47
C SER F 104 -17.90 6.34 -0.03
N ARG F 105 -17.18 5.63 0.84
CA ARG F 105 -17.53 5.60 2.25
C ARG F 105 -17.36 6.93 2.95
N TYR F 106 -16.59 7.85 2.38
CA TYR F 106 -16.34 9.14 3.01
C TYR F 106 -16.40 10.25 1.97
N PHE F 107 -16.50 11.48 2.48
CA PHE F 107 -16.62 12.65 1.62
C PHE F 107 -15.35 12.85 0.80
N ASN F 108 -15.51 13.45 -0.38
CA ASN F 108 -14.40 13.74 -1.28
C ASN F 108 -14.22 15.24 -1.37
N TRP F 109 -13.01 15.71 -1.07
CA TRP F 109 -12.76 17.14 -1.04
C TRP F 109 -12.28 17.68 -2.38
N LYS F 110 -11.63 16.84 -3.20
CA LYS F 110 -11.11 17.31 -4.47
C LYS F 110 -12.24 17.75 -5.38
N GLU F 111 -13.32 16.98 -5.45
CA GLU F 111 -14.47 17.37 -6.24
C GLU F 111 -15.10 18.66 -5.70
N TYR F 112 -15.12 18.80 -4.37
CA TYR F 112 -15.65 20.01 -3.77
C TYR F 112 -14.86 21.24 -4.20
N TYR F 113 -13.53 21.16 -4.12
CA TYR F 113 -12.70 22.27 -4.57
C TYR F 113 -12.89 22.54 -6.05
N THR F 114 -12.96 21.48 -6.87
CA THR F 114 -13.11 21.67 -8.30
C THR F 114 -14.42 22.38 -8.62
N ARG F 115 -15.51 21.98 -7.98
CA ARG F 115 -16.79 22.60 -8.25
C ARG F 115 -16.83 24.03 -7.71
N ALA F 116 -16.18 24.27 -6.58
CA ALA F 116 -16.10 25.63 -6.06
C ALA F 116 -15.39 26.55 -7.04
N LEU F 117 -14.28 26.07 -7.62
CA LEU F 117 -13.57 26.87 -8.60
C LEU F 117 -14.38 27.04 -9.88
N ILE F 118 -15.10 25.99 -10.30
CA ILE F 118 -15.92 26.08 -11.50
C ILE F 118 -16.99 27.14 -11.34
N THR F 119 -17.64 27.16 -10.16
CA THR F 119 -18.65 28.18 -9.91
C THR F 119 -18.07 29.58 -9.98
N LEU F 120 -16.78 29.73 -9.66
CA LEU F 120 -16.09 31.01 -9.80
C LEU F 120 -15.62 31.18 -11.24
N GLU F 121 -16.59 31.42 -12.11
CA GLU F 121 -16.35 31.62 -13.53
C GLU F 121 -16.87 32.99 -13.95
N GLU F 122 -16.09 33.69 -14.75
CA GLU F 122 -16.39 35.06 -15.13
C GLU F 122 -15.60 35.43 -16.37
N PRO F 123 -16.19 36.17 -17.32
CA PRO F 123 -15.39 36.67 -18.46
C PRO F 123 -14.18 37.49 -18.04
N LEU F 124 -14.26 38.23 -16.94
CA LEU F 124 -13.08 38.87 -16.40
C LEU F 124 -12.06 37.85 -15.89
N ILE F 125 -12.53 36.77 -15.26
CA ILE F 125 -11.64 35.67 -14.91
C ILE F 125 -10.99 35.07 -16.15
N ASP F 126 -11.71 35.08 -17.27
CA ASP F 126 -11.12 34.64 -18.54
C ASP F 126 -9.99 35.57 -18.99
N HIS F 127 -9.87 36.76 -18.39
CA HIS F 127 -8.75 37.65 -18.64
C HIS F 127 -7.95 37.97 -17.39
N LYS F 128 -8.20 37.29 -16.28
CA LYS F 128 -7.55 37.65 -15.02
C LYS F 128 -6.17 37.01 -14.91
N PHE F 129 -5.54 37.22 -13.77
CA PHE F 129 -4.24 36.64 -13.48
C PHE F 129 -4.33 35.12 -13.44
N ASP F 130 -3.25 34.47 -13.86
CA ASP F 130 -3.16 33.02 -13.75
C ASP F 130 -3.05 32.61 -12.29
N TYR F 131 -3.60 31.43 -11.98
CA TYR F 131 -3.57 30.93 -10.62
C TYR F 131 -2.15 30.53 -10.23
N GLY F 132 -1.96 30.29 -8.93
CA GLY F 132 -0.67 29.94 -8.40
C GLY F 132 -0.24 28.51 -8.61
N VAL F 133 -1.08 27.69 -9.25
CA VAL F 133 -0.76 26.28 -9.49
C VAL F 133 -0.90 26.00 -10.98
N ARG F 134 -0.26 24.94 -11.43
CA ARG F 134 -0.26 24.59 -12.83
C ARG F 134 -1.45 23.68 -13.16
N GLY F 135 -1.69 23.50 -14.46
CA GLY F 135 -2.72 22.59 -14.92
C GLY F 135 -4.11 22.93 -14.47
N ILE F 136 -4.40 24.22 -14.25
CA ILE F 136 -5.68 24.65 -13.73
C ILE F 136 -6.19 25.81 -14.58
N SER F 137 -5.38 26.21 -15.55
CA SER F 137 -5.68 27.41 -16.31
C SER F 137 -6.93 27.21 -17.18
N ARG F 138 -7.48 28.34 -17.61
CA ARG F 138 -8.63 28.34 -18.50
C ARG F 138 -8.23 27.89 -19.90
N ASP F 139 -9.23 27.76 -20.77
CA ASP F 139 -9.02 27.44 -22.17
C ASP F 139 -9.80 28.37 -23.09
N ASN F 140 -9.97 29.63 -22.66
CA ASN F 140 -10.68 30.65 -23.44
C ASN F 140 -12.13 30.25 -23.72
N PHE F 141 -12.73 29.47 -22.83
CA PHE F 141 -14.13 29.11 -22.91
C PHE F 141 -14.71 29.11 -21.51
N GLY F 142 -16.00 28.78 -21.41
CA GLY F 142 -16.65 28.66 -20.13
C GLY F 142 -16.54 27.26 -19.56
N LYS F 143 -15.38 26.64 -19.76
CA LYS F 143 -15.13 25.28 -19.33
C LYS F 143 -13.79 25.20 -18.62
N ILE F 144 -13.58 26.14 -17.68
CA ILE F 144 -12.36 26.14 -16.89
C ILE F 144 -12.17 24.76 -16.25
N ASN F 145 -11.04 24.14 -16.54
CA ASN F 145 -10.80 22.75 -16.18
C ASN F 145 -9.57 22.63 -15.29
N VAL F 146 -9.51 21.54 -14.55
CA VAL F 146 -8.39 21.21 -13.69
C VAL F 146 -7.89 19.83 -14.09
N GLU F 147 -6.59 19.60 -13.96
CA GLU F 147 -6.04 18.30 -14.28
C GLU F 147 -6.32 17.30 -13.17
N SER F 148 -6.64 16.07 -13.56
CA SER F 148 -6.93 15.03 -12.57
C SER F 148 -5.70 14.70 -11.73
N LYS F 149 -4.51 14.99 -12.25
CA LYS F 149 -3.28 14.74 -11.51
C LYS F 149 -2.95 15.85 -10.52
N VAL F 150 -3.72 16.93 -10.50
CA VAL F 150 -3.48 18.00 -9.54
C VAL F 150 -3.90 17.51 -8.16
N VAL F 151 -2.96 17.57 -7.21
CA VAL F 151 -3.23 17.07 -5.87
C VAL F 151 -4.19 18.01 -5.17
N ALA F 152 -4.96 17.47 -4.22
CA ALA F 152 -5.97 18.25 -3.52
C ALA F 152 -5.42 19.49 -2.81
N PRO F 153 -4.30 19.44 -2.09
CA PRO F 153 -3.81 20.67 -1.46
C PRO F 153 -3.52 21.80 -2.43
N ALA F 154 -2.97 21.48 -3.61
CA ALA F 154 -2.74 22.52 -4.61
C ALA F 154 -4.06 23.09 -5.11
N LEU F 155 -5.06 22.24 -5.29
CA LEU F 155 -6.38 22.70 -5.68
C LEU F 155 -6.95 23.65 -4.63
N ARG F 156 -6.77 23.31 -3.36
CA ARG F 156 -7.25 24.17 -2.28
C ARG F 156 -6.49 25.49 -2.26
N ARG F 157 -5.19 25.46 -2.53
CA ARG F 157 -4.42 26.70 -2.60
C ARG F 157 -4.95 27.60 -3.71
N ALA F 158 -5.22 27.02 -4.88
CA ALA F 158 -5.77 27.81 -5.97
C ALA F 158 -7.14 28.37 -5.60
N LEU F 159 -7.97 27.55 -4.94
CA LEU F 159 -9.27 28.03 -4.52
C LEU F 159 -9.14 29.20 -3.55
N GLU F 160 -8.21 29.11 -2.61
CA GLU F 160 -8.01 30.20 -1.66
C GLU F 160 -7.56 31.47 -2.38
N ASN F 161 -6.61 31.32 -3.31
CA ASN F 161 -6.11 32.49 -4.03
C ASN F 161 -7.21 33.15 -4.86
N ALA F 162 -8.05 32.37 -5.53
CA ALA F 162 -9.13 32.95 -6.30
C ALA F 162 -10.21 33.54 -5.40
N LEU F 163 -10.50 32.87 -4.29
CA LEU F 163 -11.56 33.30 -3.39
C LEU F 163 -11.20 34.61 -2.70
N ILE F 164 -9.96 34.74 -2.24
CA ILE F 164 -9.53 35.99 -1.61
C ILE F 164 -9.49 37.10 -2.64
N HIS F 165 -9.44 36.75 -3.92
CA HIS F 165 -9.39 37.77 -4.98
C HIS F 165 -10.77 38.24 -5.39
N ARG F 166 -11.76 37.35 -5.37
CA ARG F 166 -13.08 37.69 -5.87
C ARG F 166 -13.92 38.47 -4.88
N HIS F 167 -13.53 38.50 -3.60
CA HIS F 167 -14.20 39.26 -2.54
C HIS F 167 -15.70 38.99 -2.46
N PRO F 168 -16.15 37.75 -2.34
CA PRO F 168 -17.59 37.52 -2.21
C PRO F 168 -18.08 37.85 -0.81
N ASP F 169 -19.31 38.36 -0.72
CA ASP F 169 -19.87 38.72 0.58
C ASP F 169 -20.16 37.50 1.42
N VAL F 170 -20.57 36.40 0.82
CA VAL F 170 -20.88 35.17 1.55
C VAL F 170 -20.77 34.01 0.59
N PHE F 171 -20.34 32.86 1.12
CA PHE F 171 -20.20 31.63 0.36
C PHE F 171 -21.22 30.62 0.88
N PHE F 172 -22.05 30.10 -0.01
CA PHE F 172 -23.15 29.21 0.37
C PHE F 172 -22.81 27.77 0.02
N VAL F 173 -23.06 26.87 0.95
CA VAL F 173 -22.95 25.44 0.71
C VAL F 173 -24.32 24.84 0.99
N ASP F 174 -25.04 24.50 -0.07
CA ASP F 174 -26.40 23.99 0.07
C ASP F 174 -26.41 22.50 0.35
N GLU F 175 -27.42 22.05 1.10
CA GLU F 175 -27.55 20.65 1.50
C GLU F 175 -26.29 20.15 2.17
N ALA F 176 -25.76 20.94 3.10
CA ALA F 176 -24.46 20.66 3.70
C ALA F 176 -24.46 19.44 4.62
N GLN F 177 -25.60 18.76 4.77
CA GLN F 177 -25.63 17.58 5.63
C GLN F 177 -24.73 16.47 5.10
N HIS F 178 -24.33 16.53 3.84
CA HIS F 178 -23.47 15.50 3.27
C HIS F 178 -22.05 15.54 3.81
N PHE F 179 -21.67 16.59 4.53
CA PHE F 179 -20.32 16.63 5.10
C PHE F 179 -20.12 15.56 6.17
N GLY F 180 -21.20 14.95 6.65
CA GLY F 180 -21.10 13.96 7.70
C GLY F 180 -20.73 12.57 7.24
N LYS F 181 -20.50 12.37 5.95
CA LYS F 181 -20.15 11.05 5.42
C LYS F 181 -18.69 10.77 5.78
N VAL F 182 -18.48 10.08 6.89
CA VAL F 182 -17.15 9.69 7.34
C VAL F 182 -17.18 8.25 7.79
N ALA F 183 -16.01 7.61 7.78
CA ALA F 183 -15.90 6.23 8.25
C ALA F 183 -15.90 6.17 9.77
N SER F 184 -15.07 6.99 10.41
CA SER F 184 -15.01 7.10 11.87
C SER F 184 -15.63 8.43 12.28
N GLY F 185 -16.47 8.39 13.32
CA GLY F 185 -17.21 9.58 13.70
C GLY F 185 -16.36 10.75 14.13
N TYR F 186 -15.15 10.48 14.64
CA TYR F 186 -14.27 11.56 15.09
C TYR F 186 -13.84 12.43 13.91
N LYS F 187 -13.89 11.90 12.69
CA LYS F 187 -13.49 12.68 11.53
C LYS F 187 -14.43 13.84 11.26
N LEU F 188 -15.59 13.89 11.93
CA LEU F 188 -16.53 14.99 11.74
C LEU F 188 -15.90 16.32 12.14
N GLN F 189 -15.27 16.35 13.31
CA GLN F 189 -14.61 17.58 13.74
C GLN F 189 -13.47 17.94 12.81
N ASP F 190 -12.78 16.95 12.24
CA ASP F 190 -11.71 17.23 11.29
C ASP F 190 -12.27 17.87 10.02
N GLN F 191 -13.40 17.38 9.52
CA GLN F 191 -14.02 17.98 8.35
C GLN F 191 -14.40 19.43 8.64
N LEU F 192 -15.04 19.66 9.78
CA LEU F 192 -15.43 21.02 10.13
C LEU F 192 -14.20 21.91 10.32
N ASP F 193 -13.12 21.36 10.87
CA ASP F 193 -11.92 22.15 11.06
C ASP F 193 -11.27 22.51 9.73
N CYS F 194 -11.31 21.60 8.77
CA CYS F 194 -10.79 21.92 7.43
C CYS F 194 -11.60 23.06 6.81
N LEU F 195 -12.93 22.97 6.90
CA LEU F 195 -13.76 24.04 6.37
C LEU F 195 -13.50 25.36 7.11
N LYS F 196 -13.34 25.29 8.43
CA LYS F 196 -13.07 26.49 9.21
C LYS F 196 -11.75 27.11 8.83
N SER F 197 -10.73 26.28 8.60
CA SER F 197 -9.44 26.79 8.18
C SER F 197 -9.54 27.50 6.83
N LEU F 198 -10.31 26.91 5.89
CA LEU F 198 -10.53 27.58 4.62
C LEU F 198 -11.18 28.94 4.82
N ALA F 199 -12.28 28.97 5.58
CA ALA F 199 -13.01 30.22 5.77
C ALA F 199 -12.14 31.27 6.45
N ASN F 200 -11.37 30.85 7.46
CA ASN F 200 -10.53 31.79 8.19
C ASN F 200 -9.42 32.33 7.31
N MET F 201 -8.71 31.46 6.59
CA MET F 201 -7.59 31.92 5.79
C MET F 201 -8.03 32.81 4.65
N THR F 202 -9.16 32.51 4.01
CA THR F 202 -9.66 33.42 2.99
C THR F 202 -10.51 34.54 3.57
N GLY F 203 -10.84 34.48 4.87
CA GLY F 203 -11.63 35.53 5.46
C GLY F 203 -13.00 35.70 4.86
N ILE F 204 -13.56 34.65 4.27
CA ILE F 204 -14.83 34.72 3.57
C ILE F 204 -15.87 33.95 4.37
N LEU F 205 -16.99 34.61 4.67
CA LEU F 205 -18.04 34.01 5.47
C LEU F 205 -18.62 32.79 4.76
N HIS F 206 -18.83 31.72 5.52
CA HIS F 206 -19.41 30.49 4.99
C HIS F 206 -20.76 30.23 5.66
N CYS F 207 -21.74 29.86 4.85
CA CYS F 207 -23.07 29.54 5.34
C CYS F 207 -23.40 28.11 4.94
N LEU F 208 -23.83 27.32 5.93
CA LEU F 208 -24.17 25.91 5.70
C LEU F 208 -25.67 25.75 5.91
N LEU F 209 -26.34 25.16 4.91
CA LEU F 209 -27.76 24.92 4.97
C LEU F 209 -28.05 23.44 4.82
N GLY F 210 -29.06 22.95 5.53
CA GLY F 210 -29.42 21.56 5.45
C GLY F 210 -30.44 21.15 6.46
N THR F 211 -30.69 19.85 6.56
CA THR F 211 -31.68 19.35 7.50
C THR F 211 -31.11 19.21 8.90
N TYR F 212 -31.91 18.67 9.81
CA TYR F 212 -31.47 18.52 11.19
C TYR F 212 -30.23 17.63 11.25
N GLU F 213 -30.07 16.75 10.27
CA GLU F 213 -28.91 15.85 10.23
C GLU F 213 -27.59 16.52 10.61
N LEU F 214 -27.41 17.77 10.24
CA LEU F 214 -26.15 18.45 10.50
C LEU F 214 -26.03 18.98 11.93
N LEU F 215 -27.03 18.72 12.77
CA LEU F 215 -26.98 19.22 14.14
C LEU F 215 -25.80 18.69 14.92
N THR F 216 -25.23 17.56 14.49
CA THR F 216 -24.05 17.01 15.15
C THR F 216 -22.83 17.91 15.01
N PHE F 217 -22.86 18.86 14.07
CA PHE F 217 -21.72 19.75 13.88
C PHE F 217 -21.66 20.85 14.93
N ARG F 218 -22.77 21.11 15.62
CA ARG F 218 -22.98 22.41 16.24
C ARG F 218 -22.11 22.62 17.49
N ASN F 219 -21.87 21.58 18.30
CA ASN F 219 -21.00 21.71 19.46
C ASN F 219 -19.73 20.87 19.34
N LEU F 220 -19.09 20.83 18.17
CA LEU F 220 -17.90 19.99 18.02
C LEU F 220 -16.75 20.50 18.88
N SER F 221 -16.54 21.82 18.93
CA SER F 221 -15.44 22.37 19.71
C SER F 221 -15.83 23.79 20.09
N GLY F 222 -15.12 24.33 21.07
CA GLY F 222 -15.38 25.70 21.50
C GLY F 222 -15.07 26.74 20.44
N GLN F 223 -13.96 26.53 19.75
CA GLN F 223 -13.60 27.45 18.69
C GLN F 223 -14.77 27.42 17.76
N LEU F 224 -15.00 26.26 17.17
CA LEU F 224 -16.12 26.18 16.21
C LEU F 224 -17.40 26.78 16.79
N SER F 225 -17.66 26.58 18.08
CA SER F 225 -18.86 27.12 18.69
C SER F 225 -18.88 28.65 18.66
N ARG F 226 -17.73 29.27 18.90
CA ARG F 226 -17.61 30.71 18.92
C ARG F 226 -17.64 31.29 17.52
N ARG F 227 -17.10 30.55 16.56
CA ARG F 227 -17.06 31.08 15.20
C ARG F 227 -18.30 30.75 14.39
N SER F 228 -19.32 30.13 14.99
CA SER F 228 -20.52 29.75 14.27
C SER F 228 -21.75 30.42 14.88
N VAL F 229 -22.74 30.67 14.03
CA VAL F 229 -24.03 31.24 14.42
C VAL F 229 -25.13 30.29 14.00
N ASP F 230 -26.07 30.01 14.90
CA ASP F 230 -27.15 29.07 14.66
C ASP F 230 -28.42 29.83 14.29
N ILE F 231 -29.01 29.46 13.15
CA ILE F 231 -30.25 30.07 12.71
C ILE F 231 -31.22 28.92 12.52
N HIS F 232 -32.38 28.99 13.14
CA HIS F 232 -33.32 27.89 13.05
C HIS F 232 -34.49 28.27 12.16
N PHE F 233 -34.70 27.49 11.10
CA PHE F 233 -35.83 27.74 10.22
C PHE F 233 -36.97 26.92 10.79
N ARG F 234 -37.60 27.42 11.84
CA ARG F 234 -38.67 26.67 12.49
C ARG F 234 -39.87 26.51 11.58
N ARG F 235 -40.56 25.39 11.74
CA ARG F 235 -41.78 25.15 11.01
C ARG F 235 -42.89 25.70 11.87
N TYR F 236 -44.10 25.77 11.33
CA TYR F 236 -45.25 26.21 12.11
C TYR F 236 -45.75 25.07 12.98
N CYS F 237 -45.96 25.35 14.26
CA CYS F 237 -46.30 24.34 15.25
C CYS F 237 -47.77 24.49 15.64
N ALA F 238 -48.49 23.36 15.63
CA ALA F 238 -49.90 23.39 16.02
C ALA F 238 -50.09 23.68 17.49
N ASP F 239 -49.05 23.49 18.32
CA ASP F 239 -49.19 23.75 19.74
C ASP F 239 -49.44 25.21 20.05
N SER F 240 -49.06 26.11 19.15
CA SER F 240 -49.26 27.56 19.35
C SER F 240 -50.39 28.05 18.48
N PRO F 241 -51.47 28.57 19.05
CA PRO F 241 -52.57 29.09 18.21
C PRO F 241 -52.15 30.20 17.27
N GLU F 242 -51.15 31.00 17.65
CA GLU F 242 -50.65 32.02 16.74
C GLU F 242 -50.05 31.40 15.48
N ASP F 243 -49.26 30.33 15.64
CA ASP F 243 -48.75 29.63 14.47
C ASP F 243 -49.89 28.98 13.70
N VAL F 244 -50.94 28.55 14.42
CA VAL F 244 -52.09 27.93 13.75
C VAL F 244 -52.77 28.94 12.83
N GLN F 245 -52.98 30.16 13.32
CA GLN F 245 -53.63 31.16 12.48
C GLN F 245 -52.71 31.67 11.39
N ALA F 246 -51.39 31.66 11.63
CA ALA F 246 -50.46 31.97 10.55
C ALA F 246 -50.54 30.91 9.44
N PHE F 247 -50.64 29.64 9.84
CA PHE F 247 -50.83 28.57 8.87
C PHE F 247 -52.15 28.74 8.12
N LYS F 248 -53.19 29.17 8.83
CA LYS F 248 -54.47 29.45 8.19
C LYS F 248 -54.34 30.57 7.16
N SER F 249 -53.58 31.63 7.50
CA SER F 249 -53.37 32.71 6.56
C SER F 249 -52.61 32.24 5.33
N VAL F 250 -51.60 31.39 5.53
CA VAL F 250 -50.87 30.82 4.39
C VAL F 250 -51.81 30.01 3.53
N LEU F 251 -52.69 29.22 4.16
CA LEU F 251 -53.67 28.44 3.41
C LEU F 251 -54.57 29.35 2.60
N LEU F 252 -55.01 30.46 3.20
CA LEU F 252 -55.88 31.40 2.48
C LEU F 252 -55.14 32.01 1.29
N THR F 253 -53.89 32.39 1.49
CA THR F 253 -53.10 32.97 0.40
C THR F 253 -52.91 32.01 -0.75
N PHE F 254 -52.66 30.73 -0.47
CA PHE F 254 -52.58 29.71 -1.51
C PHE F 254 -53.93 29.42 -2.16
N GLN F 255 -55.00 29.45 -1.37
CA GLN F 255 -56.33 29.18 -1.90
C GLN F 255 -56.78 30.27 -2.86
N GLN F 256 -56.44 31.52 -2.56
CA GLN F 256 -56.89 32.64 -3.35
C GLN F 256 -56.10 32.85 -4.63
N HIS F 257 -55.04 32.08 -4.85
CA HIS F 257 -54.15 32.30 -5.99
C HIS F 257 -53.99 31.12 -6.93
N LEU F 258 -54.45 29.93 -6.56
CA LEU F 258 -54.33 28.79 -7.45
C LEU F 258 -55.29 28.96 -8.64
N PRO F 259 -54.79 28.90 -9.87
CA PRO F 259 -55.58 29.30 -11.07
C PRO F 259 -56.58 28.24 -11.54
N LEU F 260 -57.77 28.27 -10.95
CA LEU F 260 -58.88 27.49 -11.45
C LEU F 260 -60.11 28.37 -11.69
N ALA F 261 -61.22 27.73 -12.05
CA ALA F 261 -62.43 28.46 -12.36
C ALA F 261 -62.96 29.22 -11.15
N GLU F 262 -63.04 28.56 -10.00
CA GLU F 262 -63.50 29.21 -8.77
C GLU F 262 -62.68 28.70 -7.60
N THR F 263 -62.61 29.52 -6.56
CA THR F 263 -61.76 29.21 -5.42
C THR F 263 -62.38 28.08 -4.60
N PRO F 264 -61.63 27.02 -4.31
CA PRO F 264 -62.14 25.97 -3.42
C PRO F 264 -62.07 26.42 -1.96
N ASN F 265 -62.40 25.48 -1.08
CA ASN F 265 -62.31 25.72 0.35
C ASN F 265 -61.21 24.83 0.92
N LEU F 266 -60.08 25.43 1.32
CA LEU F 266 -58.98 24.70 1.91
C LEU F 266 -58.89 24.87 3.42
N VAL F 267 -59.53 25.91 3.97
CA VAL F 267 -59.45 26.15 5.40
C VAL F 267 -60.13 25.03 6.17
N ASP F 268 -61.26 24.54 5.67
CA ASP F 268 -61.97 23.47 6.36
C ASP F 268 -61.14 22.20 6.46
N HIS F 269 -60.23 21.99 5.50
CA HIS F 269 -59.36 20.81 5.50
C HIS F 269 -57.99 21.11 6.09
N TRP F 270 -57.85 22.19 6.85
CA TRP F 270 -56.55 22.56 7.38
C TRP F 270 -55.97 21.48 8.28
N GLU F 271 -56.83 20.72 8.98
CA GLU F 271 -56.34 19.63 9.81
C GLU F 271 -55.62 18.60 8.96
N TYR F 272 -56.21 18.22 7.82
CA TYR F 272 -55.58 17.27 6.93
C TYR F 272 -54.26 17.82 6.39
N PHE F 273 -54.25 19.09 5.98
CA PHE F 273 -53.03 19.70 5.46
C PHE F 273 -51.92 19.65 6.49
N TYR F 274 -52.21 20.10 7.72
CA TYR F 274 -51.18 20.12 8.75
C TYR F 274 -50.72 18.70 9.08
N GLU F 275 -51.65 17.77 9.24
CA GLU F 275 -51.27 16.41 9.59
C GLU F 275 -50.56 15.69 8.45
N ARG F 276 -50.60 16.23 7.23
CA ARG F 276 -49.82 15.67 6.14
C ARG F 276 -48.73 16.61 5.64
N THR F 277 -48.43 17.69 6.38
CA THR F 277 -47.32 18.56 6.06
C THR F 277 -46.47 18.96 7.27
N LEU F 278 -46.96 18.75 8.49
CA LEU F 278 -46.26 19.09 9.74
C LEU F 278 -45.92 20.58 9.86
N GLY F 279 -46.68 21.44 9.21
CA GLY F 279 -46.55 22.87 9.42
C GLY F 279 -45.48 23.56 8.61
N CYS F 280 -44.73 22.84 7.78
CA CYS F 280 -43.75 23.46 6.89
C CYS F 280 -44.44 23.78 5.58
N ILE F 281 -44.26 25.01 5.08
CA ILE F 281 -45.10 25.51 4.01
C ILE F 281 -44.63 25.08 2.62
N GLY F 282 -43.34 24.79 2.44
CA GLY F 282 -42.89 24.34 1.13
C GLY F 282 -43.49 23.01 0.74
N THR F 283 -43.61 22.09 1.71
CA THR F 283 -44.32 20.84 1.46
C THR F 283 -45.78 21.10 1.13
N LEU F 284 -46.40 22.06 1.82
CA LEU F 284 -47.77 22.43 1.50
C LEU F 284 -47.89 22.87 0.05
N LYS F 285 -46.97 23.72 -0.40
CA LYS F 285 -47.06 24.25 -1.75
C LYS F 285 -46.81 23.18 -2.79
N ASP F 286 -45.77 22.36 -2.61
CA ASP F 286 -45.48 21.37 -3.64
C ASP F 286 -46.44 20.19 -3.57
N TRP F 287 -47.23 20.07 -2.50
CA TRP F 287 -48.35 19.14 -2.49
C TRP F 287 -49.54 19.72 -3.22
N LEU F 288 -49.86 21.00 -2.96
CA LEU F 288 -50.94 21.66 -3.68
C LEU F 288 -50.65 21.74 -5.17
N LYS F 289 -49.36 21.75 -5.53
CA LYS F 289 -48.99 21.79 -6.94
C LYS F 289 -49.49 20.56 -7.67
N ARG F 290 -49.40 19.40 -7.03
CA ARG F 290 -49.84 18.16 -7.67
C ARG F 290 -51.33 18.18 -7.96
N VAL F 291 -52.14 18.58 -6.98
CA VAL F 291 -53.59 18.59 -7.18
C VAL F 291 -53.98 19.67 -8.19
N LEU F 292 -53.28 20.81 -8.16
CA LEU F 292 -53.56 21.83 -9.18
C LEU F 292 -53.22 21.32 -10.57
N SER F 293 -52.11 20.59 -10.71
CA SER F 293 -51.76 20.01 -12.00
C SER F 293 -52.82 19.02 -12.45
N ASP F 294 -53.32 18.19 -11.52
CA ASP F 294 -54.37 17.24 -11.86
C ASP F 294 -55.62 17.97 -12.34
N ALA F 295 -56.01 19.03 -11.62
CA ALA F 295 -57.21 19.78 -11.98
C ALA F 295 -57.07 20.43 -13.35
N LEU F 296 -55.91 21.04 -13.62
CA LEU F 296 -55.73 21.71 -14.90
C LEU F 296 -55.63 20.71 -16.05
N ASP F 297 -55.04 19.53 -15.80
CA ASP F 297 -55.02 18.50 -16.83
C ASP F 297 -56.39 17.90 -17.07
N ARG F 298 -57.24 17.86 -16.05
CA ARG F 298 -58.63 17.47 -16.22
C ARG F 298 -59.51 18.65 -16.64
N GLU F 299 -58.96 19.86 -16.67
CA GLU F 299 -59.74 21.07 -16.90
C GLU F 299 -60.89 21.19 -15.90
N ALA F 300 -60.60 20.80 -14.65
CA ALA F 300 -61.59 20.87 -13.60
C ALA F 300 -61.80 22.32 -13.16
N THR F 301 -62.88 22.55 -12.42
CA THR F 301 -63.23 23.89 -11.98
C THR F 301 -62.68 24.22 -10.60
N THR F 302 -62.62 23.25 -9.70
CA THR F 302 -62.16 23.52 -8.34
C THR F 302 -61.61 22.23 -7.73
N ILE F 303 -60.86 22.40 -6.65
CA ILE F 303 -60.22 21.26 -5.98
C ILE F 303 -61.19 20.64 -4.98
N THR F 304 -61.13 19.31 -4.87
CA THR F 304 -61.89 18.57 -3.89
C THR F 304 -60.94 17.76 -3.00
N LEU F 305 -61.43 17.41 -1.81
CA LEU F 305 -60.64 16.58 -0.91
C LEU F 305 -60.29 15.25 -1.55
N LYS F 306 -61.16 14.74 -2.42
CA LYS F 306 -60.83 13.53 -3.17
C LYS F 306 -59.58 13.72 -4.00
N ASP F 307 -59.44 14.88 -4.65
CA ASP F 307 -58.22 15.18 -5.38
C ASP F 307 -57.02 15.26 -4.44
N LEU F 308 -57.22 15.90 -3.28
CA LEU F 308 -56.12 16.08 -2.33
C LEU F 308 -55.58 14.74 -1.85
N GLN F 309 -56.46 13.78 -1.60
CA GLN F 309 -56.03 12.48 -1.10
C GLN F 309 -55.20 11.73 -2.13
N LYS F 310 -55.33 12.09 -3.42
CA LYS F 310 -54.68 11.33 -4.48
C LYS F 310 -53.15 11.37 -4.39
N ARG F 311 -52.57 12.55 -4.12
CA ARG F 311 -51.11 12.63 -4.11
C ARG F 311 -50.57 13.25 -2.83
N ALA F 312 -51.17 12.94 -1.68
CA ALA F 312 -50.60 13.39 -0.42
C ALA F 312 -49.42 12.50 -0.03
N LEU F 313 -48.66 12.97 0.95
CA LEU F 313 -47.57 12.16 1.49
C LEU F 313 -48.14 10.96 2.25
N SER F 314 -47.37 9.89 2.28
CA SER F 314 -47.80 8.69 3.00
C SER F 314 -47.83 8.93 4.49
N VAL F 315 -48.70 8.19 5.18
CA VAL F 315 -48.83 8.31 6.62
C VAL F 315 -47.52 7.94 7.31
N ALA F 316 -46.90 6.84 6.87
CA ALA F 316 -45.61 6.43 7.43
C ALA F 316 -44.54 7.47 7.11
N GLN F 317 -44.57 8.04 5.90
CA GLN F 317 -43.63 9.09 5.56
C GLN F 317 -43.74 10.25 6.54
N CYS F 318 -44.96 10.73 6.78
CA CYS F 318 -45.15 11.84 7.69
C CYS F 318 -44.73 11.48 9.11
N GLN F 319 -44.99 10.24 9.54
CA GLN F 319 -44.57 9.81 10.86
C GLN F 319 -43.04 9.88 11.00
N LYS F 320 -42.32 9.39 9.98
CA LYS F 320 -40.87 9.46 10.01
C LYS F 320 -40.40 10.91 10.01
N MET F 321 -41.03 11.75 9.19
CA MET F 321 -40.72 13.18 9.18
C MET F 321 -40.84 13.76 10.58
N PHE F 322 -41.97 13.51 11.24
CA PHE F 322 -42.23 14.09 12.55
C PHE F 322 -41.25 13.57 13.58
N LYS F 323 -40.91 12.28 13.52
CA LYS F 323 -39.92 11.73 14.44
C LYS F 323 -38.58 12.43 14.27
N GLU F 324 -38.13 12.58 13.03
CA GLU F 324 -36.87 13.26 12.77
C GLU F 324 -36.92 14.71 13.25
N ILE F 325 -38.04 15.40 12.98
CA ILE F 325 -38.15 16.80 13.32
C ILE F 325 -38.12 16.98 14.85
N GLN F 326 -38.84 16.13 15.57
CA GLN F 326 -38.83 16.22 17.03
C GLN F 326 -37.46 15.88 17.60
N GLU F 327 -36.81 14.85 17.05
CA GLU F 327 -35.47 14.51 17.51
C GLU F 327 -34.47 15.64 17.28
N GLY F 328 -34.66 16.41 16.22
CA GLY F 328 -33.83 17.58 16.01
C GLY F 328 -34.19 18.74 16.92
N GLU F 329 -35.49 18.96 17.11
CA GLU F 329 -35.96 20.13 17.85
C GLU F 329 -35.63 20.01 19.34
N ARG F 330 -35.66 18.79 19.87
CA ARG F 330 -35.38 18.62 21.30
C ARG F 330 -33.97 19.04 21.65
N GLN F 331 -33.06 19.07 20.67
CA GLN F 331 -31.71 19.55 20.90
C GLN F 331 -31.60 21.07 20.86
N LEU F 332 -32.64 21.73 20.34
CA LEU F 332 -32.64 23.18 20.21
C LEU F 332 -33.58 23.82 21.22
N SER F 333 -33.52 23.39 22.48
CA SER F 333 -34.34 23.98 23.53
C SER F 333 -33.48 24.90 24.40
N GLU F 334 -33.38 26.16 23.96
CA GLU F 334 -32.72 27.19 24.73
C GLU F 334 -33.65 27.71 25.83
N THR F 335 -33.91 26.86 26.81
CA THR F 335 -34.77 27.20 27.92
C THR F 335 -34.04 28.06 28.95
N GLU F 336 -34.80 28.87 29.67
CA GLU F 336 -34.22 29.71 30.70
C GLU F 336 -33.63 28.86 31.83
N ALA F 337 -34.13 27.64 32.00
CA ALA F 337 -33.52 26.73 32.97
C ALA F 337 -32.07 26.44 32.61
N ASP F 338 -31.80 26.24 31.31
CA ASP F 338 -30.43 26.04 30.87
C ASP F 338 -29.59 27.29 31.10
N VAL F 339 -30.17 28.47 30.91
CA VAL F 339 -29.44 29.71 31.17
C VAL F 339 -29.05 29.80 32.64
N GLN F 340 -30.00 29.48 33.53
CA GLN F 340 -29.71 29.51 34.96
C GLN F 340 -28.65 28.47 35.32
N ASN F 341 -28.73 27.29 34.70
CA ASN F 341 -27.73 26.25 34.95
C ASN F 341 -26.34 26.75 34.54
N LEU F 342 -26.25 27.36 33.36
CA LEU F 342 -24.97 27.88 32.89
C LEU F 342 -24.44 28.97 33.81
N ARG F 343 -25.33 29.86 34.26
CA ARG F 343 -24.88 30.93 35.15
C ARG F 343 -24.39 30.37 36.48
N SER F 344 -25.10 29.37 37.02
CA SER F 344 -24.67 28.77 38.27
C SER F 344 -23.33 28.05 38.11
N ALA F 345 -23.15 27.32 37.00
CA ALA F 345 -21.88 26.64 36.78
C ALA F 345 -20.75 27.64 36.54
N LEU F 346 -21.08 28.81 36.00
CA LEU F 346 -20.09 29.84 35.72
C LEU F 346 -19.61 30.55 36.97
N GLY F 347 -20.34 30.42 38.08
CA GLY F 347 -20.02 31.14 39.29
C GLY F 347 -20.73 32.47 39.43
N LEU F 348 -21.48 32.89 38.42
CA LEU F 348 -22.25 34.13 38.48
C LEU F 348 -23.74 33.88 38.72
N GLY F 349 -24.10 32.66 39.11
CA GLY F 349 -25.51 32.36 39.33
C GLY F 349 -26.11 33.25 40.41
N ALA F 350 -27.25 33.84 40.09
CA ALA F 350 -27.94 34.73 41.01
C ALA F 350 -29.43 34.77 40.72
N THR G 8 -62.00 -10.27 -28.60
CA THR G 8 -62.45 -10.34 -29.99
C THR G 8 -61.83 -11.53 -30.71
N GLY G 9 -60.77 -12.08 -30.13
CA GLY G 9 -60.11 -13.24 -30.69
C GLY G 9 -58.99 -12.88 -31.63
N PHE G 10 -57.99 -13.77 -31.67
CA PHE G 10 -56.86 -13.58 -32.56
C PHE G 10 -57.28 -13.81 -34.00
N PRO G 11 -56.65 -13.13 -34.96
CA PRO G 11 -57.02 -13.30 -36.36
C PRO G 11 -56.68 -14.70 -36.88
N LEU G 12 -57.48 -15.15 -37.84
CA LEU G 12 -57.34 -16.51 -38.35
C LEU G 12 -56.09 -16.67 -39.20
N GLU G 13 -55.53 -15.57 -39.72
CA GLU G 13 -54.37 -15.62 -40.58
C GLU G 13 -53.12 -16.15 -39.88
N LEU G 14 -53.11 -16.15 -38.55
CA LEU G 14 -51.94 -16.60 -37.80
C LEU G 14 -51.69 -18.10 -37.96
N LEU G 15 -52.77 -18.89 -38.05
CA LEU G 15 -52.61 -20.34 -38.21
C LEU G 15 -51.94 -20.72 -39.52
N THR G 16 -51.90 -19.81 -40.50
CA THR G 16 -51.18 -20.06 -41.74
C THR G 16 -49.69 -19.80 -41.63
N ARG G 17 -49.22 -19.35 -40.47
CA ARG G 17 -47.83 -19.01 -40.21
C ARG G 17 -47.17 -20.09 -39.38
N PRO G 18 -45.85 -20.20 -39.44
CA PRO G 18 -45.14 -21.19 -38.62
C PRO G 18 -45.26 -20.88 -37.13
N ALA G 19 -44.66 -21.76 -36.34
CA ALA G 19 -44.75 -21.65 -34.88
C ALA G 19 -44.10 -20.36 -34.38
N THR G 20 -42.99 -19.95 -35.00
CA THR G 20 -42.27 -18.78 -34.53
C THR G 20 -43.13 -17.53 -34.63
N GLU G 21 -43.85 -17.36 -35.76
CA GLU G 21 -44.70 -16.19 -35.92
C GLU G 21 -45.84 -16.16 -34.91
N ARG G 22 -46.46 -17.31 -34.67
CA ARG G 22 -47.56 -17.38 -33.70
C ARG G 22 -47.06 -17.08 -32.29
N LEU G 23 -45.90 -17.64 -31.92
CA LEU G 23 -45.32 -17.36 -30.62
C LEU G 23 -44.98 -15.88 -30.49
N ALA G 24 -44.43 -15.28 -31.55
CA ALA G 24 -44.13 -13.85 -31.51
C ALA G 24 -45.40 -13.01 -31.34
N TYR G 25 -46.46 -13.39 -32.05
CA TYR G 25 -47.73 -12.66 -31.89
C TYR G 25 -48.23 -12.75 -30.47
N PHE G 26 -48.18 -13.94 -29.88
CA PHE G 26 -48.60 -14.08 -28.48
C PHE G 26 -47.72 -13.24 -27.56
N GLU G 27 -46.43 -13.16 -27.86
CA GLU G 27 -45.53 -12.34 -27.06
C GLU G 27 -45.92 -10.87 -27.14
N ASN G 28 -46.23 -10.38 -28.34
CA ASN G 28 -46.57 -8.97 -28.49
C ASN G 28 -47.92 -8.63 -27.89
N TYR G 29 -48.79 -9.62 -27.72
CA TYR G 29 -50.13 -9.36 -27.21
C TYR G 29 -50.06 -8.91 -25.75
N THR G 30 -50.71 -7.79 -25.46
CA THR G 30 -50.73 -7.23 -24.11
C THR G 30 -52.16 -6.83 -23.75
N VAL G 31 -52.49 -6.93 -22.47
CA VAL G 31 -53.81 -6.60 -21.95
C VAL G 31 -53.64 -5.47 -20.94
N ALA G 32 -54.35 -4.37 -21.16
CA ALA G 32 -54.33 -3.23 -20.25
C ALA G 32 -55.40 -3.41 -19.19
N HIS G 33 -55.10 -4.23 -18.19
CA HIS G 33 -56.04 -4.47 -17.10
C HIS G 33 -56.25 -3.19 -16.28
N PRO G 34 -57.34 -3.12 -15.50
CA PRO G 34 -57.62 -1.87 -14.79
C PRO G 34 -56.54 -1.43 -13.80
N ARG G 35 -55.94 -2.35 -13.06
CA ARG G 35 -54.87 -1.97 -12.14
C ARG G 35 -53.67 -1.37 -12.86
N LEU G 36 -53.28 -1.96 -14.00
CA LEU G 36 -52.18 -1.40 -14.76
C LEU G 36 -52.53 -0.02 -15.23
N LYS G 37 -53.76 0.15 -15.71
CA LYS G 37 -54.16 1.44 -16.24
C LYS G 37 -54.15 2.51 -15.16
N GLU G 38 -54.63 2.17 -13.97
CA GLU G 38 -54.63 3.12 -12.88
C GLU G 38 -53.21 3.52 -12.52
N VAL G 39 -52.32 2.54 -12.40
CA VAL G 39 -50.93 2.82 -12.08
C VAL G 39 -50.27 3.61 -13.20
N TYR G 40 -50.57 3.24 -14.44
CA TYR G 40 -49.98 3.92 -15.59
C TYR G 40 -50.41 5.38 -15.64
N GLU G 41 -51.68 5.64 -15.35
CA GLU G 41 -52.15 7.02 -15.34
C GLU G 41 -51.48 7.77 -14.19
N ILE G 42 -51.48 7.17 -13.01
CA ILE G 42 -50.86 7.81 -11.85
C ILE G 42 -49.40 8.14 -12.15
N LEU G 43 -48.67 7.18 -12.71
CA LEU G 43 -47.26 7.39 -13.01
C LEU G 43 -47.07 8.48 -14.06
N MET G 44 -47.90 8.47 -15.11
CA MET G 44 -47.78 9.46 -16.16
C MET G 44 -48.05 10.86 -15.62
N ARG G 45 -49.07 11.01 -14.79
CA ARG G 45 -49.36 12.31 -14.21
C ARG G 45 -48.26 12.74 -13.25
N THR G 46 -47.67 11.78 -12.54
CA THR G 46 -46.56 12.11 -11.64
C THR G 46 -45.35 12.60 -12.42
N ILE G 47 -45.03 11.95 -13.54
CA ILE G 47 -43.95 12.42 -14.39
C ILE G 47 -44.29 13.79 -14.96
N ALA G 48 -45.58 14.03 -15.24
CA ALA G 48 -45.97 15.33 -15.77
C ALA G 48 -45.67 16.48 -14.82
N GLU G 49 -45.49 16.20 -13.53
CA GLU G 49 -45.19 17.24 -12.55
C GLU G 49 -44.39 16.64 -11.42
N PRO G 50 -43.07 16.87 -11.39
CA PRO G 50 -42.26 16.36 -10.28
C PRO G 50 -42.68 16.91 -8.92
N ALA G 51 -43.08 18.19 -8.87
CA ALA G 51 -43.56 18.83 -7.66
C ALA G 51 -42.56 18.71 -6.51
N GLY G 52 -41.30 19.05 -6.82
CA GLY G 52 -40.27 19.07 -5.81
C GLY G 52 -39.95 17.73 -5.18
N ALA G 53 -40.06 16.64 -5.95
CA ALA G 53 -39.72 15.31 -5.47
C ALA G 53 -38.73 14.70 -6.46
N SER G 54 -37.63 14.13 -5.95
CA SER G 54 -36.61 13.60 -6.83
C SER G 54 -36.72 12.10 -7.00
N PHE G 55 -37.36 11.42 -6.05
CA PHE G 55 -37.49 9.96 -6.09
C PHE G 55 -38.92 9.54 -6.36
N ILE G 56 -39.05 8.48 -7.16
CA ILE G 56 -40.32 7.81 -7.38
C ILE G 56 -40.09 6.32 -7.18
N PHE G 57 -40.86 5.73 -6.26
CA PHE G 57 -40.72 4.33 -5.92
C PHE G 57 -41.97 3.58 -6.36
N VAL G 58 -41.83 2.79 -7.43
CA VAL G 58 -42.88 1.90 -7.90
C VAL G 58 -42.44 0.47 -7.61
N TYR G 59 -43.11 -0.13 -6.64
CA TYR G 59 -42.72 -1.47 -6.21
C TYR G 59 -43.83 -2.45 -6.46
N GLY G 60 -43.53 -3.46 -7.25
CA GLY G 60 -44.50 -4.49 -7.53
C GLY G 60 -43.71 -5.77 -7.42
N ALA G 61 -44.40 -6.88 -7.20
CA ALA G 61 -43.73 -8.17 -7.04
C ALA G 61 -43.23 -8.76 -8.34
N SER G 62 -42.77 -10.00 -8.29
CA SER G 62 -42.31 -10.66 -9.52
C SER G 62 -43.47 -10.83 -10.48
N GLY G 63 -43.23 -10.53 -11.76
CA GLY G 63 -44.25 -10.68 -12.76
C GLY G 63 -45.54 -9.90 -12.55
N VAL G 64 -45.41 -8.67 -12.09
CA VAL G 64 -46.60 -7.87 -11.94
C VAL G 64 -46.73 -6.79 -12.96
N GLY G 65 -45.86 -6.71 -13.96
CA GLY G 65 -46.08 -5.69 -14.99
C GLY G 65 -45.14 -4.49 -15.01
N LYS G 66 -44.19 -4.47 -14.11
CA LYS G 66 -43.29 -3.34 -14.05
C LYS G 66 -42.41 -3.12 -15.25
N THR G 67 -41.76 -4.17 -15.71
CA THR G 67 -40.82 -3.95 -16.78
C THR G 67 -41.59 -3.46 -17.97
N THR G 68 -42.74 -4.08 -18.20
CA THR G 68 -43.53 -3.71 -19.35
C THR G 68 -44.02 -2.29 -19.26
N LEU G 69 -44.41 -1.90 -18.07
CA LEU G 69 -44.98 -0.60 -17.92
C LEU G 69 -43.98 0.41 -18.32
N ARG G 70 -42.75 0.16 -17.95
CA ARG G 70 -41.74 1.14 -18.21
C ARG G 70 -41.64 1.40 -19.68
N LEU G 71 -41.63 0.35 -20.45
CA LEU G 71 -41.40 0.58 -21.83
C LEU G 71 -42.60 1.34 -22.27
N ARG G 72 -43.73 0.91 -21.75
CA ARG G 72 -44.97 1.54 -22.17
C ARG G 72 -44.95 3.04 -21.92
N VAL G 73 -44.49 3.46 -20.74
CA VAL G 73 -44.46 4.89 -20.43
C VAL G 73 -43.38 5.59 -21.26
N GLU G 74 -42.23 4.93 -21.46
CA GLU G 74 -41.16 5.53 -22.24
C GLU G 74 -41.62 5.79 -23.68
N GLN G 75 -42.26 4.81 -24.30
CA GLN G 75 -42.70 4.96 -25.68
C GLN G 75 -43.75 6.06 -25.80
N LYS G 76 -44.68 6.12 -24.85
CA LYS G 76 -45.70 7.15 -24.89
C LYS G 76 -45.11 8.54 -24.71
N LEU G 77 -44.14 8.67 -23.78
CA LEU G 77 -43.51 9.97 -23.59
C LEU G 77 -42.72 10.39 -24.83
N THR G 78 -42.05 9.45 -25.47
CA THR G 78 -41.34 9.76 -26.70
C THR G 78 -42.31 10.20 -27.79
N GLU G 79 -43.44 9.50 -27.90
CA GLU G 79 -44.46 9.87 -28.89
C GLU G 79 -44.99 11.27 -28.61
N LEU G 80 -45.24 11.59 -27.35
CA LEU G 80 -45.76 12.91 -26.98
C LEU G 80 -44.74 14.00 -27.30
N ALA G 81 -43.45 13.73 -27.01
CA ALA G 81 -42.44 14.75 -27.19
C ALA G 81 -42.00 14.90 -28.64
N LEU G 82 -42.27 13.89 -29.48
CA LEU G 82 -41.81 13.92 -30.87
C LEU G 82 -42.31 15.14 -31.67
N PRO G 83 -43.58 15.56 -31.60
CA PRO G 83 -43.98 16.77 -32.33
C PRO G 83 -43.18 18.00 -31.94
N LYS G 84 -42.87 18.16 -30.65
CA LYS G 84 -42.01 19.26 -30.22
C LYS G 84 -40.53 18.98 -30.52
N LEU G 85 -40.12 17.72 -30.40
CA LEU G 85 -38.74 17.35 -30.71
C LEU G 85 -38.41 17.50 -32.18
N GLU G 86 -39.41 17.63 -33.05
CA GLU G 86 -39.15 17.91 -34.46
C GLU G 86 -38.37 19.20 -34.64
N SER G 87 -38.61 20.20 -33.79
CA SER G 87 -37.81 21.42 -33.73
C SER G 87 -36.87 21.43 -32.53
N ASP G 88 -37.26 20.82 -31.42
CA ASP G 88 -36.40 20.66 -30.25
C ASP G 88 -35.62 19.36 -30.31
N ARG G 89 -34.77 19.20 -31.33
CA ARG G 89 -34.11 17.92 -31.57
C ARG G 89 -33.07 17.60 -30.51
N ALA G 90 -32.39 18.62 -29.98
CA ALA G 90 -31.32 18.38 -29.01
C ALA G 90 -31.83 17.71 -27.75
N ARG G 91 -33.11 17.87 -27.43
CA ARG G 91 -33.66 17.30 -26.21
C ARG G 91 -33.84 15.80 -26.35
N VAL G 92 -33.86 15.12 -25.20
CA VAL G 92 -34.12 13.68 -25.15
C VAL G 92 -35.44 13.48 -24.40
N PRO G 93 -36.37 12.69 -24.91
CA PRO G 93 -37.65 12.51 -24.22
C PRO G 93 -37.53 11.71 -22.93
N VAL G 94 -36.86 10.55 -23.00
CA VAL G 94 -36.79 9.63 -21.87
C VAL G 94 -35.43 8.96 -21.86
N VAL G 95 -35.03 8.51 -20.67
CA VAL G 95 -33.83 7.72 -20.48
C VAL G 95 -34.13 6.64 -19.45
N GLY G 96 -33.53 5.48 -19.63
CA GLY G 96 -33.77 4.37 -18.73
C GLY G 96 -32.65 3.36 -18.79
N ILE G 97 -32.48 2.59 -17.72
CA ILE G 97 -31.44 1.56 -17.69
C ILE G 97 -31.84 0.34 -16.86
N GLU G 98 -32.27 -0.72 -17.53
CA GLU G 98 -32.66 -1.95 -16.84
C GLU G 98 -31.52 -2.68 -16.11
N ALA G 99 -30.34 -2.75 -16.72
CA ALA G 99 -29.24 -3.50 -16.12
C ALA G 99 -28.43 -2.72 -15.11
N ILE G 100 -29.00 -2.49 -13.93
CA ILE G 100 -28.26 -1.80 -12.87
C ILE G 100 -27.08 -2.62 -12.46
N ALA G 101 -27.27 -3.93 -12.32
CA ALA G 101 -26.14 -4.79 -12.03
C ALA G 101 -26.02 -5.65 -13.26
N PRO G 102 -24.85 -5.58 -13.92
CA PRO G 102 -24.63 -6.44 -15.09
C PRO G 102 -24.28 -7.85 -14.65
N GLU G 103 -25.22 -8.56 -14.05
CA GLU G 103 -24.93 -9.90 -13.53
C GLU G 103 -23.74 -9.91 -12.57
N SER G 104 -23.26 -8.74 -12.17
CA SER G 104 -22.24 -8.67 -11.13
C SER G 104 -22.86 -8.83 -9.76
N ARG G 105 -22.03 -9.19 -8.78
CA ARG G 105 -22.54 -9.47 -7.45
C ARG G 105 -22.95 -8.21 -6.70
N TYR G 106 -22.47 -7.03 -7.13
CA TYR G 106 -22.73 -5.80 -6.41
C TYR G 106 -22.89 -4.65 -7.39
N PHE G 107 -23.59 -3.60 -6.94
CA PHE G 107 -23.84 -2.41 -7.76
C PHE G 107 -22.69 -1.41 -7.68
N ASN G 108 -22.12 -1.07 -8.81
CA ASN G 108 -20.96 -0.18 -8.87
C ASN G 108 -21.39 1.19 -9.36
N TRP G 109 -20.90 2.24 -8.70
CA TRP G 109 -21.28 3.60 -9.07
C TRP G 109 -20.65 4.02 -10.38
N LYS G 110 -19.37 3.67 -10.59
CA LYS G 110 -18.68 4.06 -11.81
C LYS G 110 -19.34 3.44 -13.03
N GLU G 111 -19.65 2.15 -12.97
CA GLU G 111 -20.31 1.49 -14.09
C GLU G 111 -21.71 2.07 -14.31
N TYR G 112 -22.38 2.44 -13.22
CA TYR G 112 -23.70 3.04 -13.33
C TYR G 112 -23.64 4.38 -14.06
N TYR G 113 -22.64 5.19 -13.74
CA TYR G 113 -22.45 6.45 -14.44
C TYR G 113 -22.11 6.21 -15.90
N THR G 114 -21.25 5.22 -16.18
CA THR G 114 -20.90 4.93 -17.56
C THR G 114 -22.13 4.58 -18.38
N ARG G 115 -22.95 3.66 -17.85
CA ARG G 115 -24.13 3.25 -18.59
C ARG G 115 -25.09 4.42 -18.77
N ALA G 116 -25.30 5.18 -17.71
CA ALA G 116 -26.21 6.32 -17.79
C ALA G 116 -25.75 7.30 -18.87
N LEU G 117 -24.45 7.55 -18.94
CA LEU G 117 -23.93 8.48 -19.95
C LEU G 117 -24.07 7.91 -21.35
N ILE G 118 -23.73 6.63 -21.53
CA ILE G 118 -23.76 6.07 -22.88
C ILE G 118 -25.19 5.91 -23.36
N THR G 119 -26.14 5.69 -22.45
CA THR G 119 -27.51 5.44 -22.88
C THR G 119 -28.23 6.75 -23.17
N LEU G 120 -27.59 7.62 -23.95
CA LEU G 120 -28.29 8.72 -24.60
C LEU G 120 -27.69 9.03 -25.97
N GLU G 121 -26.93 8.09 -26.54
CA GLU G 121 -26.18 8.35 -27.76
C GLU G 121 -27.11 8.60 -28.95
N GLU G 122 -26.63 9.44 -29.86
CA GLU G 122 -27.33 9.72 -31.10
C GLU G 122 -26.30 9.85 -32.20
N PRO G 123 -26.68 9.56 -33.45
CA PRO G 123 -25.70 9.69 -34.54
C PRO G 123 -25.17 11.10 -34.70
N LEU G 124 -26.00 12.12 -34.45
CA LEU G 124 -25.58 13.51 -34.53
C LEU G 124 -25.24 14.02 -33.13
N ILE G 125 -24.05 13.64 -32.67
CA ILE G 125 -23.58 14.02 -31.34
C ILE G 125 -23.18 15.48 -31.26
N ASP G 126 -23.20 16.20 -32.38
CA ASP G 126 -22.79 17.60 -32.40
C ASP G 126 -23.72 18.48 -31.57
N HIS G 127 -24.91 17.99 -31.21
CA HIS G 127 -25.81 18.76 -30.37
C HIS G 127 -25.17 19.09 -29.01
N LYS G 128 -24.54 18.11 -28.39
CA LYS G 128 -23.80 18.34 -27.16
C LYS G 128 -22.35 18.72 -27.43
N PHE G 129 -21.65 17.90 -28.21
CA PHE G 129 -20.36 18.22 -28.80
C PHE G 129 -19.23 18.26 -27.77
N ASP G 130 -19.58 18.20 -26.48
CA ASP G 130 -18.58 18.27 -25.42
C ASP G 130 -19.25 17.99 -24.09
N TYR G 131 -18.46 17.46 -23.15
CA TYR G 131 -18.92 17.19 -21.80
C TYR G 131 -17.98 17.71 -20.73
N GLY G 132 -16.77 18.16 -21.09
CA GLY G 132 -15.89 18.83 -20.16
C GLY G 132 -14.78 17.99 -19.57
N VAL G 133 -14.66 16.72 -19.95
CA VAL G 133 -13.64 15.83 -19.42
C VAL G 133 -12.93 15.15 -20.57
N ARG G 134 -11.61 15.01 -20.46
CA ARG G 134 -10.86 14.25 -21.43
C ARG G 134 -11.02 12.75 -21.18
N GLY G 135 -10.84 11.96 -22.24
CA GLY G 135 -10.98 10.53 -22.15
C GLY G 135 -12.39 10.01 -22.32
N ILE G 136 -13.37 10.89 -22.50
CA ILE G 136 -14.76 10.47 -22.68
C ILE G 136 -15.36 10.93 -24.00
N SER G 137 -14.78 11.93 -24.66
CA SER G 137 -15.29 12.37 -25.95
C SER G 137 -15.06 11.29 -26.99
N ARG G 138 -15.94 11.23 -27.99
CA ARG G 138 -15.87 10.24 -29.04
C ARG G 138 -15.50 10.90 -30.35
N ASP G 139 -14.99 10.09 -31.28
CA ASP G 139 -14.52 10.58 -32.58
C ASP G 139 -15.69 10.61 -33.57
N ASN G 140 -16.67 11.45 -33.26
CA ASN G 140 -17.84 11.67 -34.11
C ASN G 140 -18.53 10.35 -34.45
N PHE G 141 -18.66 9.49 -33.46
CA PHE G 141 -19.29 8.18 -33.62
C PHE G 141 -20.48 8.07 -32.68
N GLY G 142 -21.46 7.26 -33.08
CA GLY G 142 -22.57 6.96 -32.19
C GLY G 142 -22.15 6.11 -31.01
N LYS G 143 -21.04 5.38 -31.15
CA LYS G 143 -20.49 4.55 -30.08
C LYS G 143 -19.65 5.43 -29.17
N ILE G 144 -20.33 6.09 -28.23
CA ILE G 144 -19.63 6.93 -27.26
C ILE G 144 -18.74 6.07 -26.38
N ASN G 145 -17.49 6.50 -26.21
CA ASN G 145 -16.49 5.72 -25.50
C ASN G 145 -16.14 6.38 -24.18
N VAL G 146 -15.82 5.55 -23.19
CA VAL G 146 -15.41 6.00 -21.86
C VAL G 146 -14.10 5.31 -21.53
N GLU G 147 -13.06 6.10 -21.29
CA GLU G 147 -11.77 5.56 -20.89
C GLU G 147 -11.88 4.98 -19.48
N SER G 148 -11.33 3.78 -19.29
CA SER G 148 -11.53 3.06 -18.03
C SER G 148 -10.79 3.70 -16.86
N LYS G 149 -9.68 4.41 -17.12
CA LYS G 149 -8.90 5.00 -16.03
C LYS G 149 -9.42 6.36 -15.60
N VAL G 150 -10.48 6.88 -16.22
CA VAL G 150 -11.06 8.14 -15.79
C VAL G 150 -11.74 7.95 -14.44
N VAL G 151 -11.45 8.84 -13.49
CA VAL G 151 -11.93 8.70 -12.13
C VAL G 151 -13.45 8.90 -12.10
N ALA G 152 -14.07 8.33 -11.07
CA ALA G 152 -15.53 8.39 -10.96
C ALA G 152 -16.08 9.80 -10.83
N PRO G 153 -15.55 10.70 -9.98
CA PRO G 153 -16.17 12.03 -9.86
C PRO G 153 -16.20 12.82 -11.16
N ALA G 154 -15.15 12.73 -11.98
CA ALA G 154 -15.15 13.41 -13.26
C ALA G 154 -16.23 12.85 -14.17
N LEU G 155 -16.39 11.52 -14.16
CA LEU G 155 -17.46 10.90 -14.93
C LEU G 155 -18.83 11.35 -14.46
N ARG G 156 -18.99 11.49 -13.14
CA ARG G 156 -20.25 11.98 -12.60
C ARG G 156 -20.52 13.41 -13.06
N ARG G 157 -19.49 14.25 -13.05
CA ARG G 157 -19.65 15.62 -13.53
C ARG G 157 -20.03 15.65 -14.99
N ALA G 158 -19.41 14.78 -15.79
CA ALA G 158 -19.75 14.70 -17.21
C ALA G 158 -21.20 14.26 -17.40
N LEU G 159 -21.64 13.29 -16.59
CA LEU G 159 -23.04 12.85 -16.66
C LEU G 159 -23.98 13.98 -16.30
N GLU G 160 -23.64 14.76 -15.28
CA GLU G 160 -24.46 15.90 -14.89
C GLU G 160 -24.53 16.92 -16.02
N ASN G 161 -23.39 17.22 -16.63
CA ASN G 161 -23.37 18.18 -17.73
C ASN G 161 -24.20 17.69 -18.92
N ALA G 162 -24.12 16.39 -19.23
CA ALA G 162 -24.92 15.85 -20.32
C ALA G 162 -26.41 15.91 -19.97
N LEU G 163 -26.76 15.59 -18.73
CA LEU G 163 -28.17 15.54 -18.35
C LEU G 163 -28.80 16.92 -18.35
N ILE G 164 -28.09 17.92 -17.81
CA ILE G 164 -28.67 19.26 -17.73
C ILE G 164 -28.86 19.88 -19.11
N HIS G 165 -28.17 19.38 -20.13
CA HIS G 165 -28.37 19.88 -21.48
C HIS G 165 -29.40 19.07 -22.24
N ARG G 166 -29.26 17.74 -22.24
CA ARG G 166 -30.21 16.90 -22.96
C ARG G 166 -31.60 16.99 -22.35
N HIS G 167 -31.68 17.22 -21.05
CA HIS G 167 -32.94 17.48 -20.36
C HIS G 167 -33.95 16.33 -20.55
N PRO G 168 -33.70 15.18 -19.93
CA PRO G 168 -34.69 14.10 -19.99
C PRO G 168 -35.85 14.39 -19.04
N ASP G 169 -37.05 14.00 -19.47
CA ASP G 169 -38.23 14.22 -18.64
C ASP G 169 -38.22 13.35 -17.39
N VAL G 170 -37.53 12.21 -17.44
CA VAL G 170 -37.52 11.28 -16.32
C VAL G 170 -36.38 10.30 -16.52
N PHE G 171 -35.74 9.92 -15.42
CA PHE G 171 -34.69 8.90 -15.42
C PHE G 171 -35.29 7.62 -14.85
N PHE G 172 -35.10 6.50 -15.56
CA PHE G 172 -35.64 5.22 -15.15
C PHE G 172 -34.51 4.27 -14.78
N VAL G 173 -34.61 3.69 -13.59
CA VAL G 173 -33.62 2.76 -13.12
C VAL G 173 -34.44 1.50 -12.89
N ASP G 174 -34.57 0.66 -13.91
CA ASP G 174 -35.43 -0.51 -13.73
C ASP G 174 -34.78 -1.54 -12.80
N GLU G 175 -35.58 -2.33 -12.11
CA GLU G 175 -35.06 -3.36 -11.19
C GLU G 175 -34.12 -2.79 -10.14
N ALA G 176 -34.48 -1.67 -9.54
CA ALA G 176 -33.59 -1.00 -8.57
C ALA G 176 -33.31 -1.73 -7.25
N GLN G 177 -33.87 -2.93 -7.04
CA GLN G 177 -33.53 -3.67 -5.84
C GLN G 177 -32.02 -3.85 -5.81
N HIS G 178 -31.40 -4.03 -6.97
CA HIS G 178 -29.95 -4.18 -7.05
C HIS G 178 -29.15 -3.07 -6.36
N PHE G 179 -29.78 -1.94 -6.08
CA PHE G 179 -29.09 -0.88 -5.35
C PHE G 179 -28.67 -1.38 -3.97
N GLY G 180 -29.47 -2.25 -3.37
CA GLY G 180 -29.12 -2.82 -2.09
C GLY G 180 -27.97 -3.79 -2.13
N LYS G 181 -27.53 -4.19 -3.33
CA LYS G 181 -26.39 -5.08 -3.48
C LYS G 181 -25.11 -4.24 -3.37
N VAL G 182 -24.85 -3.80 -2.14
CA VAL G 182 -23.72 -2.92 -1.87
C VAL G 182 -22.48 -3.78 -1.62
N ALA G 183 -21.31 -3.20 -1.90
CA ALA G 183 -20.04 -3.90 -1.72
C ALA G 183 -19.59 -3.85 -0.25
N SER G 184 -20.41 -4.45 0.61
CA SER G 184 -20.18 -4.60 2.04
C SER G 184 -20.09 -3.27 2.78
N GLY G 185 -20.34 -2.14 2.10
CA GLY G 185 -20.26 -0.86 2.77
C GLY G 185 -21.34 -0.67 3.83
N TYR G 186 -22.54 -1.18 3.57
CA TYR G 186 -23.70 -0.97 4.44
C TYR G 186 -23.93 0.52 4.68
N LYS G 187 -23.92 1.28 3.59
CA LYS G 187 -24.15 2.73 3.62
C LYS G 187 -25.39 3.03 2.81
N LEU G 188 -26.46 2.29 3.12
CA LEU G 188 -27.73 2.42 2.39
C LEU G 188 -28.18 3.87 2.35
N GLN G 189 -28.05 4.59 3.47
CA GLN G 189 -28.45 6.00 3.47
C GLN G 189 -27.57 6.81 2.53
N ASP G 190 -26.26 6.56 2.54
CA ASP G 190 -25.36 7.33 1.68
C ASP G 190 -25.62 7.07 0.21
N GLN G 191 -26.04 5.86 -0.14
CA GLN G 191 -26.36 5.57 -1.54
C GLN G 191 -27.54 6.41 -2.02
N LEU G 192 -28.63 6.41 -1.25
CA LEU G 192 -29.77 7.26 -1.60
C LEU G 192 -29.40 8.72 -1.55
N ASP G 193 -28.49 9.11 -0.65
CA ASP G 193 -28.05 10.50 -0.60
C ASP G 193 -27.31 10.89 -1.88
N CYS G 194 -26.46 10.00 -2.38
CA CYS G 194 -25.75 10.27 -3.63
C CYS G 194 -26.74 10.38 -4.79
N LEU G 195 -27.71 9.47 -4.83
CA LEU G 195 -28.72 9.55 -5.89
C LEU G 195 -29.53 10.83 -5.80
N LYS G 196 -29.89 11.24 -4.58
CA LYS G 196 -30.64 12.47 -4.37
C LYS G 196 -29.83 13.68 -4.79
N SER G 197 -28.54 13.69 -4.46
CA SER G 197 -27.68 14.78 -4.89
C SER G 197 -27.61 14.86 -6.40
N LEU G 198 -27.47 13.70 -7.06
CA LEU G 198 -27.46 13.68 -8.51
C LEU G 198 -28.75 14.29 -9.06
N ALA G 199 -29.89 13.84 -8.54
CA ALA G 199 -31.18 14.34 -9.02
C ALA G 199 -31.32 15.84 -8.78
N ASN G 200 -30.92 16.32 -7.61
CA ASN G 200 -31.08 17.73 -7.27
C ASN G 200 -30.18 18.63 -8.09
N MET G 201 -28.88 18.34 -8.17
CA MET G 201 -27.99 19.20 -8.93
C MET G 201 -28.22 19.04 -10.44
N THR G 202 -28.91 17.98 -10.85
CA THR G 202 -29.32 17.88 -12.24
C THR G 202 -30.77 18.29 -12.46
N GLY G 203 -31.59 18.30 -11.41
CA GLY G 203 -32.99 18.65 -11.57
C GLY G 203 -33.82 17.61 -12.29
N ILE G 204 -33.27 16.44 -12.55
CA ILE G 204 -33.96 15.42 -13.34
C ILE G 204 -34.69 14.48 -12.43
N LEU G 205 -35.98 14.27 -12.71
CA LEU G 205 -36.78 13.33 -11.94
C LEU G 205 -36.24 11.92 -12.09
N HIS G 206 -36.15 11.20 -10.97
CA HIS G 206 -35.63 9.84 -10.95
C HIS G 206 -36.71 8.90 -10.43
N CYS G 207 -37.01 7.87 -11.21
CA CYS G 207 -38.02 6.88 -10.86
C CYS G 207 -37.35 5.55 -10.59
N LEU G 208 -37.72 4.91 -9.49
CA LEU G 208 -37.13 3.65 -9.07
C LEU G 208 -38.20 2.57 -9.14
N LEU G 209 -38.00 1.59 -10.01
CA LEU G 209 -38.91 0.46 -10.14
C LEU G 209 -38.21 -0.80 -9.66
N GLY G 210 -38.94 -1.63 -8.92
CA GLY G 210 -38.34 -2.86 -8.41
C GLY G 210 -39.34 -3.66 -7.62
N THR G 211 -38.82 -4.71 -6.98
CA THR G 211 -39.65 -5.59 -6.18
C THR G 211 -39.89 -4.98 -4.80
N TYR G 212 -40.42 -5.81 -3.89
CA TYR G 212 -40.59 -5.39 -2.50
C TYR G 212 -39.29 -5.37 -1.73
N GLU G 213 -38.18 -5.80 -2.34
CA GLU G 213 -36.91 -5.79 -1.64
C GLU G 213 -36.47 -4.37 -1.30
N LEU G 214 -36.68 -3.42 -2.23
CA LEU G 214 -36.23 -2.05 -2.03
C LEU G 214 -37.05 -1.29 -1.01
N LEU G 215 -37.98 -1.94 -0.31
CA LEU G 215 -38.69 -1.27 0.78
C LEU G 215 -37.76 -0.88 1.91
N THR G 216 -36.57 -1.49 1.98
CA THR G 216 -35.55 -1.03 2.91
C THR G 216 -35.13 0.40 2.58
N PHE G 217 -35.21 0.78 1.31
CA PHE G 217 -34.90 2.14 0.88
C PHE G 217 -36.04 3.11 1.11
N ARG G 218 -37.24 2.60 1.41
CA ARG G 218 -38.46 3.39 1.28
C ARG G 218 -38.53 4.55 2.25
N ASN G 219 -38.32 4.32 3.55
CA ASN G 219 -38.55 5.36 4.54
C ASN G 219 -37.38 5.44 5.50
N LEU G 220 -36.16 5.47 4.96
CA LEU G 220 -34.98 5.47 5.82
C LEU G 220 -34.77 6.83 6.46
N SER G 221 -34.95 7.90 5.69
CA SER G 221 -34.70 9.25 6.19
C SER G 221 -35.83 10.17 5.76
N GLY G 222 -36.11 11.17 6.62
CA GLY G 222 -37.18 12.10 6.32
C GLY G 222 -36.90 12.95 5.10
N GLN G 223 -35.64 13.35 4.90
CA GLN G 223 -35.28 14.09 3.70
C GLN G 223 -35.60 13.28 2.44
N LEU G 224 -35.11 12.04 2.39
CA LEU G 224 -35.44 11.16 1.28
C LEU G 224 -36.92 10.82 1.26
N SER G 225 -37.57 10.85 2.43
CA SER G 225 -39.01 10.59 2.49
C SER G 225 -39.77 11.66 1.73
N ARG G 226 -39.40 12.94 1.91
CA ARG G 226 -40.02 14.00 1.13
C ARG G 226 -39.64 13.89 -0.33
N ARG G 227 -38.38 13.55 -0.60
CA ARG G 227 -37.94 13.45 -1.98
C ARG G 227 -38.55 12.25 -2.69
N SER G 228 -39.21 11.35 -1.96
CA SER G 228 -39.75 10.12 -2.51
C SER G 228 -41.25 10.22 -2.75
N VAL G 229 -41.70 9.56 -3.82
CA VAL G 229 -43.13 9.38 -4.09
C VAL G 229 -43.37 7.89 -4.27
N ASP G 230 -44.35 7.36 -3.54
CA ASP G 230 -44.60 5.93 -3.50
C ASP G 230 -45.75 5.56 -4.43
N ILE G 231 -45.54 4.54 -5.26
CA ILE G 231 -46.57 3.98 -6.12
C ILE G 231 -46.55 2.47 -5.89
N HIS G 232 -47.67 1.93 -5.43
CA HIS G 232 -47.78 0.49 -5.17
C HIS G 232 -48.45 -0.16 -6.38
N PHE G 233 -47.67 -0.93 -7.13
CA PHE G 233 -48.19 -1.69 -8.27
C PHE G 233 -48.88 -2.93 -7.72
N ARG G 234 -50.11 -2.74 -7.26
CA ARG G 234 -50.83 -3.80 -6.56
C ARG G 234 -51.14 -4.96 -7.50
N ARG G 235 -50.95 -6.18 -6.99
CA ARG G 235 -51.37 -7.37 -7.72
C ARG G 235 -52.86 -7.63 -7.51
N TYR G 236 -53.38 -8.55 -8.30
CA TYR G 236 -54.75 -9.00 -8.09
C TYR G 236 -54.79 -10.08 -7.02
N CYS G 237 -55.79 -10.01 -6.15
CA CYS G 237 -55.93 -10.95 -5.05
C CYS G 237 -57.34 -11.54 -5.05
N ALA G 238 -57.43 -12.80 -4.62
CA ALA G 238 -58.71 -13.49 -4.61
C ALA G 238 -59.67 -12.96 -3.54
N ASP G 239 -59.20 -12.11 -2.63
CA ASP G 239 -60.06 -11.63 -1.56
C ASP G 239 -61.23 -10.83 -2.09
N SER G 240 -60.99 -9.94 -3.05
CA SER G 240 -62.02 -9.06 -3.59
C SER G 240 -62.66 -9.69 -4.82
N PRO G 241 -64.00 -9.78 -4.87
CA PRO G 241 -64.65 -10.31 -6.07
C PRO G 241 -64.35 -9.51 -7.32
N GLU G 242 -64.12 -8.19 -7.19
CA GLU G 242 -63.76 -7.39 -8.35
C GLU G 242 -62.41 -7.83 -8.93
N ASP G 243 -61.43 -8.08 -8.06
CA ASP G 243 -60.14 -8.57 -8.52
C ASP G 243 -60.28 -9.95 -9.16
N VAL G 244 -61.11 -10.80 -8.58
CA VAL G 244 -61.34 -12.13 -9.16
C VAL G 244 -61.95 -12.00 -10.55
N GLN G 245 -62.92 -11.09 -10.70
CA GLN G 245 -63.55 -10.88 -12.00
C GLN G 245 -62.55 -10.33 -13.01
N ALA G 246 -61.70 -9.41 -12.58
CA ALA G 246 -60.68 -8.88 -13.49
C ALA G 246 -59.70 -9.98 -13.91
N PHE G 247 -59.32 -10.85 -12.96
CA PHE G 247 -58.44 -11.96 -13.29
C PHE G 247 -59.11 -12.91 -14.28
N LYS G 248 -60.40 -13.19 -14.08
CA LYS G 248 -61.13 -14.03 -15.02
C LYS G 248 -61.21 -13.39 -16.39
N SER G 249 -61.41 -12.07 -16.44
CA SER G 249 -61.45 -11.38 -17.72
C SER G 249 -60.11 -11.45 -18.43
N VAL G 250 -59.02 -11.30 -17.68
CA VAL G 250 -57.68 -11.42 -18.27
C VAL G 250 -57.46 -12.83 -18.80
N LEU G 251 -57.89 -13.83 -18.03
CA LEU G 251 -57.76 -15.22 -18.48
C LEU G 251 -58.55 -15.45 -19.75
N LEU G 252 -59.77 -14.90 -19.83
CA LEU G 252 -60.59 -15.07 -21.02
C LEU G 252 -59.97 -14.38 -22.23
N THR G 253 -59.41 -13.18 -22.03
CA THR G 253 -58.74 -12.49 -23.11
C THR G 253 -57.52 -13.25 -23.61
N PHE G 254 -56.71 -13.82 -22.71
CA PHE G 254 -55.59 -14.65 -23.14
C PHE G 254 -56.05 -15.92 -23.85
N GLN G 255 -57.14 -16.53 -23.37
CA GLN G 255 -57.70 -17.69 -24.04
C GLN G 255 -58.17 -17.35 -25.45
N GLN G 256 -58.72 -16.14 -25.63
CA GLN G 256 -59.24 -15.75 -26.94
C GLN G 256 -58.14 -15.47 -27.96
N HIS G 257 -56.92 -15.18 -27.51
CA HIS G 257 -55.89 -14.65 -28.40
C HIS G 257 -54.68 -15.55 -28.59
N LEU G 258 -54.54 -16.65 -27.86
CA LEU G 258 -53.43 -17.54 -28.12
C LEU G 258 -53.68 -18.25 -29.45
N PRO G 259 -52.76 -18.17 -30.41
CA PRO G 259 -53.03 -18.63 -31.79
C PRO G 259 -53.01 -20.15 -31.98
N LEU G 260 -54.10 -20.79 -31.57
CA LEU G 260 -54.32 -22.22 -31.76
C LEU G 260 -55.69 -22.45 -32.39
N ALA G 261 -55.86 -23.63 -32.98
CA ALA G 261 -57.14 -23.97 -33.59
C ALA G 261 -58.26 -24.01 -32.57
N GLU G 262 -58.02 -24.58 -31.40
CA GLU G 262 -59.00 -24.60 -30.33
C GLU G 262 -58.30 -24.34 -29.00
N THR G 263 -59.07 -23.78 -28.05
CA THR G 263 -58.54 -23.46 -26.73
C THR G 263 -59.45 -24.04 -25.67
N PRO G 264 -58.89 -24.51 -24.56
CA PRO G 264 -59.72 -25.08 -23.49
C PRO G 264 -60.40 -24.00 -22.68
N ASN G 265 -61.35 -24.44 -21.86
CA ASN G 265 -62.07 -23.53 -20.95
C ASN G 265 -61.22 -23.29 -19.69
N LEU G 266 -60.06 -22.67 -19.93
CA LEU G 266 -59.13 -22.37 -18.84
C LEU G 266 -59.68 -21.33 -17.87
N VAL G 267 -60.76 -20.63 -18.24
CA VAL G 267 -61.34 -19.63 -17.35
C VAL G 267 -61.85 -20.28 -16.07
N ASP G 268 -62.52 -21.42 -16.18
CA ASP G 268 -63.05 -22.11 -15.02
C ASP G 268 -61.96 -22.70 -14.13
N HIS G 269 -60.71 -22.75 -14.60
CA HIS G 269 -59.58 -23.16 -13.78
C HIS G 269 -58.94 -21.98 -13.06
N TRP G 270 -59.70 -20.91 -12.83
CA TRP G 270 -59.14 -19.69 -12.26
C TRP G 270 -58.57 -19.94 -10.87
N GLU G 271 -59.09 -20.92 -10.14
CA GLU G 271 -58.55 -21.23 -8.82
C GLU G 271 -57.13 -21.73 -8.91
N TYR G 272 -56.88 -22.70 -9.79
CA TYR G 272 -55.53 -23.20 -10.00
C TYR G 272 -54.62 -22.13 -10.56
N PHE G 273 -55.15 -21.30 -11.46
CA PHE G 273 -54.35 -20.22 -12.03
C PHE G 273 -53.91 -19.23 -10.95
N TYR G 274 -54.84 -18.85 -10.06
CA TYR G 274 -54.49 -17.94 -8.97
C TYR G 274 -53.49 -18.59 -8.02
N GLU G 275 -53.68 -19.88 -7.73
CA GLU G 275 -52.75 -20.58 -6.85
C GLU G 275 -51.35 -20.64 -7.45
N ARG G 276 -51.26 -20.79 -8.77
CA ARG G 276 -49.98 -20.92 -9.45
C ARG G 276 -49.51 -19.62 -10.10
N THR G 277 -50.18 -18.50 -9.81
CA THR G 277 -49.69 -17.18 -10.25
C THR G 277 -49.75 -16.12 -9.17
N LEU G 278 -50.50 -16.31 -8.08
CA LEU G 278 -50.67 -15.31 -7.03
C LEU G 278 -51.23 -13.99 -7.55
N GLY G 279 -51.95 -14.08 -8.67
CA GLY G 279 -52.55 -12.90 -9.23
C GLY G 279 -51.62 -11.92 -9.89
N CYS G 280 -50.58 -12.44 -10.54
CA CYS G 280 -49.70 -11.55 -11.25
C CYS G 280 -49.94 -11.77 -12.71
N ILE G 281 -50.31 -10.73 -13.41
CA ILE G 281 -50.63 -10.86 -14.83
C ILE G 281 -49.38 -11.31 -15.53
N GLY G 282 -48.27 -10.76 -15.11
CA GLY G 282 -47.04 -11.15 -15.74
C GLY G 282 -46.74 -12.60 -15.53
N THR G 283 -46.96 -13.10 -14.33
CA THR G 283 -46.60 -14.48 -14.05
C THR G 283 -47.43 -15.33 -14.97
N LEU G 284 -48.70 -14.98 -15.06
CA LEU G 284 -49.60 -15.73 -15.92
C LEU G 284 -49.09 -15.70 -17.32
N LYS G 285 -48.79 -14.51 -17.83
CA LYS G 285 -48.40 -14.42 -19.22
C LYS G 285 -47.20 -15.28 -19.52
N ASP G 286 -46.21 -15.31 -18.62
CA ASP G 286 -45.04 -16.16 -18.81
C ASP G 286 -45.44 -17.63 -18.82
N TRP G 287 -46.35 -18.02 -17.93
CA TRP G 287 -46.79 -19.41 -17.88
C TRP G 287 -47.49 -19.82 -19.16
N LEU G 288 -48.41 -18.97 -19.65
CA LEU G 288 -49.05 -19.27 -20.94
C LEU G 288 -48.07 -19.22 -22.10
N LYS G 289 -47.04 -18.39 -22.01
CA LYS G 289 -46.02 -18.39 -23.06
C LYS G 289 -45.27 -19.72 -23.09
N ARG G 290 -44.93 -20.25 -21.90
CA ARG G 290 -44.30 -21.55 -21.84
C ARG G 290 -45.22 -22.64 -22.40
N VAL G 291 -46.50 -22.57 -22.04
CA VAL G 291 -47.46 -23.57 -22.51
C VAL G 291 -47.59 -23.52 -24.03
N LEU G 292 -47.68 -22.31 -24.58
CA LEU G 292 -47.78 -22.16 -26.03
C LEU G 292 -46.51 -22.61 -26.72
N SER G 293 -45.35 -22.35 -26.12
CA SER G 293 -44.10 -22.84 -26.69
C SER G 293 -44.09 -24.36 -26.76
N ASP G 294 -44.54 -25.02 -25.69
CA ASP G 294 -44.63 -26.47 -25.71
C ASP G 294 -45.60 -26.96 -26.77
N ALA G 295 -46.77 -26.31 -26.88
CA ALA G 295 -47.77 -26.73 -27.86
C ALA G 295 -47.25 -26.57 -29.27
N LEU G 296 -46.58 -25.45 -29.56
CA LEU G 296 -46.03 -25.23 -30.90
C LEU G 296 -44.88 -26.18 -31.18
N ASP G 297 -44.10 -26.54 -30.15
CA ASP G 297 -43.14 -27.62 -30.30
C ASP G 297 -43.80 -28.94 -30.65
N ARG G 298 -45.00 -29.19 -30.15
CA ARG G 298 -45.82 -30.31 -30.61
C ARG G 298 -46.61 -29.99 -31.86
N GLU G 299 -46.65 -28.71 -32.27
CA GLU G 299 -47.52 -28.25 -33.34
C GLU G 299 -48.98 -28.64 -33.08
N ALA G 300 -49.37 -28.62 -31.80
CA ALA G 300 -50.68 -29.06 -31.41
C ALA G 300 -51.74 -28.00 -31.73
N THR G 301 -52.97 -28.46 -31.94
CA THR G 301 -54.09 -27.56 -32.19
C THR G 301 -54.87 -27.27 -30.91
N THR G 302 -54.45 -27.80 -29.77
CA THR G 302 -55.20 -27.67 -28.54
C THR G 302 -54.25 -27.55 -27.35
N ILE G 303 -54.80 -27.05 -26.25
CA ILE G 303 -54.10 -26.99 -24.97
C ILE G 303 -54.82 -27.92 -24.00
N THR G 304 -54.07 -28.84 -23.40
CA THR G 304 -54.63 -29.74 -22.42
C THR G 304 -54.40 -29.21 -21.01
N LEU G 305 -55.11 -29.81 -20.05
CA LEU G 305 -54.85 -29.49 -18.65
C LEU G 305 -53.45 -29.91 -18.26
N LYS G 306 -52.96 -31.02 -18.83
CA LYS G 306 -51.57 -31.42 -18.61
C LYS G 306 -50.61 -30.38 -19.18
N ASP G 307 -50.97 -29.74 -20.30
CA ASP G 307 -50.13 -28.67 -20.83
C ASP G 307 -50.00 -27.53 -19.83
N LEU G 308 -51.09 -27.19 -19.14
CA LEU G 308 -51.03 -26.15 -18.12
C LEU G 308 -50.21 -26.60 -16.92
N GLN G 309 -50.45 -27.82 -16.44
CA GLN G 309 -49.80 -28.29 -15.22
C GLN G 309 -48.34 -28.65 -15.43
N LYS G 310 -47.89 -28.83 -16.68
CA LYS G 310 -46.52 -29.22 -16.94
C LYS G 310 -45.54 -28.11 -16.55
N ARG G 311 -45.84 -26.87 -16.91
CA ARG G 311 -44.91 -25.78 -16.64
C ARG G 311 -45.51 -24.72 -15.74
N ALA G 312 -46.33 -25.11 -14.76
CA ALA G 312 -46.85 -24.18 -13.78
C ALA G 312 -45.77 -23.88 -12.73
N LEU G 313 -46.09 -22.93 -11.84
CA LEU G 313 -45.16 -22.61 -10.77
C LEU G 313 -45.06 -23.77 -9.79
N SER G 314 -43.84 -24.02 -9.32
CA SER G 314 -43.62 -25.07 -8.33
C SER G 314 -44.29 -24.68 -7.02
N VAL G 315 -44.65 -25.69 -6.22
CA VAL G 315 -45.34 -25.45 -4.96
C VAL G 315 -44.46 -24.66 -4.00
N ALA G 316 -43.16 -24.96 -3.97
CA ALA G 316 -42.27 -24.23 -3.07
C ALA G 316 -42.16 -22.76 -3.46
N GLN G 317 -42.08 -22.47 -4.76
CA GLN G 317 -42.03 -21.08 -5.21
C GLN G 317 -43.29 -20.34 -4.80
N CYS G 318 -44.46 -20.96 -5.00
CA CYS G 318 -45.71 -20.33 -4.60
C CYS G 318 -45.74 -20.08 -3.10
N GLN G 319 -45.32 -21.07 -2.31
CA GLN G 319 -45.34 -20.92 -0.87
C GLN G 319 -44.44 -19.79 -0.40
N LYS G 320 -43.24 -19.69 -0.99
CA LYS G 320 -42.31 -18.63 -0.59
C LYS G 320 -42.82 -17.26 -1.01
N MET G 321 -43.23 -17.13 -2.27
CA MET G 321 -43.67 -15.82 -2.77
C MET G 321 -44.95 -15.37 -2.11
N PHE G 322 -45.81 -16.31 -1.70
CA PHE G 322 -47.05 -15.93 -1.02
C PHE G 322 -46.74 -15.17 0.27
N LYS G 323 -45.91 -15.74 1.14
CA LYS G 323 -45.58 -15.07 2.39
C LYS G 323 -44.75 -13.82 2.14
N GLU G 324 -43.86 -13.84 1.14
CA GLU G 324 -43.06 -12.66 0.86
C GLU G 324 -43.94 -11.47 0.44
N ILE G 325 -44.85 -11.71 -0.50
CA ILE G 325 -45.74 -10.63 -0.96
C ILE G 325 -46.69 -10.22 0.15
N GLN G 326 -47.13 -11.17 0.98
CA GLN G 326 -47.98 -10.81 2.11
C GLN G 326 -47.26 -9.88 3.07
N GLU G 327 -46.00 -10.18 3.37
CA GLU G 327 -45.22 -9.29 4.24
C GLU G 327 -45.03 -7.93 3.60
N GLY G 328 -44.75 -7.90 2.29
CA GLY G 328 -44.60 -6.62 1.61
C GLY G 328 -45.87 -5.78 1.67
N GLU G 329 -47.02 -6.40 1.39
CA GLU G 329 -48.29 -5.69 1.44
C GLU G 329 -48.62 -5.23 2.86
N ARG G 330 -48.31 -6.06 3.86
CA ARG G 330 -48.55 -5.69 5.24
C ARG G 330 -47.70 -4.48 5.61
N GLN G 331 -46.45 -4.45 5.16
CA GLN G 331 -45.61 -3.28 5.41
C GLN G 331 -46.16 -2.05 4.69
N LEU G 332 -46.66 -2.21 3.48
CA LEU G 332 -47.22 -1.08 2.75
C LEU G 332 -48.65 -0.75 3.18
N SER G 333 -49.27 -1.60 4.00
CA SER G 333 -50.63 -1.35 4.44
C SER G 333 -50.70 -0.12 5.33
N GLU G 334 -51.84 0.56 5.31
CA GLU G 334 -52.08 1.73 6.14
C GLU G 334 -53.43 1.58 6.83
N THR G 335 -53.51 2.16 8.04
CA THR G 335 -54.72 2.12 8.84
C THR G 335 -55.05 3.51 9.36
N GLU G 336 -56.32 3.72 9.72
CA GLU G 336 -56.73 4.97 10.32
C GLU G 336 -56.04 5.20 11.66
N ALA G 337 -55.70 4.11 12.35
CA ALA G 337 -55.03 4.23 13.65
C ALA G 337 -53.72 4.99 13.53
N ASP G 338 -52.99 4.78 12.43
CA ASP G 338 -51.75 5.54 12.23
C ASP G 338 -52.02 7.02 12.06
N VAL G 339 -53.09 7.38 11.36
CA VAL G 339 -53.45 8.78 11.18
C VAL G 339 -53.79 9.40 12.53
N GLN G 340 -54.58 8.69 13.34
CA GLN G 340 -54.89 9.21 14.67
C GLN G 340 -53.64 9.28 15.53
N ASN G 341 -52.71 8.35 15.34
CA ASN G 341 -51.46 8.38 16.10
C ASN G 341 -50.68 9.65 15.79
N LEU G 342 -50.50 9.95 14.50
CA LEU G 342 -49.74 11.15 14.16
C LEU G 342 -50.51 12.42 14.54
N ARG G 343 -51.84 12.40 14.47
CA ARG G 343 -52.61 13.56 14.90
C ARG G 343 -52.44 13.81 16.39
N SER G 344 -52.47 12.75 17.19
CA SER G 344 -52.26 12.89 18.62
C SER G 344 -50.84 13.36 18.91
N ALA G 345 -49.86 12.84 18.16
CA ALA G 345 -48.48 13.29 18.33
C ALA G 345 -48.33 14.76 18.02
N LEU G 346 -48.99 15.22 16.95
CA LEU G 346 -48.95 16.64 16.61
C LEU G 346 -49.85 17.48 17.53
N GLY G 347 -50.99 16.93 17.93
CA GLY G 347 -51.90 17.67 18.80
C GLY G 347 -53.30 17.75 18.23
N LEU G 348 -54.27 18.03 19.11
CA LEU G 348 -55.68 18.13 18.74
C LEU G 348 -56.18 16.85 18.07
N GLY G 349 -55.91 15.71 18.72
CA GLY G 349 -56.40 14.45 18.21
C GLY G 349 -57.90 14.34 18.36
N ALA G 350 -58.52 13.64 17.40
CA ALA G 350 -59.97 13.47 17.40
C ALA G 350 -60.36 12.07 16.94
#